data_2FWR
#
_entry.id   2FWR
#
_cell.length_a   49.085
_cell.length_b   97.963
_cell.length_c   113.731
_cell.angle_alpha   79.03
_cell.angle_beta   85.54
_cell.angle_gamma   89.69
#
_symmetry.space_group_name_H-M   'P 1'
#
loop_
_entity.id
_entity.type
_entity.pdbx_description
1 polymer 'DNA repair protein RAD25'
2 non-polymer 'PHOSPHATE ION'
3 non-polymer 'ISOPROPYL ALCOHOL'
4 water water
#
_entity_poly.entity_id   1
_entity_poly.type   'polypeptide(L)'
_entity_poly.pdbx_seq_one_letter_code
;MGSSHHHHHHSSGLVPRGSHMQMIAEIYYERGTIVVKGDAHVPHAKFDSRSGTYRALAFRYRDIIEYFESNGIEFVDNAA
DPIPTPYFDAEISLRDYQEKALERWLVDKRGCIVLPTGSGKTHVAMAAINELSTPTLIVVPTLALAEQWKERLGIFGEEY
VGEFSGRIKELKPLTVSTYDSAYVNAEKLGNRFMLLIFDEVHHLPAESYVQIAQMSIAPFRLGLTATFEREDGRHEILKE
VVGGKVFELFPDSLAGKHLAKYTIKRIFVPLAEDERVEYEKREKVYKQFLRARGITLRRAEDFNKIVMASGYDERAYEAL
RAWEEARRIAFNSKNKIRKLREILERHRKDKIIIFTRHNELVYRISKVFLIPAITHRTSREEREEILEGFRTGRFRAIVS
SQVLDEGIDVPDANVGVIMSGSGSAREYIQRLGRILRPSKGKKEAVLYELISRGTGEVNTARRRKNAAKGAA
;
_entity_poly.pdbx_strand_id   A,B,C,D
#
# COMPACT_ATOMS: atom_id res chain seq x y z
N MET A 23 -4.78 6.58 44.96
CA MET A 23 -5.25 5.89 43.71
C MET A 23 -5.97 6.84 42.76
N ILE A 24 -5.31 7.15 41.64
CA ILE A 24 -5.86 8.05 40.63
C ILE A 24 -7.03 7.39 39.87
N ALA A 25 -7.82 8.20 39.19
CA ALA A 25 -8.95 7.69 38.42
C ALA A 25 -8.43 7.08 37.14
N GLU A 26 -9.15 6.11 36.60
CA GLU A 26 -8.77 5.44 35.36
C GLU A 26 -9.98 4.84 34.66
N ILE A 27 -10.02 5.00 33.34
CA ILE A 27 -11.08 4.40 32.54
C ILE A 27 -10.44 3.59 31.43
N TYR A 28 -11.12 2.52 31.06
CA TYR A 28 -10.62 1.73 29.98
C TYR A 28 -11.82 1.06 29.34
N TYR A 29 -11.65 0.68 28.08
CA TYR A 29 -12.71 0.08 27.30
C TYR A 29 -12.61 -1.41 27.41
N GLU A 30 -13.75 -2.00 27.71
CA GLU A 30 -13.85 -3.43 27.86
C GLU A 30 -15.11 -3.96 27.17
N ARG A 31 -14.98 -4.53 25.97
CA ARG A 31 -16.15 -5.12 25.33
C ARG A 31 -17.40 -4.26 25.28
N GLY A 32 -17.36 -3.09 24.65
CA GLY A 32 -18.56 -2.26 24.56
C GLY A 32 -19.03 -1.45 25.76
N THR A 33 -18.19 -1.40 26.81
CA THR A 33 -18.45 -0.65 28.04
C THR A 33 -17.19 0.09 28.48
N ILE A 34 -17.37 1.07 29.32
CA ILE A 34 -16.26 1.84 29.84
C ILE A 34 -16.07 1.37 31.26
N VAL A 35 -15.00 0.65 31.55
CA VAL A 35 -14.83 0.21 32.93
C VAL A 35 -14.23 1.38 33.66
N VAL A 36 -14.67 1.58 34.89
CA VAL A 36 -14.19 2.72 35.69
C VAL A 36 -13.56 2.39 37.04
N LYS A 37 -12.39 2.97 37.29
CA LYS A 37 -11.67 2.76 38.54
C LYS A 37 -11.40 4.06 39.34
N GLY A 38 -11.42 3.96 40.66
CA GLY A 38 -11.15 5.12 41.48
C GLY A 38 -12.27 6.14 41.60
N ASP A 39 -13.50 5.74 41.28
CA ASP A 39 -14.63 6.67 41.43
C ASP A 39 -15.95 5.92 41.38
N ALA A 40 -16.69 6.03 42.49
CA ALA A 40 -17.98 5.41 42.69
C ALA A 40 -19.12 6.43 42.52
N HIS A 41 -18.77 7.61 42.00
CA HIS A 41 -19.75 8.66 41.83
C HIS A 41 -19.84 9.17 40.41
N VAL A 42 -19.03 8.63 39.53
CA VAL A 42 -19.06 9.04 38.13
C VAL A 42 -20.49 8.81 37.65
N PRO A 43 -20.93 9.59 36.63
CA PRO A 43 -22.28 9.48 36.08
C PRO A 43 -22.46 8.28 35.16
N HIS A 44 -23.65 7.71 35.17
CA HIS A 44 -23.99 6.56 34.33
C HIS A 44 -23.25 5.29 34.72
N ALA A 45 -22.16 5.41 35.47
CA ALA A 45 -21.41 4.24 35.86
C ALA A 45 -22.06 3.49 36.99
N LYS A 46 -22.47 2.26 36.70
CA LYS A 46 -23.10 1.40 37.69
C LYS A 46 -22.19 0.20 38.01
N PHE A 47 -22.22 -0.22 39.29
CA PHE A 47 -21.40 -1.31 39.82
C PHE A 47 -21.57 -2.73 39.23
N ASP A 48 -20.44 -3.32 38.85
CA ASP A 48 -20.43 -4.66 38.32
C ASP A 48 -20.16 -5.53 39.56
N SER A 49 -21.21 -6.18 40.06
CA SER A 49 -21.09 -7.01 41.25
C SER A 49 -20.17 -8.17 40.96
N ARG A 50 -20.21 -8.62 39.71
CA ARG A 50 -19.41 -9.73 39.27
C ARG A 50 -17.91 -9.43 39.18
N SER A 51 -17.54 -8.18 38.96
CA SER A 51 -16.12 -7.86 38.84
C SER A 51 -15.67 -6.66 39.64
N GLY A 52 -16.44 -6.28 40.65
CA GLY A 52 -16.08 -5.15 41.50
C GLY A 52 -15.68 -3.85 40.84
N THR A 53 -16.21 -3.58 39.65
CA THR A 53 -15.88 -2.35 38.97
C THR A 53 -17.09 -1.63 38.52
N TYR A 54 -16.98 -0.33 38.39
CA TYR A 54 -18.08 0.46 37.92
C TYR A 54 -17.98 0.36 36.42
N ARG A 55 -19.13 0.23 35.77
CA ARG A 55 -19.16 0.05 34.35
C ARG A 55 -20.28 0.86 33.70
N ALA A 56 -20.03 1.33 32.47
CA ALA A 56 -21.00 2.11 31.70
C ALA A 56 -20.88 1.75 30.23
N LEU A 57 -22.01 1.69 29.51
CA LEU A 57 -21.96 1.41 28.08
C LEU A 57 -20.99 2.43 27.49
N ALA A 58 -20.29 2.04 26.42
CA ALA A 58 -19.28 2.90 25.83
C ALA A 58 -19.75 4.26 25.31
N PHE A 59 -20.98 4.36 24.83
CA PHE A 59 -21.39 5.65 24.30
C PHE A 59 -21.45 6.75 25.33
N ARG A 60 -21.29 6.41 26.60
CA ARG A 60 -21.32 7.40 27.68
C ARG A 60 -19.92 7.93 27.98
N TYR A 61 -18.98 7.58 27.12
CA TYR A 61 -17.59 7.97 27.25
C TYR A 61 -17.42 9.47 27.25
N ARG A 62 -18.07 10.12 26.29
CA ARG A 62 -18.01 11.56 26.15
C ARG A 62 -18.38 12.23 27.47
N ASP A 63 -19.59 11.95 27.96
CA ASP A 63 -20.06 12.54 29.20
C ASP A 63 -19.05 12.31 30.33
N ILE A 64 -18.65 11.06 30.51
CA ILE A 64 -17.67 10.67 31.50
C ILE A 64 -16.47 11.56 31.38
N ILE A 65 -15.93 11.67 30.17
CA ILE A 65 -14.79 12.54 29.96
C ILE A 65 -15.18 13.93 30.45
N GLU A 66 -16.25 14.47 29.85
CA GLU A 66 -16.73 15.79 30.18
C GLU A 66 -16.98 16.00 31.68
N TYR A 67 -17.23 14.92 32.40
CA TYR A 67 -17.45 14.97 33.84
C TYR A 67 -16.12 15.19 34.54
N PHE A 68 -15.15 14.31 34.31
CA PHE A 68 -13.85 14.49 34.94
C PHE A 68 -13.33 15.88 34.68
N GLU A 69 -13.53 16.35 33.45
CA GLU A 69 -13.09 17.66 33.01
C GLU A 69 -13.71 18.81 33.80
N SER A 70 -14.99 19.08 33.56
CA SER A 70 -15.70 20.16 34.25
C SER A 70 -15.47 20.20 35.77
N ASN A 71 -15.27 19.03 36.37
CA ASN A 71 -15.04 18.91 37.80
C ASN A 71 -13.55 18.79 38.08
N GLY A 72 -12.73 19.24 37.14
CA GLY A 72 -11.29 19.19 37.32
C GLY A 72 -10.79 17.96 38.05
N ILE A 73 -11.25 16.79 37.60
CA ILE A 73 -10.86 15.51 38.18
C ILE A 73 -9.74 14.87 37.37
N GLU A 74 -8.77 14.26 38.03
CA GLU A 74 -7.65 13.62 37.34
C GLU A 74 -7.90 12.15 37.01
N PHE A 75 -7.75 11.80 35.74
CA PHE A 75 -7.99 10.43 35.31
C PHE A 75 -7.02 10.00 34.20
N VAL A 76 -6.96 8.68 33.98
CA VAL A 76 -6.13 8.09 32.95
C VAL A 76 -7.10 7.53 31.93
N ASP A 77 -6.93 7.89 30.68
CA ASP A 77 -7.84 7.40 29.66
C ASP A 77 -7.23 6.22 28.93
N ASN A 78 -7.53 5.00 29.39
CA ASN A 78 -7.04 3.79 28.76
C ASN A 78 -8.16 3.11 27.97
N ALA A 79 -9.20 3.88 27.66
CA ALA A 79 -10.37 3.40 26.93
C ALA A 79 -10.28 3.62 25.45
N ALA A 80 -10.05 4.86 25.08
CA ALA A 80 -9.96 5.24 23.68
C ALA A 80 -8.69 4.71 23.03
N ASP A 81 -8.82 4.14 21.83
CA ASP A 81 -7.70 3.65 21.03
C ASP A 81 -7.98 4.07 19.60
N PRO A 82 -7.79 5.37 19.30
CA PRO A 82 -8.01 5.95 17.98
C PRO A 82 -7.09 5.50 16.87
N ILE A 83 -7.66 5.14 15.73
CA ILE A 83 -6.85 4.75 14.59
C ILE A 83 -6.20 6.09 14.28
N PRO A 84 -4.86 6.14 14.20
CA PRO A 84 -4.26 7.44 13.91
C PRO A 84 -4.72 8.06 12.57
N THR A 85 -5.15 9.32 12.62
CA THR A 85 -5.68 10.01 11.45
C THR A 85 -5.01 11.32 11.06
N PRO A 86 -4.73 11.51 9.75
CA PRO A 86 -4.08 12.75 9.34
C PRO A 86 -5.06 13.89 9.42
N TYR A 87 -4.61 15.04 8.94
CA TYR A 87 -5.42 16.23 8.90
C TYR A 87 -5.91 16.32 7.48
N PHE A 88 -7.19 16.02 7.29
CA PHE A 88 -7.78 16.04 5.97
C PHE A 88 -7.88 17.43 5.37
N ASP A 89 -7.77 17.51 4.05
CA ASP A 89 -7.98 18.77 3.37
C ASP A 89 -8.35 18.50 1.94
N ALA A 90 -9.56 17.99 1.79
CA ALA A 90 -10.10 17.75 0.47
C ALA A 90 -10.83 19.09 0.31
N GLU A 91 -11.57 19.27 -0.77
CA GLU A 91 -12.29 20.51 -0.95
C GLU A 91 -13.72 20.14 -1.29
N ILE A 92 -14.61 20.35 -0.33
CA ILE A 92 -16.02 19.99 -0.49
C ILE A 92 -16.96 21.18 -0.69
N SER A 93 -17.57 21.23 -1.87
CA SER A 93 -18.50 22.32 -2.19
C SER A 93 -19.84 22.03 -1.55
N LEU A 94 -20.39 23.05 -0.89
CA LEU A 94 -21.67 22.93 -0.20
C LEU A 94 -22.67 24.04 -0.52
N ARG A 95 -23.84 23.67 -1.01
CA ARG A 95 -24.88 24.64 -1.29
C ARG A 95 -25.22 25.30 0.06
N ASP A 96 -26.05 26.33 0.07
CA ASP A 96 -26.39 27.08 1.29
C ASP A 96 -27.10 26.38 2.43
N TYR A 97 -28.09 25.58 2.09
CA TYR A 97 -28.86 24.86 3.08
C TYR A 97 -28.00 23.77 3.71
N GLN A 98 -27.03 23.29 2.94
CA GLN A 98 -26.14 22.24 3.40
C GLN A 98 -25.08 22.84 4.33
N GLU A 99 -24.85 24.14 4.20
CA GLU A 99 -23.89 24.77 5.07
C GLU A 99 -24.61 25.05 6.39
N LYS A 100 -25.91 25.31 6.32
CA LYS A 100 -26.72 25.60 7.50
C LYS A 100 -26.85 24.32 8.35
N ALA A 101 -27.21 23.22 7.69
CA ALA A 101 -27.34 21.93 8.37
C ALA A 101 -26.03 21.60 9.04
N LEU A 102 -24.95 21.68 8.28
CA LEU A 102 -23.63 21.41 8.80
C LEU A 102 -23.36 22.22 10.04
N GLU A 103 -23.37 23.54 9.94
CA GLU A 103 -23.10 24.37 11.13
C GLU A 103 -24.02 24.01 12.30
N ARG A 104 -25.28 23.71 11.99
CA ARG A 104 -26.25 23.33 13.02
C ARG A 104 -25.72 22.09 13.76
N TRP A 105 -25.22 21.12 12.99
CA TRP A 105 -24.67 19.89 13.54
C TRP A 105 -23.42 20.19 14.35
N LEU A 106 -22.63 21.15 13.88
CA LEU A 106 -21.41 21.52 14.59
C LEU A 106 -21.62 22.02 16.01
N VAL A 107 -22.85 22.26 16.43
CA VAL A 107 -23.01 22.76 17.78
C VAL A 107 -22.65 21.70 18.79
N ASP A 108 -23.20 20.50 18.65
CA ASP A 108 -22.86 19.41 19.58
C ASP A 108 -22.12 18.25 18.90
N LYS A 109 -22.06 18.25 17.56
CA LYS A 109 -21.41 17.20 16.79
C LYS A 109 -22.03 15.90 17.27
N ARG A 110 -23.35 15.90 17.37
CA ARG A 110 -24.02 14.71 17.87
C ARG A 110 -25.50 14.83 17.56
N GLY A 111 -25.90 14.51 16.34
CA GLY A 111 -27.30 14.59 16.00
C GLY A 111 -27.65 14.01 14.65
N CYS A 112 -28.91 14.14 14.25
CA CYS A 112 -29.38 13.63 12.96
C CYS A 112 -29.78 14.73 12.00
N ILE A 113 -29.49 14.51 10.72
CA ILE A 113 -29.80 15.47 9.70
C ILE A 113 -30.85 14.92 8.74
N VAL A 114 -32.01 15.57 8.65
CA VAL A 114 -33.04 15.05 7.75
C VAL A 114 -33.19 15.87 6.47
N LEU A 115 -33.12 15.18 5.33
CA LEU A 115 -33.21 15.79 4.01
C LEU A 115 -33.69 14.83 2.94
N PRO A 116 -34.44 15.33 1.94
CA PRO A 116 -34.93 14.47 0.86
C PRO A 116 -33.74 13.87 0.13
N THR A 117 -33.98 12.81 -0.64
CA THR A 117 -32.93 12.18 -1.42
C THR A 117 -32.46 13.24 -2.42
N GLY A 118 -31.20 13.14 -2.86
CA GLY A 118 -30.70 14.15 -3.79
C GLY A 118 -30.39 15.50 -3.13
N SER A 119 -30.76 15.65 -1.86
CA SER A 119 -30.50 16.89 -1.12
C SER A 119 -29.02 17.06 -0.86
N GLY A 120 -28.27 15.97 -0.97
CA GLY A 120 -26.83 16.01 -0.75
C GLY A 120 -26.37 15.83 0.67
N LYS A 121 -27.00 14.91 1.40
CA LYS A 121 -26.58 14.69 2.78
C LYS A 121 -25.12 14.28 2.81
N THR A 122 -24.75 13.40 1.89
CA THR A 122 -23.38 12.94 1.82
C THR A 122 -22.33 14.05 1.78
N HIS A 123 -22.71 15.22 1.26
CA HIS A 123 -21.76 16.33 1.19
C HIS A 123 -21.58 16.91 2.57
N VAL A 124 -22.67 16.95 3.32
CA VAL A 124 -22.58 17.46 4.67
C VAL A 124 -21.69 16.47 5.44
N ALA A 125 -21.87 15.17 5.20
CA ALA A 125 -21.08 14.15 5.89
C ALA A 125 -19.61 14.32 5.58
N MET A 126 -19.30 14.43 4.30
CA MET A 126 -17.93 14.64 3.88
C MET A 126 -17.37 15.85 4.57
N ALA A 127 -18.19 16.91 4.65
CA ALA A 127 -17.75 18.16 5.29
C ALA A 127 -17.38 17.97 6.75
N ALA A 128 -18.20 17.24 7.51
CA ALA A 128 -17.91 17.00 8.92
C ALA A 128 -16.63 16.19 9.03
N ILE A 129 -16.52 15.18 8.18
CA ILE A 129 -15.35 14.32 8.21
C ILE A 129 -14.11 15.16 7.98
N ASN A 130 -14.22 16.07 7.03
CA ASN A 130 -13.11 16.97 6.72
C ASN A 130 -12.90 17.96 7.86
N GLU A 131 -13.97 18.59 8.31
CA GLU A 131 -13.91 19.53 9.42
C GLU A 131 -13.27 18.89 10.65
N LEU A 132 -13.88 17.80 11.11
CA LEU A 132 -13.40 17.06 12.29
C LEU A 132 -12.06 16.34 12.16
N SER A 133 -11.78 15.72 11.01
CA SER A 133 -10.50 15.05 10.78
C SER A 133 -10.13 13.97 11.82
N THR A 134 -11.10 13.18 12.25
CA THR A 134 -10.86 12.11 13.23
C THR A 134 -11.17 10.77 12.58
N PRO A 135 -10.64 9.66 13.16
CA PRO A 135 -10.90 8.33 12.60
C PRO A 135 -12.40 8.25 12.53
N THR A 136 -12.95 7.82 11.40
CA THR A 136 -14.38 7.81 11.27
C THR A 136 -14.89 6.48 10.80
N LEU A 137 -16.11 6.13 11.22
CA LEU A 137 -16.75 4.88 10.79
C LEU A 137 -18.09 5.27 10.19
N ILE A 138 -18.37 4.76 8.99
CA ILE A 138 -19.63 5.01 8.34
C ILE A 138 -20.35 3.68 8.37
N VAL A 139 -21.60 3.70 8.79
CA VAL A 139 -22.39 2.50 8.84
C VAL A 139 -23.51 2.67 7.83
N VAL A 140 -23.53 1.78 6.84
CA VAL A 140 -24.49 1.79 5.75
C VAL A 140 -25.28 0.48 5.67
N PRO A 141 -26.49 0.50 5.08
CA PRO A 141 -27.30 -0.72 4.96
C PRO A 141 -26.72 -1.82 4.06
N THR A 142 -26.22 -1.43 2.88
CA THR A 142 -25.72 -2.39 1.91
C THR A 142 -24.22 -2.29 1.55
N LEU A 143 -23.70 -3.25 0.77
CA LEU A 143 -22.29 -3.21 0.37
C LEU A 143 -22.13 -2.25 -0.81
N ALA A 144 -23.18 -2.11 -1.63
CA ALA A 144 -23.16 -1.18 -2.76
C ALA A 144 -23.02 0.26 -2.28
N LEU A 145 -23.80 0.58 -1.27
CA LEU A 145 -23.79 1.90 -0.67
C LEU A 145 -22.41 2.13 -0.09
N ALA A 146 -21.82 1.07 0.43
CA ALA A 146 -20.52 1.19 1.04
C ALA A 146 -19.43 1.39 0.00
N GLU A 147 -19.56 0.71 -1.15
CA GLU A 147 -18.56 0.87 -2.23
C GLU A 147 -18.69 2.29 -2.76
N GLN A 148 -19.94 2.78 -2.79
CA GLN A 148 -20.28 4.13 -3.22
C GLN A 148 -19.67 5.16 -2.25
N TRP A 149 -19.94 5.00 -0.95
CA TRP A 149 -19.35 5.88 0.06
C TRP A 149 -17.84 5.81 -0.02
N LYS A 150 -17.29 4.62 -0.22
CA LYS A 150 -15.83 4.42 -0.32
C LYS A 150 -15.18 5.19 -1.47
N GLU A 151 -15.89 5.28 -2.59
CA GLU A 151 -15.43 5.99 -3.77
C GLU A 151 -15.42 7.52 -3.48
N ARG A 152 -16.48 8.02 -2.83
CA ARG A 152 -16.60 9.44 -2.48
C ARG A 152 -15.43 9.82 -1.60
N LEU A 153 -15.31 9.05 -0.53
CA LEU A 153 -14.28 9.19 0.49
C LEU A 153 -12.86 9.29 -0.02
N GLY A 154 -12.66 8.82 -1.25
CA GLY A 154 -11.34 8.85 -1.86
C GLY A 154 -10.77 10.25 -1.99
N ILE A 155 -11.63 11.26 -1.93
CA ILE A 155 -11.14 12.62 -2.03
C ILE A 155 -10.17 12.90 -0.90
N PHE A 156 -10.32 12.17 0.20
CA PHE A 156 -9.44 12.36 1.36
C PHE A 156 -8.13 11.60 1.18
N GLY A 157 -8.13 10.68 0.21
CA GLY A 157 -6.97 9.86 -0.06
C GLY A 157 -7.44 8.43 0.06
N GLU A 158 -7.20 7.62 -0.96
CA GLU A 158 -7.63 6.23 -0.92
C GLU A 158 -6.84 5.35 0.01
N GLU A 159 -5.64 5.77 0.39
CA GLU A 159 -4.84 4.95 1.28
C GLU A 159 -5.31 5.09 2.73
N TYR A 160 -6.34 5.91 2.94
CA TYR A 160 -6.91 6.13 4.27
C TYR A 160 -8.33 5.60 4.36
N VAL A 161 -8.81 5.03 3.28
CA VAL A 161 -10.16 4.53 3.23
C VAL A 161 -10.07 3.02 3.34
N GLY A 162 -10.92 2.44 4.18
CA GLY A 162 -10.94 1.00 4.34
C GLY A 162 -12.37 0.57 4.38
N GLU A 163 -12.57 -0.73 4.37
CA GLU A 163 -13.89 -1.31 4.43
C GLU A 163 -13.77 -2.40 5.47
N PHE A 164 -14.67 -2.40 6.44
CA PHE A 164 -14.64 -3.42 7.47
C PHE A 164 -15.96 -4.17 7.39
N SER A 165 -15.92 -5.38 6.85
CA SER A 165 -17.11 -6.19 6.67
C SER A 165 -16.81 -7.68 6.78
N GLY A 166 -17.52 -8.48 5.99
CA GLY A 166 -17.29 -9.90 6.01
C GLY A 166 -16.40 -10.24 4.84
N ARG A 167 -16.31 -9.32 3.90
CA ARG A 167 -15.49 -9.54 2.72
C ARG A 167 -14.01 -9.26 3.04
N ILE A 168 -13.77 -8.20 3.79
CA ILE A 168 -12.41 -7.81 4.15
C ILE A 168 -12.56 -7.02 5.45
N LYS A 169 -11.58 -7.09 6.33
CA LYS A 169 -11.63 -6.33 7.57
C LYS A 169 -10.45 -5.40 7.74
N GLU A 170 -10.60 -4.18 7.20
CA GLU A 170 -9.55 -3.14 7.25
C GLU A 170 -9.88 -2.11 8.31
N LEU A 171 -8.87 -1.62 9.01
CA LEU A 171 -9.08 -0.62 10.03
C LEU A 171 -8.23 0.61 9.74
N LYS A 172 -8.77 1.45 8.85
CA LYS A 172 -8.15 2.70 8.45
C LYS A 172 -9.01 3.85 9.05
N PRO A 173 -8.48 5.09 9.07
CA PRO A 173 -9.13 6.32 9.59
C PRO A 173 -10.56 6.57 9.09
N LEU A 174 -10.80 6.27 7.81
CA LEU A 174 -12.12 6.40 7.20
C LEU A 174 -12.52 4.98 6.87
N THR A 175 -13.39 4.43 7.69
CA THR A 175 -13.82 3.04 7.53
C THR A 175 -15.29 2.95 7.25
N VAL A 176 -15.64 2.17 6.23
CA VAL A 176 -17.03 1.97 5.84
C VAL A 176 -17.41 0.55 6.26
N SER A 177 -18.60 0.41 6.83
CA SER A 177 -19.06 -0.89 7.30
C SER A 177 -20.57 -0.93 7.19
N THR A 178 -21.15 -2.12 7.14
CA THR A 178 -22.60 -2.21 7.06
C THR A 178 -23.13 -2.33 8.47
N TYR A 179 -24.43 -2.10 8.64
CA TYR A 179 -25.03 -2.22 9.95
C TYR A 179 -24.81 -3.63 10.48
N ASP A 180 -24.92 -4.63 9.61
CA ASP A 180 -24.75 -6.00 10.01
C ASP A 180 -23.31 -6.35 10.39
N SER A 181 -22.31 -5.92 9.62
CA SER A 181 -20.92 -6.20 9.95
C SER A 181 -20.44 -5.48 11.19
N ALA A 182 -20.77 -4.19 11.26
CA ALA A 182 -20.39 -3.34 12.38
C ALA A 182 -21.03 -3.81 13.66
N TYR A 183 -22.21 -4.40 13.55
CA TYR A 183 -22.90 -4.88 14.71
C TYR A 183 -22.26 -6.14 15.27
N VAL A 184 -21.83 -7.02 14.38
CA VAL A 184 -21.20 -8.29 14.79
C VAL A 184 -19.81 -8.06 15.40
N ASN A 185 -19.20 -6.92 15.06
CA ASN A 185 -17.88 -6.59 15.58
C ASN A 185 -17.91 -5.30 16.35
N ALA A 186 -19.06 -5.00 16.95
CA ALA A 186 -19.23 -3.77 17.72
C ALA A 186 -18.20 -3.62 18.84
N GLU A 187 -17.81 -4.72 19.48
CA GLU A 187 -16.82 -4.64 20.55
C GLU A 187 -15.45 -4.45 19.95
N LYS A 188 -15.19 -5.05 18.79
CA LYS A 188 -13.89 -4.88 18.16
C LYS A 188 -13.74 -3.44 17.66
N LEU A 189 -14.79 -2.91 17.04
CA LEU A 189 -14.81 -1.54 16.53
C LEU A 189 -15.06 -0.46 17.58
N GLY A 190 -15.61 -0.87 18.72
CA GLY A 190 -15.96 0.03 19.80
C GLY A 190 -15.08 1.19 20.20
N ASN A 191 -13.77 1.00 20.28
CA ASN A 191 -12.87 2.07 20.74
C ASN A 191 -11.87 2.56 19.70
N ARG A 192 -12.12 2.30 18.43
CA ARG A 192 -11.19 2.71 17.40
C ARG A 192 -11.56 4.02 16.70
N PHE A 193 -12.81 4.45 16.86
CA PHE A 193 -13.33 5.64 16.19
C PHE A 193 -13.88 6.74 17.11
N MET A 194 -13.76 7.98 16.63
CA MET A 194 -14.22 9.21 17.30
C MET A 194 -15.47 9.79 16.64
N LEU A 195 -15.72 9.46 15.38
CA LEU A 195 -16.90 9.95 14.66
C LEU A 195 -17.62 8.78 14.01
N LEU A 196 -18.91 8.66 14.30
CA LEU A 196 -19.72 7.60 13.72
C LEU A 196 -20.71 8.27 12.82
N ILE A 197 -20.81 7.81 11.58
CA ILE A 197 -21.77 8.38 10.66
C ILE A 197 -22.68 7.25 10.28
N PHE A 198 -23.97 7.47 10.43
CA PHE A 198 -24.95 6.47 10.10
C PHE A 198 -25.70 6.92 8.85
N ASP A 199 -25.43 6.29 7.72
CA ASP A 199 -26.17 6.66 6.54
C ASP A 199 -27.47 5.90 6.70
N GLU A 200 -28.58 6.63 6.64
CA GLU A 200 -29.91 6.07 6.79
C GLU A 200 -30.06 5.58 8.21
N VAL A 201 -29.84 6.50 9.13
CA VAL A 201 -29.90 6.23 10.56
C VAL A 201 -31.21 5.66 11.05
N HIS A 202 -32.24 5.63 10.21
CA HIS A 202 -33.50 5.08 10.69
C HIS A 202 -33.42 3.57 10.94
N HIS A 203 -32.41 2.92 10.39
CA HIS A 203 -32.23 1.48 10.58
C HIS A 203 -31.59 1.21 11.94
N LEU A 204 -30.85 2.19 12.45
CA LEU A 204 -30.13 2.06 13.71
C LEU A 204 -30.94 1.56 14.91
N PRO A 205 -32.18 2.05 15.08
CA PRO A 205 -33.02 1.63 16.21
C PRO A 205 -33.25 0.14 16.37
N ALA A 206 -32.97 -0.67 15.35
CA ALA A 206 -33.17 -2.09 15.50
C ALA A 206 -32.57 -2.41 16.86
N GLU A 207 -33.19 -3.30 17.63
CA GLU A 207 -32.69 -3.67 18.97
C GLU A 207 -31.22 -4.13 18.93
N SER A 208 -30.79 -4.55 17.75
CA SER A 208 -29.43 -5.01 17.58
C SER A 208 -28.55 -3.85 17.14
N TYR A 209 -28.71 -3.41 15.89
CA TYR A 209 -27.93 -2.33 15.31
C TYR A 209 -27.67 -1.22 16.28
N VAL A 210 -28.64 -0.96 17.14
CA VAL A 210 -28.51 0.13 18.09
C VAL A 210 -27.31 -0.04 18.98
N GLN A 211 -26.88 -1.30 19.13
CA GLN A 211 -25.72 -1.63 19.97
C GLN A 211 -24.38 -1.21 19.38
N ILE A 212 -24.39 -0.88 18.11
CA ILE A 212 -23.19 -0.41 17.49
C ILE A 212 -22.88 0.90 18.21
N ALA A 213 -23.88 1.77 18.31
CA ALA A 213 -23.73 3.07 18.94
C ALA A 213 -23.46 3.02 20.43
N GLN A 214 -24.21 2.20 21.16
CA GLN A 214 -24.05 2.09 22.60
C GLN A 214 -22.70 1.56 23.00
N MET A 215 -22.24 0.58 22.24
CA MET A 215 -20.96 -0.03 22.51
C MET A 215 -19.81 0.75 21.94
N SER A 216 -20.05 1.98 21.49
CA SER A 216 -18.99 2.81 20.92
C SER A 216 -18.67 4.01 21.75
N ILE A 217 -17.40 4.37 21.83
CA ILE A 217 -17.01 5.52 22.63
C ILE A 217 -17.16 6.81 21.81
N ALA A 218 -17.12 6.66 20.47
CA ALA A 218 -17.23 7.74 19.51
C ALA A 218 -18.06 8.88 20.07
N PRO A 219 -17.39 9.98 20.45
CA PRO A 219 -18.07 11.16 20.99
C PRO A 219 -18.94 11.87 19.97
N PHE A 220 -18.49 11.90 18.73
CA PHE A 220 -19.23 12.58 17.68
C PHE A 220 -20.06 11.60 16.86
N ARG A 221 -21.30 11.98 16.57
CA ARG A 221 -22.21 11.10 15.84
C ARG A 221 -23.12 11.90 14.91
N LEU A 222 -23.36 11.34 13.74
CA LEU A 222 -24.22 11.98 12.76
C LEU A 222 -25.10 10.91 12.14
N GLY A 223 -26.39 11.18 12.06
CA GLY A 223 -27.29 10.23 11.46
C GLY A 223 -27.86 10.95 10.27
N LEU A 224 -27.90 10.30 9.11
CA LEU A 224 -28.43 10.93 7.92
C LEU A 224 -29.69 10.22 7.53
N THR A 225 -30.71 10.97 7.12
CA THR A 225 -31.96 10.33 6.72
C THR A 225 -33.01 11.27 6.12
N ALA A 226 -33.92 10.68 5.35
CA ALA A 226 -35.02 11.39 4.67
C ALA A 226 -36.30 11.26 5.51
N THR A 227 -36.33 10.23 6.35
CA THR A 227 -37.46 9.98 7.23
C THR A 227 -36.88 9.62 8.60
N PHE A 228 -37.10 10.49 9.57
CA PHE A 228 -36.59 10.25 10.91
C PHE A 228 -37.45 9.30 11.73
N GLU A 229 -38.72 9.70 11.88
CA GLU A 229 -39.68 8.96 12.67
C GLU A 229 -39.94 7.55 12.14
N ARG A 230 -40.15 6.62 13.07
CA ARG A 230 -40.42 5.22 12.74
C ARG A 230 -41.84 4.83 13.13
N GLU A 231 -42.39 3.87 12.39
CA GLU A 231 -43.75 3.39 12.64
C GLU A 231 -43.83 2.62 13.97
N ASP A 232 -42.74 2.63 14.73
CA ASP A 232 -42.72 1.92 15.99
C ASP A 232 -42.27 2.85 17.12
N GLY A 233 -42.11 4.13 16.80
CA GLY A 233 -41.68 5.10 17.80
C GLY A 233 -40.25 4.93 18.27
N ARG A 234 -39.68 3.76 17.99
CA ARG A 234 -38.31 3.45 18.39
C ARG A 234 -37.29 4.50 18.03
N HIS A 235 -37.66 5.44 17.15
CA HIS A 235 -36.74 6.50 16.77
C HIS A 235 -36.53 7.43 17.95
N GLU A 236 -37.04 7.03 19.10
CA GLU A 236 -36.89 7.83 20.32
C GLU A 236 -35.56 7.52 21.01
N ILE A 237 -34.99 6.34 20.75
CA ILE A 237 -33.74 5.98 21.38
C ILE A 237 -32.53 6.70 20.76
N LEU A 238 -32.70 7.21 19.55
CA LEU A 238 -31.63 7.90 18.86
C LEU A 238 -31.12 9.09 19.64
N LYS A 239 -32.03 9.91 20.11
CA LYS A 239 -31.66 11.10 20.85
C LYS A 239 -30.52 10.82 21.79
N GLU A 240 -30.66 9.77 22.58
CA GLU A 240 -29.67 9.40 23.56
C GLU A 240 -28.36 8.85 22.96
N VAL A 241 -28.47 7.81 22.13
CA VAL A 241 -27.30 7.20 21.51
C VAL A 241 -26.67 8.04 20.40
N VAL A 242 -27.48 8.52 19.47
CA VAL A 242 -26.98 9.33 18.37
C VAL A 242 -27.26 10.79 18.67
N GLY A 243 -28.54 11.14 18.65
CA GLY A 243 -28.99 12.49 18.88
C GLY A 243 -30.35 12.63 18.22
N GLY A 244 -30.99 13.79 18.37
CA GLY A 244 -32.29 13.98 17.76
C GLY A 244 -32.14 14.90 16.58
N LYS A 245 -33.20 15.17 15.84
CA LYS A 245 -33.06 16.05 14.69
C LYS A 245 -32.47 17.37 15.14
N VAL A 246 -31.40 17.81 14.47
CA VAL A 246 -30.78 19.10 14.77
C VAL A 246 -31.05 19.95 13.54
N PHE A 247 -31.65 19.31 12.53
CA PHE A 247 -31.99 19.97 11.30
C PHE A 247 -32.90 19.12 10.41
N GLU A 248 -33.82 19.79 9.71
CA GLU A 248 -34.76 19.08 8.87
C GLU A 248 -35.38 19.98 7.81
N LEU A 249 -35.79 19.37 6.70
CA LEU A 249 -36.41 20.07 5.60
C LEU A 249 -37.16 19.08 4.74
N PHE A 250 -38.42 19.41 4.44
CA PHE A 250 -39.28 18.59 3.60
C PHE A 250 -39.09 19.03 2.14
N PRO A 251 -39.39 18.15 1.18
CA PRO A 251 -39.23 18.50 -0.23
C PRO A 251 -39.86 19.84 -0.62
N ASP A 252 -41.10 20.06 -0.22
CA ASP A 252 -41.80 21.31 -0.56
C ASP A 252 -41.05 22.58 -0.18
N SER A 253 -39.98 22.45 0.60
CA SER A 253 -39.20 23.61 1.04
C SER A 253 -38.00 23.98 0.16
N LEU A 254 -37.43 23.01 -0.52
CA LEU A 254 -36.28 23.24 -1.40
C LEU A 254 -36.72 23.83 -2.73
N ALA A 255 -38.01 23.66 -3.03
CA ALA A 255 -38.62 24.14 -4.26
C ALA A 255 -38.35 25.60 -4.57
N GLY A 256 -38.21 26.43 -3.53
CA GLY A 256 -37.96 27.82 -3.75
C GLY A 256 -36.76 28.03 -4.64
N LYS A 257 -36.80 29.03 -5.51
CA LYS A 257 -35.68 29.32 -6.39
C LYS A 257 -34.56 29.88 -5.51
N HIS A 258 -34.17 29.07 -4.53
CA HIS A 258 -33.14 29.41 -3.55
C HIS A 258 -31.80 29.76 -4.15
N LEU A 259 -30.88 30.17 -3.28
CA LEU A 259 -29.53 30.57 -3.67
C LEU A 259 -29.08 30.00 -5.00
N ALA A 260 -28.45 28.82 -4.95
CA ALA A 260 -27.94 28.15 -6.14
C ALA A 260 -27.11 29.07 -7.04
N LYS A 261 -26.62 30.17 -6.46
CA LYS A 261 -25.83 31.12 -7.22
C LYS A 261 -24.38 30.92 -6.84
N TYR A 262 -24.14 30.15 -5.78
CA TYR A 262 -22.77 29.86 -5.35
C TYR A 262 -22.70 28.62 -4.47
N THR A 263 -21.47 28.13 -4.25
CA THR A 263 -21.20 26.97 -3.40
C THR A 263 -20.07 27.36 -2.47
N ILE A 264 -19.98 26.68 -1.35
CA ILE A 264 -18.96 26.97 -0.35
C ILE A 264 -18.01 25.81 -0.18
N LYS A 265 -16.72 26.11 -0.13
CA LYS A 265 -15.69 25.10 0.05
C LYS A 265 -14.65 25.67 0.98
N ARG A 266 -14.74 25.35 2.28
CA ARG A 266 -13.72 25.86 3.18
C ARG A 266 -12.52 24.94 3.16
N ILE A 267 -11.34 25.55 3.12
CA ILE A 267 -10.08 24.85 3.08
C ILE A 267 -9.42 25.05 4.42
N PHE A 268 -8.87 23.99 4.96
CA PHE A 268 -8.19 24.07 6.24
C PHE A 268 -6.73 24.00 5.91
N VAL A 269 -6.00 25.00 6.38
CA VAL A 269 -4.58 25.03 6.11
C VAL A 269 -3.90 24.94 7.45
N PRO A 270 -3.02 23.96 7.61
CA PRO A 270 -2.32 23.81 8.87
C PRO A 270 -1.21 24.85 8.94
N LEU A 271 -0.79 25.16 10.15
CA LEU A 271 0.27 26.12 10.37
C LEU A 271 1.61 25.43 10.12
N ALA A 272 2.60 26.20 9.67
CA ALA A 272 3.93 25.66 9.41
C ALA A 272 4.55 25.15 10.70
N GLU A 273 5.43 24.15 10.60
CA GLU A 273 6.10 23.54 11.75
C GLU A 273 6.28 24.47 12.96
N ASP A 274 6.77 25.69 12.69
CA ASP A 274 7.04 26.71 13.72
C ASP A 274 5.85 27.60 14.15
N GLU A 275 5.00 28.00 13.22
CA GLU A 275 3.85 28.80 13.58
C GLU A 275 3.08 27.94 14.59
N ARG A 276 3.01 26.65 14.30
CA ARG A 276 2.31 25.68 15.14
C ARG A 276 2.83 25.62 16.58
N VAL A 277 4.14 25.72 16.77
CA VAL A 277 4.71 25.67 18.10
C VAL A 277 4.44 26.93 18.91
N GLU A 278 4.66 28.09 18.29
CA GLU A 278 4.41 29.34 18.97
C GLU A 278 2.96 29.32 19.41
N TYR A 279 2.10 28.93 18.48
CA TYR A 279 0.67 28.83 18.70
C TYR A 279 0.36 28.04 19.95
N GLU A 280 1.29 27.19 20.36
CA GLU A 280 1.11 26.38 21.55
C GLU A 280 1.40 27.18 22.81
N LYS A 281 2.52 27.88 22.82
CA LYS A 281 2.90 28.69 23.97
C LYS A 281 2.02 29.94 24.02
N ARG A 282 0.88 29.86 23.36
CA ARG A 282 -0.08 30.97 23.31
C ARG A 282 -1.49 30.52 23.68
N GLU A 283 -1.71 29.22 23.84
CA GLU A 283 -3.04 28.74 24.17
C GLU A 283 -3.13 27.93 25.45
N LYS A 284 -2.11 27.14 25.76
CA LYS A 284 -2.18 26.36 27.00
C LYS A 284 -2.37 27.35 28.13
N VAL A 285 -2.21 28.62 27.79
CA VAL A 285 -2.39 29.72 28.72
C VAL A 285 -3.87 29.77 29.14
N TYR A 286 -4.73 30.20 28.21
CA TYR A 286 -6.16 30.31 28.47
C TYR A 286 -6.86 28.97 28.52
N LYS A 287 -6.15 27.90 28.21
CA LYS A 287 -6.72 26.56 28.22
C LYS A 287 -7.23 26.17 29.62
N GLN A 288 -6.39 26.38 30.62
CA GLN A 288 -6.75 26.07 32.00
C GLN A 288 -7.68 27.18 32.49
N PHE A 289 -7.86 28.17 31.61
CA PHE A 289 -8.70 29.34 31.85
C PHE A 289 -8.04 30.29 32.82
N LEU A 290 -7.32 29.71 33.78
CA LEU A 290 -6.64 30.47 34.81
C LEU A 290 -7.62 31.36 35.60
N ARG A 291 -7.93 30.88 36.80
CA ARG A 291 -8.83 31.50 37.78
C ARG A 291 -10.09 30.67 37.99
N ALA A 292 -10.46 29.89 36.98
CA ALA A 292 -11.66 29.06 37.09
C ALA A 292 -11.74 27.87 36.15
N ARG A 293 -12.82 27.10 36.32
CA ARG A 293 -13.09 25.90 35.51
C ARG A 293 -14.12 26.31 34.46
N GLY A 294 -13.70 27.17 33.53
CA GLY A 294 -14.58 27.64 32.48
C GLY A 294 -15.29 26.60 31.66
N ILE A 295 -14.91 26.48 30.39
CA ILE A 295 -15.53 25.52 29.49
C ILE A 295 -14.60 24.34 29.12
N THR A 296 -14.11 23.62 30.14
CA THR A 296 -13.23 22.48 29.88
C THR A 296 -14.05 21.43 29.12
N LEU A 297 -13.88 21.45 27.80
CA LEU A 297 -14.56 20.58 26.84
C LEU A 297 -15.74 21.28 26.16
N ARG A 298 -15.41 22.31 25.36
CA ARG A 298 -16.36 23.11 24.59
C ARG A 298 -17.69 23.52 25.27
N ARG A 299 -17.65 24.46 26.21
CA ARG A 299 -18.88 24.91 26.86
C ARG A 299 -19.08 26.37 26.44
N ALA A 300 -18.79 26.64 25.17
CA ALA A 300 -18.92 27.98 24.61
C ALA A 300 -18.90 27.95 23.08
N GLU A 301 -18.80 29.14 22.47
CA GLU A 301 -18.78 29.28 21.01
C GLU A 301 -18.05 30.56 20.60
N ASP A 302 -17.04 30.94 21.39
CA ASP A 302 -16.24 32.16 21.15
C ASP A 302 -16.96 33.36 21.78
N PHE A 303 -18.22 33.13 22.17
CA PHE A 303 -19.10 34.14 22.78
C PHE A 303 -18.76 34.24 24.28
N ASN A 304 -18.12 33.20 24.79
CA ASN A 304 -17.75 33.12 26.20
C ASN A 304 -16.45 33.89 26.49
N LYS A 305 -15.59 33.97 25.47
CA LYS A 305 -14.31 34.67 25.60
C LYS A 305 -14.60 36.16 25.44
N ILE A 306 -15.79 36.57 25.86
CA ILE A 306 -16.22 37.95 25.75
C ILE A 306 -17.20 38.30 26.87
N VAL A 307 -17.98 37.30 27.30
CA VAL A 307 -18.98 37.50 28.35
C VAL A 307 -18.34 37.88 29.69
N MET A 308 -18.36 36.96 30.65
CA MET A 308 -17.76 37.24 31.95
C MET A 308 -16.30 37.55 31.67
N ALA A 309 -15.76 36.89 30.65
CA ALA A 309 -14.40 37.11 30.21
C ALA A 309 -14.44 38.50 29.56
N SER A 310 -13.30 39.17 29.49
CA SER A 310 -13.18 40.52 28.93
C SER A 310 -13.30 41.55 30.06
N GLY A 311 -13.67 41.06 31.24
CA GLY A 311 -13.78 41.93 32.40
C GLY A 311 -12.37 42.38 32.72
N TYR A 312 -12.22 43.29 33.68
CA TYR A 312 -10.89 43.76 34.04
C TYR A 312 -10.41 43.35 35.43
N ASP A 313 -11.32 43.35 36.41
CA ASP A 313 -11.02 42.98 37.81
C ASP A 313 -9.56 42.66 38.15
N GLU A 314 -9.24 41.37 38.26
CA GLU A 314 -7.87 40.95 38.61
C GLU A 314 -6.81 41.21 37.54
N ARG A 315 -5.78 40.38 37.51
CA ARG A 315 -4.69 40.51 36.54
C ARG A 315 -4.29 39.13 36.02
N ALA A 316 -5.09 38.13 36.39
CA ALA A 316 -4.90 36.75 35.98
C ALA A 316 -5.82 36.45 34.80
N TYR A 317 -6.35 37.52 34.22
CA TYR A 317 -7.23 37.44 33.05
C TYR A 317 -6.33 37.79 31.88
N GLU A 318 -5.18 38.38 32.22
CA GLU A 318 -4.22 38.78 31.21
C GLU A 318 -3.72 37.54 30.51
N ALA A 319 -4.06 36.38 31.04
CA ALA A 319 -3.67 35.12 30.44
C ALA A 319 -4.47 34.97 29.16
N LEU A 320 -5.68 35.54 29.16
CA LEU A 320 -6.57 35.51 28.00
C LEU A 320 -5.98 36.28 26.83
N ARG A 321 -5.20 37.32 27.13
CA ARG A 321 -4.58 38.12 26.09
C ARG A 321 -3.89 37.18 25.11
N ALA A 322 -3.48 36.00 25.60
CA ALA A 322 -2.82 35.02 24.76
C ALA A 322 -3.79 34.48 23.70
N TRP A 323 -5.09 34.51 24.03
CA TRP A 323 -6.13 34.07 23.10
C TRP A 323 -6.09 35.10 21.99
N GLU A 324 -6.19 36.36 22.39
CA GLU A 324 -6.16 37.48 21.46
C GLU A 324 -4.93 37.31 20.58
N GLU A 325 -3.87 36.70 21.12
CA GLU A 325 -2.64 36.47 20.38
C GLU A 325 -2.73 35.30 19.42
N ALA A 326 -2.84 34.09 19.96
CA ALA A 326 -2.95 32.90 19.12
C ALA A 326 -3.76 33.18 17.86
N ARG A 327 -4.89 33.85 18.03
CA ARG A 327 -5.80 34.20 16.93
C ARG A 327 -5.09 34.81 15.72
N ARG A 328 -4.26 35.82 15.96
CA ARG A 328 -3.55 36.47 14.88
C ARG A 328 -2.48 35.58 14.31
N ILE A 329 -1.87 34.76 15.17
CA ILE A 329 -0.84 33.81 14.75
C ILE A 329 -1.41 33.02 13.58
N ALA A 330 -2.74 32.91 13.59
CA ALA A 330 -3.49 32.24 12.54
C ALA A 330 -3.49 33.21 11.36
N PHE A 331 -4.56 33.99 11.21
CA PHE A 331 -4.68 34.97 10.14
C PHE A 331 -3.38 35.17 9.36
N ASN A 332 -2.36 35.63 10.08
CA ASN A 332 -1.04 35.84 9.49
C ASN A 332 -0.28 34.53 9.45
N SER A 333 -0.50 33.78 8.38
CA SER A 333 0.18 32.51 8.23
C SER A 333 0.88 32.51 6.89
N LYS A 334 1.55 31.40 6.58
CA LYS A 334 2.24 31.28 5.30
C LYS A 334 1.52 30.27 4.41
N ASN A 335 0.90 29.27 5.04
CA ASN A 335 0.20 28.26 4.27
C ASN A 335 -1.06 28.83 3.62
N LYS A 336 -1.60 29.90 4.22
CA LYS A 336 -2.82 30.55 3.70
C LYS A 336 -2.54 31.47 2.51
N ILE A 337 -1.35 32.04 2.47
CA ILE A 337 -0.95 32.90 1.38
C ILE A 337 -0.52 31.96 0.27
N ARG A 338 0.25 30.93 0.64
CA ARG A 338 0.73 29.92 -0.31
C ARG A 338 -0.50 29.33 -0.97
N LYS A 339 -1.48 28.99 -0.14
CA LYS A 339 -2.72 28.38 -0.61
C LYS A 339 -3.49 29.39 -1.44
N LEU A 340 -3.64 30.61 -0.93
CA LEU A 340 -4.38 31.64 -1.67
C LEU A 340 -3.73 31.76 -3.06
N ARG A 341 -2.40 31.80 -3.07
CA ARG A 341 -1.62 31.89 -4.29
C ARG A 341 -2.17 30.90 -5.28
N GLU A 342 -2.22 29.65 -4.83
CA GLU A 342 -2.70 28.52 -5.61
C GLU A 342 -4.08 28.76 -6.20
N ILE A 343 -4.97 29.35 -5.40
CA ILE A 343 -6.34 29.64 -5.81
C ILE A 343 -6.40 30.75 -6.84
N LEU A 344 -5.46 31.68 -6.73
CA LEU A 344 -5.43 32.78 -7.66
C LEU A 344 -5.11 32.27 -9.06
N GLU A 345 -4.08 31.43 -9.21
CA GLU A 345 -3.80 30.89 -10.54
C GLU A 345 -4.97 30.02 -10.96
N ARG A 346 -5.53 29.28 -10.02
CA ARG A 346 -6.67 28.44 -10.34
C ARG A 346 -7.72 29.32 -10.99
N HIS A 347 -8.05 30.41 -10.30
CA HIS A 347 -9.02 31.39 -10.74
C HIS A 347 -8.32 32.66 -11.18
N ARG A 348 -7.75 32.60 -12.37
CA ARG A 348 -7.03 33.73 -12.94
C ARG A 348 -7.71 34.25 -14.21
N LYS A 349 -9.01 33.99 -14.34
CA LYS A 349 -9.80 34.43 -15.49
C LYS A 349 -11.20 34.81 -15.01
N ASP A 350 -11.30 35.00 -13.70
CA ASP A 350 -12.55 35.35 -13.04
C ASP A 350 -12.30 36.46 -12.03
N LYS A 351 -13.33 37.28 -11.80
CA LYS A 351 -13.26 38.39 -10.86
C LYS A 351 -13.42 37.87 -9.44
N ILE A 352 -12.46 38.19 -8.58
CA ILE A 352 -12.51 37.71 -7.23
C ILE A 352 -12.32 38.81 -6.21
N ILE A 353 -12.91 38.62 -5.04
CA ILE A 353 -12.79 39.57 -3.95
C ILE A 353 -12.11 38.77 -2.85
N ILE A 354 -11.54 39.45 -1.87
CA ILE A 354 -10.86 38.76 -0.80
C ILE A 354 -11.12 39.50 0.50
N PHE A 355 -12.27 39.24 1.08
CA PHE A 355 -12.65 39.85 2.34
C PHE A 355 -11.80 39.26 3.47
N THR A 356 -11.68 39.99 4.57
CA THR A 356 -10.92 39.55 5.75
C THR A 356 -11.02 40.60 6.86
N ARG A 357 -11.22 40.14 8.09
CA ARG A 357 -11.34 41.05 9.23
C ARG A 357 -10.00 41.41 9.86
N HIS A 358 -8.96 41.44 9.03
CA HIS A 358 -7.63 41.78 9.52
C HIS A 358 -6.85 42.64 8.53
N ASN A 359 -6.79 43.95 8.80
CA ASN A 359 -6.04 44.84 7.93
C ASN A 359 -4.60 44.34 7.91
N GLU A 360 -4.11 44.00 9.10
CA GLU A 360 -2.76 43.47 9.26
C GLU A 360 -2.53 42.37 8.21
N LEU A 361 -3.60 41.66 7.87
CA LEU A 361 -3.58 40.58 6.86
C LEU A 361 -3.99 41.20 5.50
N VAL A 362 -4.78 42.27 5.56
CA VAL A 362 -5.28 42.96 4.36
C VAL A 362 -4.17 43.58 3.53
N TYR A 363 -3.19 44.16 4.21
CA TYR A 363 -2.07 44.81 3.54
C TYR A 363 -1.13 43.75 2.95
N ARG A 364 -0.81 42.74 3.75
CA ARG A 364 0.09 41.68 3.32
C ARG A 364 -0.37 41.07 1.99
N ILE A 365 -1.63 40.65 1.92
CA ILE A 365 -2.16 40.06 0.69
C ILE A 365 -1.95 41.02 -0.47
N SER A 366 -2.20 42.30 -0.20
CA SER A 366 -2.09 43.36 -1.21
C SER A 366 -0.74 43.50 -1.88
N LYS A 367 0.32 43.52 -1.10
CA LYS A 367 1.65 43.66 -1.68
C LYS A 367 2.14 42.36 -2.32
N VAL A 368 2.10 41.26 -1.56
CA VAL A 368 2.56 39.95 -2.02
C VAL A 368 2.10 39.56 -3.43
N PHE A 369 0.81 39.76 -3.72
CA PHE A 369 0.28 39.44 -5.04
C PHE A 369 0.14 40.75 -5.82
N LEU A 370 0.47 41.84 -5.14
CA LEU A 370 0.37 43.17 -5.71
C LEU A 370 -1.03 43.32 -6.25
N ILE A 371 -1.97 43.50 -5.32
CA ILE A 371 -3.37 43.64 -5.64
C ILE A 371 -3.95 44.85 -4.92
N PRO A 372 -4.68 45.71 -5.64
CA PRO A 372 -5.27 46.91 -5.05
C PRO A 372 -6.13 46.59 -3.82
N ALA A 373 -5.84 47.27 -2.73
CA ALA A 373 -6.57 47.06 -1.50
C ALA A 373 -7.69 48.07 -1.35
N ILE A 374 -8.46 47.91 -0.29
CA ILE A 374 -9.59 48.77 0.04
C ILE A 374 -9.82 48.49 1.53
N THR A 375 -9.06 49.19 2.37
CA THR A 375 -9.12 48.99 3.81
C THR A 375 -10.00 49.96 4.63
N HIS A 376 -9.93 49.78 5.95
CA HIS A 376 -10.67 50.58 6.93
C HIS A 376 -10.24 52.05 6.93
N ARG A 377 -9.08 52.33 6.35
CA ARG A 377 -8.58 53.70 6.27
C ARG A 377 -8.95 54.29 4.90
N THR A 378 -8.31 53.83 3.84
CA THR A 378 -8.54 54.34 2.48
C THR A 378 -9.20 55.73 2.46
N SER A 379 -10.47 55.81 2.06
CA SER A 379 -11.22 57.08 2.01
C SER A 379 -12.64 56.89 1.49
N ARG A 380 -13.14 57.88 0.74
CA ARG A 380 -14.47 57.81 0.15
C ARG A 380 -14.30 57.77 -1.37
N GLU A 381 -13.43 58.62 -1.89
CA GLU A 381 -13.15 58.67 -3.31
C GLU A 381 -12.25 57.49 -3.63
N GLU A 382 -11.49 57.08 -2.60
CA GLU A 382 -10.57 55.95 -2.70
C GLU A 382 -11.34 54.62 -2.66
N ARG A 383 -12.41 54.54 -3.44
CA ARG A 383 -13.24 53.34 -3.52
C ARG A 383 -14.04 53.40 -4.81
N GLU A 384 -14.57 54.57 -5.11
CA GLU A 384 -15.38 54.78 -6.31
C GLU A 384 -14.71 54.24 -7.58
N GLU A 385 -13.42 54.47 -7.73
CA GLU A 385 -12.69 54.04 -8.92
C GLU A 385 -12.42 52.54 -8.92
N ILE A 386 -11.70 52.08 -7.89
CA ILE A 386 -11.34 50.67 -7.77
C ILE A 386 -12.48 49.76 -8.22
N LEU A 387 -13.63 49.89 -7.56
CA LEU A 387 -14.80 49.07 -7.88
C LEU A 387 -15.29 49.33 -9.29
N GLU A 388 -14.89 50.46 -9.86
CA GLU A 388 -15.28 50.79 -11.24
C GLU A 388 -14.22 50.13 -12.13
N GLY A 389 -12.94 50.26 -11.75
CA GLY A 389 -11.88 49.63 -12.51
C GLY A 389 -12.07 48.13 -12.45
N PHE A 390 -12.64 47.68 -11.34
CA PHE A 390 -12.92 46.26 -11.10
C PHE A 390 -14.16 45.90 -11.94
N ARG A 391 -14.91 46.93 -12.33
CA ARG A 391 -16.11 46.75 -13.13
C ARG A 391 -15.88 47.07 -14.60
N THR A 392 -14.78 47.74 -14.88
CA THR A 392 -14.42 48.13 -16.25
C THR A 392 -13.64 47.02 -16.94
N GLY A 393 -12.87 46.29 -16.14
CA GLY A 393 -12.04 45.23 -16.67
C GLY A 393 -10.64 45.42 -16.15
N ARG A 394 -9.67 44.74 -16.76
CA ARG A 394 -8.27 44.83 -16.35
C ARG A 394 -8.17 44.67 -14.83
N PHE A 395 -9.30 44.31 -14.23
CA PHE A 395 -9.43 44.09 -12.79
C PHE A 395 -10.43 42.96 -12.51
N ARG A 396 -9.89 41.77 -12.22
CA ARG A 396 -10.68 40.59 -11.93
C ARG A 396 -10.19 40.01 -10.59
N ALA A 397 -9.69 40.89 -9.73
CA ALA A 397 -9.18 40.48 -8.43
C ALA A 397 -8.83 41.68 -7.57
N ILE A 398 -9.36 41.71 -6.35
CA ILE A 398 -9.10 42.80 -5.43
C ILE A 398 -9.16 42.23 -4.02
N VAL A 399 -8.59 42.94 -3.06
CA VAL A 399 -8.58 42.50 -1.67
C VAL A 399 -9.12 43.59 -0.74
N SER A 400 -10.36 43.42 -0.28
CA SER A 400 -10.99 44.41 0.60
C SER A 400 -10.95 44.01 2.08
N SER A 401 -11.90 44.54 2.83
CA SER A 401 -12.02 44.25 4.26
C SER A 401 -13.41 44.60 4.75
N GLN A 402 -14.36 44.76 3.81
CA GLN A 402 -15.74 45.07 4.15
C GLN A 402 -16.68 44.68 3.00
N VAL A 403 -17.82 44.09 3.36
CA VAL A 403 -18.80 43.68 2.37
C VAL A 403 -19.12 44.83 1.44
N LEU A 404 -18.88 44.62 0.15
CA LEU A 404 -19.13 45.64 -0.86
C LEU A 404 -20.61 45.66 -1.22
N ASP A 405 -21.46 45.70 -0.19
CA ASP A 405 -22.91 45.73 -0.38
C ASP A 405 -23.54 46.96 0.31
N GLU A 406 -23.87 47.96 -0.50
CA GLU A 406 -24.52 49.19 -0.05
C GLU A 406 -25.32 49.73 -1.22
N GLY A 407 -26.31 48.96 -1.66
CA GLY A 407 -27.16 49.36 -2.77
C GLY A 407 -27.52 48.22 -3.71
N ILE A 408 -27.82 48.54 -4.96
CA ILE A 408 -28.15 47.53 -5.96
C ILE A 408 -27.15 47.57 -7.15
N ASP A 409 -25.86 47.57 -6.80
CA ASP A 409 -24.76 47.59 -7.76
C ASP A 409 -23.52 46.88 -7.18
N VAL A 410 -22.33 47.34 -7.53
CA VAL A 410 -21.07 46.75 -7.06
C VAL A 410 -20.73 45.48 -7.86
N PRO A 411 -19.70 45.55 -8.71
CA PRO A 411 -19.17 44.51 -9.60
C PRO A 411 -19.44 43.03 -9.27
N ASP A 412 -19.76 42.27 -10.33
CA ASP A 412 -20.08 40.84 -10.26
C ASP A 412 -18.94 39.90 -9.87
N ALA A 413 -18.65 39.76 -8.58
CA ALA A 413 -17.58 38.86 -8.14
C ALA A 413 -17.88 37.45 -8.63
N ASN A 414 -16.91 36.84 -9.30
CA ASN A 414 -17.08 35.48 -9.81
C ASN A 414 -16.46 34.46 -8.85
N VAL A 415 -15.63 34.96 -7.94
CA VAL A 415 -14.97 34.12 -6.95
C VAL A 415 -14.85 34.87 -5.64
N GLY A 416 -15.42 34.31 -4.58
CA GLY A 416 -15.35 34.94 -3.28
C GLY A 416 -14.30 34.20 -2.50
N VAL A 417 -13.60 34.89 -1.62
CA VAL A 417 -12.57 34.23 -0.83
C VAL A 417 -12.47 34.91 0.53
N ILE A 418 -12.63 34.15 1.60
CA ILE A 418 -12.56 34.71 2.94
C ILE A 418 -11.38 34.15 3.72
N MET A 419 -10.54 35.05 4.21
CA MET A 419 -9.40 34.60 4.96
C MET A 419 -9.82 34.74 6.40
N SER A 420 -9.98 33.62 7.08
CA SER A 420 -10.35 33.65 8.48
C SER A 420 -9.15 33.20 9.27
N GLY A 421 -9.40 32.71 10.49
CA GLY A 421 -8.34 32.26 11.37
C GLY A 421 -8.51 30.81 11.82
N SER A 422 -8.89 30.62 13.08
CA SER A 422 -9.07 29.27 13.60
C SER A 422 -10.52 28.88 13.57
N GLY A 423 -11.39 29.89 13.42
CA GLY A 423 -12.82 29.64 13.37
C GLY A 423 -13.44 30.05 12.06
N SER A 424 -14.75 29.91 11.95
CA SER A 424 -15.47 30.26 10.72
C SER A 424 -16.43 31.42 10.88
N ALA A 425 -16.36 32.36 9.94
CA ALA A 425 -17.24 33.51 9.97
C ALA A 425 -18.41 33.22 9.07
N ARG A 426 -19.46 32.64 9.65
CA ARG A 426 -20.64 32.33 8.88
C ARG A 426 -21.35 33.62 8.48
N GLU A 427 -21.13 34.68 9.26
CA GLU A 427 -21.76 35.96 8.97
C GLU A 427 -21.34 36.49 7.60
N TYR A 428 -20.04 36.49 7.34
CA TYR A 428 -19.52 36.98 6.05
C TYR A 428 -19.71 35.98 4.91
N ILE A 429 -20.05 34.74 5.26
CA ILE A 429 -20.28 33.71 4.26
C ILE A 429 -21.44 34.16 3.39
N GLN A 430 -22.59 34.35 4.04
CA GLN A 430 -23.79 34.79 3.34
C GLN A 430 -23.51 36.16 2.74
N ARG A 431 -23.32 37.14 3.62
CA ARG A 431 -23.05 38.52 3.20
C ARG A 431 -22.25 38.58 1.92
N LEU A 432 -21.05 38.03 1.98
CA LEU A 432 -20.15 38.02 0.85
C LEU A 432 -20.65 37.12 -0.28
N GLY A 433 -21.52 36.16 0.06
CA GLY A 433 -22.04 35.24 -0.92
C GLY A 433 -23.01 35.71 -1.99
N ARG A 434 -23.90 36.65 -1.65
CA ARG A 434 -24.89 37.18 -2.60
C ARG A 434 -24.33 38.24 -3.54
N ILE A 435 -23.22 38.85 -3.13
CA ILE A 435 -22.50 39.87 -3.91
C ILE A 435 -21.77 39.13 -5.03
N LEU A 436 -21.65 37.81 -4.86
CA LEU A 436 -21.01 36.95 -5.84
C LEU A 436 -22.06 36.53 -6.85
N ARG A 437 -21.86 36.97 -8.07
CA ARG A 437 -22.76 36.61 -9.14
C ARG A 437 -22.05 35.54 -9.94
N PRO A 438 -22.79 34.50 -10.35
CA PRO A 438 -22.29 33.36 -11.13
C PRO A 438 -21.90 33.66 -12.57
N SER A 439 -20.74 33.15 -12.98
CA SER A 439 -20.24 33.32 -14.34
C SER A 439 -21.32 32.78 -15.28
N LYS A 440 -21.90 33.67 -16.10
CA LYS A 440 -22.99 33.31 -17.02
C LYS A 440 -22.94 31.91 -17.62
N GLY A 441 -21.75 31.32 -17.71
CA GLY A 441 -21.62 29.99 -18.28
C GLY A 441 -21.64 28.81 -17.30
N LYS A 442 -21.55 29.12 -16.00
CA LYS A 442 -21.51 28.10 -14.95
C LYS A 442 -22.64 28.27 -13.91
N LYS A 443 -23.11 29.50 -13.74
CA LYS A 443 -24.18 29.87 -12.79
C LYS A 443 -24.00 29.24 -11.39
N GLU A 444 -22.88 29.57 -10.75
CA GLU A 444 -22.56 29.09 -9.42
C GLU A 444 -21.20 29.65 -9.04
N ALA A 445 -21.18 30.77 -8.34
CA ALA A 445 -19.92 31.39 -7.93
C ALA A 445 -19.22 30.44 -6.96
N VAL A 446 -18.08 30.86 -6.44
CA VAL A 446 -17.37 30.01 -5.51
C VAL A 446 -16.77 30.81 -4.37
N LEU A 447 -17.25 30.55 -3.17
CA LEU A 447 -16.76 31.23 -1.98
C LEU A 447 -15.77 30.27 -1.33
N TYR A 448 -14.60 30.74 -0.92
CA TYR A 448 -13.60 29.88 -0.29
C TYR A 448 -13.16 30.41 1.06
N GLU A 449 -13.62 29.82 2.15
CA GLU A 449 -13.17 30.30 3.44
C GLU A 449 -11.94 29.52 3.89
N LEU A 450 -10.82 30.21 4.06
CA LEU A 450 -9.61 29.51 4.46
C LEU A 450 -9.41 29.56 5.96
N ILE A 451 -9.47 28.39 6.58
CA ILE A 451 -9.33 28.24 8.04
C ILE A 451 -8.07 27.45 8.45
N SER A 452 -7.64 27.64 9.69
CA SER A 452 -6.47 26.94 10.16
C SER A 452 -6.86 25.84 11.15
N ARG A 453 -5.88 25.02 11.52
CA ARG A 453 -6.12 23.94 12.45
C ARG A 453 -5.57 24.28 13.82
N GLY A 454 -4.83 23.35 14.42
CA GLY A 454 -4.24 23.58 15.74
C GLY A 454 -4.91 22.87 16.91
N THR A 455 -6.24 22.90 16.90
CA THR A 455 -7.06 22.26 17.94
C THR A 455 -8.51 22.60 17.55
N GLY A 456 -8.62 23.43 16.51
CA GLY A 456 -9.91 23.85 16.00
C GLY A 456 -9.72 24.61 14.70
N MET B 21 -15.79 -11.97 0.11
CA MET B 21 -15.22 -13.20 0.71
C MET B 21 -15.17 -14.33 -0.33
N GLN B 22 -14.81 -13.97 -1.56
CA GLN B 22 -14.69 -14.91 -2.70
C GLN B 22 -13.28 -15.54 -2.78
N MET B 23 -12.42 -15.10 -1.87
CA MET B 23 -11.00 -15.50 -1.73
C MET B 23 -10.39 -16.62 -2.57
N ILE B 24 -10.34 -16.40 -3.87
CA ILE B 24 -9.75 -17.36 -4.80
C ILE B 24 -8.25 -17.15 -4.72
N ALA B 25 -7.82 -16.68 -3.54
CA ALA B 25 -6.44 -16.38 -3.20
C ALA B 25 -5.84 -15.30 -4.13
N GLU B 26 -5.10 -14.38 -3.53
CA GLU B 26 -4.46 -13.31 -4.29
C GLU B 26 -3.31 -12.69 -3.57
N ILE B 27 -2.25 -12.43 -4.29
CA ILE B 27 -1.13 -11.79 -3.68
C ILE B 27 -0.90 -10.56 -4.49
N TYR B 28 -0.58 -9.48 -3.80
CA TYR B 28 -0.27 -8.26 -4.47
C TYR B 28 0.86 -7.59 -3.70
N TYR B 29 1.55 -6.67 -4.36
CA TYR B 29 2.68 -5.95 -3.80
C TYR B 29 2.28 -4.59 -3.28
N GLU B 30 2.83 -4.25 -2.11
CA GLU B 30 2.55 -2.99 -1.49
C GLU B 30 3.75 -2.41 -0.75
N ARG B 31 4.59 -1.70 -1.49
CA ARG B 31 5.75 -1.04 -0.90
C ARG B 31 6.73 -1.89 -0.11
N GLY B 32 7.41 -2.81 -0.77
CA GLY B 32 8.40 -3.62 -0.12
C GLY B 32 7.90 -4.88 0.51
N THR B 33 6.59 -5.08 0.52
CA THR B 33 6.02 -6.28 1.10
C THR B 33 5.01 -6.95 0.17
N ILE B 34 4.75 -8.21 0.45
CA ILE B 34 3.81 -9.04 -0.31
C ILE B 34 2.60 -9.17 0.60
N VAL B 35 1.42 -8.99 0.03
CA VAL B 35 0.19 -9.06 0.80
C VAL B 35 -0.63 -10.21 0.28
N VAL B 36 -1.25 -10.96 1.19
CA VAL B 36 -2.07 -12.11 0.82
C VAL B 36 -3.49 -12.12 1.40
N LYS B 37 -4.44 -12.30 0.50
CA LYS B 37 -5.84 -12.34 0.88
C LYS B 37 -6.36 -13.65 0.35
N GLY B 38 -7.02 -14.42 1.20
CA GLY B 38 -7.58 -15.67 0.74
C GLY B 38 -6.88 -16.92 1.21
N ASP B 39 -5.98 -16.78 2.17
CA ASP B 39 -5.27 -17.93 2.69
C ASP B 39 -4.54 -17.55 3.95
N ALA B 40 -4.87 -18.25 5.04
CA ALA B 40 -4.30 -17.99 6.37
C ALA B 40 -3.13 -18.89 6.77
N HIS B 41 -2.60 -19.64 5.83
CA HIS B 41 -1.51 -20.54 6.15
C HIS B 41 -0.26 -20.37 5.27
N VAL B 42 -0.06 -19.17 4.73
CA VAL B 42 1.10 -18.88 3.88
C VAL B 42 2.31 -18.59 4.76
N PRO B 43 3.41 -19.30 4.52
CA PRO B 43 4.60 -19.08 5.34
C PRO B 43 5.14 -17.66 5.34
N HIS B 44 5.78 -17.30 6.44
CA HIS B 44 6.40 -15.99 6.59
C HIS B 44 5.41 -14.87 6.69
N ALA B 45 4.18 -15.16 6.32
CA ALA B 45 3.13 -14.16 6.34
C ALA B 45 2.51 -13.96 7.71
N LYS B 46 2.57 -12.71 8.19
CA LYS B 46 2.02 -12.29 9.49
C LYS B 46 0.84 -11.33 9.28
N PHE B 47 -0.33 -11.69 9.81
CA PHE B 47 -1.54 -10.87 9.71
C PHE B 47 -1.37 -9.41 10.06
N ASP B 48 -1.95 -8.54 9.22
CA ASP B 48 -1.91 -7.09 9.37
C ASP B 48 -3.31 -6.56 9.71
N SER B 49 -3.53 -6.19 10.98
CA SER B 49 -4.83 -5.67 11.45
C SER B 49 -5.27 -4.33 10.87
N ARG B 50 -4.35 -3.67 10.19
CA ARG B 50 -4.65 -2.38 9.57
C ARG B 50 -5.30 -2.61 8.22
N SER B 51 -4.89 -3.69 7.55
CA SER B 51 -5.40 -4.02 6.22
C SER B 51 -6.21 -5.31 6.12
N GLY B 52 -6.28 -6.07 7.23
CA GLY B 52 -7.04 -7.32 7.27
C GLY B 52 -6.54 -8.37 6.29
N THR B 53 -5.22 -8.42 6.17
CA THR B 53 -4.55 -9.33 5.28
C THR B 53 -3.20 -9.72 5.85
N TYR B 54 -2.66 -10.82 5.33
CA TYR B 54 -1.36 -11.31 5.75
C TYR B 54 -0.28 -10.70 4.86
N ARG B 55 0.81 -10.22 5.47
CA ARG B 55 1.87 -9.62 4.68
C ARG B 55 3.24 -10.12 5.06
N ALA B 56 4.10 -10.26 4.06
CA ALA B 56 5.47 -10.74 4.21
C ALA B 56 6.45 -9.80 3.50
N LEU B 57 7.73 -9.87 3.86
CA LEU B 57 8.69 -9.03 3.18
C LEU B 57 8.65 -9.48 1.76
N ALA B 58 8.68 -8.53 0.86
CA ALA B 58 8.60 -8.84 -0.54
C ALA B 58 9.46 -9.99 -0.99
N PHE B 59 10.68 -10.10 -0.46
CA PHE B 59 11.54 -11.16 -0.93
C PHE B 59 11.04 -12.56 -0.66
N ARG B 60 9.97 -12.66 0.12
CA ARG B 60 9.38 -13.95 0.43
C ARG B 60 8.49 -14.40 -0.72
N TYR B 61 8.45 -13.58 -1.78
CA TYR B 61 7.65 -13.84 -2.96
C TYR B 61 7.83 -15.24 -3.52
N ARG B 62 9.08 -15.63 -3.69
CA ARG B 62 9.45 -16.92 -4.24
C ARG B 62 8.92 -18.06 -3.44
N ASP B 63 9.18 -18.03 -2.15
CA ASP B 63 8.73 -19.09 -1.26
C ASP B 63 7.23 -19.21 -1.14
N ILE B 64 6.54 -18.11 -1.37
CA ILE B 64 5.09 -18.10 -1.30
C ILE B 64 4.57 -18.65 -2.61
N ILE B 65 5.24 -18.32 -3.71
CA ILE B 65 4.84 -18.83 -5.01
C ILE B 65 5.03 -20.35 -5.03
N GLU B 66 6.20 -20.79 -4.57
CA GLU B 66 6.52 -22.22 -4.54
C GLU B 66 5.54 -22.97 -3.66
N TYR B 67 5.47 -22.61 -2.38
CA TYR B 67 4.52 -23.26 -1.49
C TYR B 67 3.13 -23.28 -2.11
N PHE B 68 2.72 -22.16 -2.72
CA PHE B 68 1.41 -22.13 -3.34
C PHE B 68 1.34 -23.25 -4.35
N GLU B 69 2.21 -23.15 -5.36
CA GLU B 69 2.28 -24.10 -6.48
C GLU B 69 2.66 -25.55 -6.15
N SER B 70 3.35 -25.75 -5.03
CA SER B 70 3.76 -27.07 -4.56
C SER B 70 2.70 -27.65 -3.62
N ASN B 71 1.55 -26.98 -3.60
CA ASN B 71 0.39 -27.34 -2.80
C ASN B 71 -0.84 -27.08 -3.66
N GLY B 72 -0.60 -26.93 -4.96
CA GLY B 72 -1.67 -26.69 -5.90
C GLY B 72 -2.77 -25.82 -5.32
N ILE B 73 -2.39 -24.62 -4.86
CA ILE B 73 -3.36 -23.69 -4.31
C ILE B 73 -3.58 -22.59 -5.35
N GLU B 74 -4.73 -22.60 -6.01
CA GLU B 74 -5.02 -21.59 -7.03
C GLU B 74 -4.95 -20.19 -6.42
N PHE B 75 -4.17 -19.32 -7.05
CA PHE B 75 -4.00 -17.95 -6.58
C PHE B 75 -3.77 -16.98 -7.74
N VAL B 76 -3.93 -15.69 -7.46
CA VAL B 76 -3.71 -14.63 -8.46
C VAL B 76 -2.42 -13.88 -8.16
N ASP B 77 -1.49 -13.94 -9.10
CA ASP B 77 -0.21 -13.27 -8.91
C ASP B 77 -0.37 -11.82 -9.29
N ASN B 78 -0.92 -11.04 -8.39
CA ASN B 78 -1.10 -9.63 -8.65
C ASN B 78 0.05 -8.83 -8.04
N ALA B 79 1.17 -9.49 -7.75
CA ALA B 79 2.32 -8.82 -7.14
C ALA B 79 3.41 -8.46 -8.14
N ALA B 80 3.70 -9.41 -9.01
CA ALA B 80 4.73 -9.23 -10.01
C ALA B 80 4.30 -8.25 -11.12
N ASP B 81 5.11 -7.22 -11.32
CA ASP B 81 4.92 -6.17 -12.33
C ASP B 81 6.26 -6.08 -13.09
N PRO B 82 6.56 -7.11 -13.91
CA PRO B 82 7.81 -7.15 -14.68
C PRO B 82 7.95 -6.22 -15.88
N ILE B 83 9.10 -5.57 -15.96
CA ILE B 83 9.40 -4.69 -17.06
C ILE B 83 9.50 -5.66 -18.22
N PRO B 84 8.65 -5.51 -19.25
CA PRO B 84 8.69 -6.42 -20.39
C PRO B 84 10.08 -6.53 -21.04
N THR B 85 10.57 -7.77 -21.14
CA THR B 85 11.89 -8.07 -21.69
C THR B 85 11.87 -9.08 -22.83
N PRO B 86 12.80 -8.93 -23.81
CA PRO B 86 12.84 -9.86 -24.93
C PRO B 86 13.80 -10.99 -24.66
N TYR B 87 13.99 -11.85 -25.66
CA TYR B 87 14.91 -12.95 -25.53
C TYR B 87 16.29 -12.43 -25.94
N PHE B 88 17.19 -12.38 -24.97
CA PHE B 88 18.52 -11.89 -25.20
C PHE B 88 19.29 -12.81 -26.12
N ASP B 89 20.00 -12.20 -27.07
CA ASP B 89 20.82 -12.93 -28.01
C ASP B 89 22.15 -12.21 -27.99
N ALA B 90 23.11 -12.83 -27.32
CA ALA B 90 24.46 -12.33 -27.18
C ALA B 90 25.35 -13.55 -27.02
N GLU B 91 26.59 -13.48 -27.43
CA GLU B 91 27.43 -14.65 -27.28
C GLU B 91 28.42 -14.42 -26.14
N ILE B 92 28.02 -14.84 -24.95
CA ILE B 92 28.85 -14.66 -23.77
C ILE B 92 29.82 -15.83 -23.70
N SER B 93 31.09 -15.52 -23.92
CA SER B 93 32.14 -16.52 -23.88
C SER B 93 32.63 -16.70 -22.46
N LEU B 94 32.52 -17.91 -21.95
CA LEU B 94 32.95 -18.22 -20.60
C LEU B 94 34.09 -19.21 -20.55
N ARG B 95 34.99 -19.05 -19.59
CA ARG B 95 36.08 -19.99 -19.46
C ARG B 95 35.47 -21.14 -18.68
N ASP B 96 36.17 -22.25 -18.53
CA ASP B 96 35.63 -23.43 -17.84
C ASP B 96 35.18 -23.25 -16.39
N TYR B 97 35.95 -22.51 -15.60
CA TYR B 97 35.59 -22.32 -14.21
C TYR B 97 34.40 -21.38 -14.04
N GLN B 98 34.34 -20.36 -14.88
CA GLN B 98 33.25 -19.40 -14.84
C GLN B 98 32.01 -20.17 -15.28
N GLU B 99 32.26 -21.22 -16.04
CA GLU B 99 31.21 -22.07 -16.55
C GLU B 99 30.70 -22.96 -15.43
N LYS B 100 31.63 -23.45 -14.60
CA LYS B 100 31.30 -24.31 -13.45
C LYS B 100 30.51 -23.41 -12.48
N ALA B 101 31.08 -22.24 -12.19
CA ALA B 101 30.47 -21.22 -11.32
C ALA B 101 29.01 -20.92 -11.70
N LEU B 102 28.75 -20.76 -13.00
CA LEU B 102 27.41 -20.47 -13.50
C LEU B 102 26.47 -21.65 -13.44
N GLU B 103 27.00 -22.84 -13.66
CA GLU B 103 26.15 -24.02 -13.63
C GLU B 103 25.77 -24.30 -12.19
N ARG B 104 26.67 -23.97 -11.29
CA ARG B 104 26.46 -24.17 -9.86
C ARG B 104 25.46 -23.16 -9.29
N TRP B 105 25.39 -21.97 -9.88
CA TRP B 105 24.45 -20.94 -9.41
C TRP B 105 23.11 -21.17 -10.06
N LEU B 106 23.14 -21.67 -11.29
CA LEU B 106 21.93 -21.91 -12.05
C LEU B 106 21.08 -23.01 -11.43
N VAL B 107 21.57 -23.64 -10.37
CA VAL B 107 20.83 -24.70 -9.70
C VAL B 107 19.65 -24.09 -8.97
N ASP B 108 19.94 -23.15 -8.08
CA ASP B 108 18.90 -22.46 -7.31
C ASP B 108 18.66 -21.02 -7.78
N LYS B 109 19.62 -20.39 -8.46
CA LYS B 109 19.46 -19.00 -8.92
C LYS B 109 19.22 -18.07 -7.75
N ARG B 110 19.82 -18.41 -6.60
CA ARG B 110 19.70 -17.68 -5.35
C ARG B 110 21.01 -17.91 -4.61
N GLY B 111 22.01 -17.07 -4.82
CA GLY B 111 23.28 -17.28 -4.13
C GLY B 111 24.42 -16.41 -4.65
N CYS B 112 25.50 -16.35 -3.89
CA CYS B 112 26.67 -15.55 -4.24
C CYS B 112 27.84 -16.37 -4.78
N ILE B 113 28.58 -15.78 -5.72
CA ILE B 113 29.75 -16.43 -6.30
C ILE B 113 30.98 -15.66 -5.86
N VAL B 114 31.94 -16.37 -5.27
CA VAL B 114 33.14 -15.75 -4.79
C VAL B 114 34.27 -16.15 -5.72
N LEU B 115 34.89 -15.14 -6.34
CA LEU B 115 36.01 -15.32 -7.25
C LEU B 115 36.97 -14.16 -7.08
N PRO B 116 38.26 -14.40 -7.34
CA PRO B 116 39.29 -13.37 -7.19
C PRO B 116 39.03 -12.19 -8.11
N THR B 117 39.48 -11.02 -7.68
CA THR B 117 39.32 -9.82 -8.48
C THR B 117 40.01 -10.08 -9.82
N GLY B 118 39.27 -9.93 -10.92
CA GLY B 118 39.83 -10.14 -12.24
C GLY B 118 39.47 -11.46 -12.88
N SER B 119 38.80 -12.34 -12.14
CA SER B 119 38.40 -13.66 -12.68
C SER B 119 37.09 -13.68 -13.46
N GLY B 120 36.71 -12.53 -14.02
CA GLY B 120 35.49 -12.45 -14.82
C GLY B 120 34.15 -12.66 -14.15
N LYS B 121 33.98 -12.12 -12.95
CA LYS B 121 32.70 -12.25 -12.25
C LYS B 121 31.61 -11.64 -13.13
N THR B 122 31.95 -10.54 -13.78
CA THR B 122 31.03 -9.83 -14.64
C THR B 122 30.60 -10.65 -15.84
N HIS B 123 31.34 -11.71 -16.16
CA HIS B 123 31.03 -12.57 -17.32
C HIS B 123 29.95 -13.56 -16.93
N VAL B 124 30.07 -14.09 -15.73
CA VAL B 124 29.11 -15.02 -15.20
C VAL B 124 27.80 -14.29 -15.04
N ALA B 125 27.87 -13.04 -14.61
CA ALA B 125 26.68 -12.20 -14.45
C ALA B 125 26.04 -12.07 -15.82
N MET B 126 26.85 -11.65 -16.77
CA MET B 126 26.41 -11.46 -18.14
C MET B 126 25.78 -12.72 -18.71
N ALA B 127 26.38 -13.88 -18.40
CA ALA B 127 25.90 -15.16 -18.88
C ALA B 127 24.58 -15.52 -18.21
N ALA B 128 24.48 -15.20 -16.92
CA ALA B 128 23.28 -15.46 -16.15
C ALA B 128 22.15 -14.67 -16.79
N ILE B 129 22.29 -13.35 -16.85
CA ILE B 129 21.28 -12.49 -17.47
C ILE B 129 20.83 -13.03 -18.82
N ASN B 130 21.78 -13.53 -19.59
CA ASN B 130 21.49 -14.05 -20.92
C ASN B 130 20.62 -15.28 -20.89
N GLU B 131 20.98 -16.24 -20.04
CA GLU B 131 20.25 -17.48 -19.88
C GLU B 131 18.81 -17.28 -19.44
N LEU B 132 18.61 -16.40 -18.47
CA LEU B 132 17.28 -16.11 -17.90
C LEU B 132 16.43 -15.13 -18.70
N SER B 133 17.04 -14.10 -19.26
CA SER B 133 16.28 -13.12 -20.02
C SER B 133 15.06 -12.59 -19.28
N THR B 134 15.31 -12.02 -18.08
CA THR B 134 14.26 -11.43 -17.26
C THR B 134 14.71 -10.04 -16.92
N PRO B 135 13.74 -9.19 -16.47
CA PRO B 135 14.14 -7.83 -16.10
C PRO B 135 15.12 -8.03 -14.95
N THR B 136 16.30 -7.45 -15.12
CA THR B 136 17.39 -7.56 -14.19
C THR B 136 17.71 -6.18 -13.68
N LEU B 137 18.02 -6.10 -12.38
CA LEU B 137 18.43 -4.86 -11.74
C LEU B 137 19.84 -5.15 -11.25
N ILE B 138 20.77 -4.27 -11.59
CA ILE B 138 22.14 -4.43 -11.21
C ILE B 138 22.46 -3.34 -10.21
N VAL B 139 22.78 -3.72 -8.97
CA VAL B 139 23.10 -2.74 -7.94
C VAL B 139 24.61 -2.68 -7.76
N VAL B 140 25.20 -1.50 -7.87
CA VAL B 140 26.65 -1.36 -7.75
C VAL B 140 27.03 -0.28 -6.76
N PRO B 141 28.27 -0.32 -6.25
CA PRO B 141 28.73 0.68 -5.28
C PRO B 141 28.81 2.12 -5.78
N THR B 142 29.46 2.34 -6.92
CA THR B 142 29.63 3.69 -7.48
C THR B 142 28.95 3.91 -8.82
N LEU B 143 28.89 5.15 -9.27
CA LEU B 143 28.31 5.47 -10.58
C LEU B 143 29.27 5.11 -11.71
N ALA B 144 30.56 5.06 -11.41
CA ALA B 144 31.59 4.73 -12.42
C ALA B 144 31.51 3.27 -12.79
N LEU B 145 31.11 2.43 -11.84
CA LEU B 145 30.95 1.00 -12.09
C LEU B 145 29.65 0.85 -12.83
N ALA B 146 28.69 1.70 -12.47
CA ALA B 146 27.38 1.70 -13.10
C ALA B 146 27.52 1.94 -14.62
N GLU B 147 28.40 2.88 -14.98
CA GLU B 147 28.63 3.20 -16.39
C GLU B 147 29.38 2.06 -17.06
N GLN B 148 30.36 1.52 -16.33
CA GLN B 148 31.16 0.39 -16.81
C GLN B 148 30.23 -0.82 -17.10
N TRP B 149 29.20 -1.00 -16.28
CA TRP B 149 28.25 -2.09 -16.48
C TRP B 149 27.28 -1.82 -17.62
N LYS B 150 26.93 -0.56 -17.81
CA LYS B 150 26.01 -0.21 -18.89
C LYS B 150 26.63 -0.43 -20.26
N GLU B 151 27.94 -0.29 -20.36
CA GLU B 151 28.64 -0.49 -21.63
C GLU B 151 28.73 -1.96 -21.95
N ARG B 152 28.95 -2.74 -20.88
CA ARG B 152 29.06 -4.18 -20.93
C ARG B 152 27.72 -4.70 -21.40
N LEU B 153 26.69 -4.37 -20.63
CA LEU B 153 25.34 -4.77 -20.92
C LEU B 153 24.88 -4.40 -22.34
N GLY B 154 25.61 -3.50 -23.00
CA GLY B 154 25.28 -3.08 -24.36
C GLY B 154 25.16 -4.19 -25.41
N ILE B 155 25.84 -5.31 -25.16
CA ILE B 155 25.83 -6.50 -26.02
C ILE B 155 24.42 -7.04 -26.26
N PHE B 156 23.51 -6.72 -25.34
CA PHE B 156 22.13 -7.17 -25.42
C PHE B 156 21.33 -6.15 -26.22
N GLY B 157 21.92 -4.98 -26.41
CA GLY B 157 21.25 -3.91 -27.13
C GLY B 157 21.14 -2.66 -26.27
N GLU B 158 21.92 -1.64 -26.60
CA GLU B 158 21.89 -0.40 -25.86
C GLU B 158 20.48 0.11 -25.59
N GLU B 159 19.51 -0.31 -26.39
CA GLU B 159 18.14 0.18 -26.18
C GLU B 159 17.38 -0.51 -25.05
N TYR B 160 18.01 -1.52 -24.46
CA TYR B 160 17.45 -2.30 -23.37
C TYR B 160 18.10 -1.95 -22.03
N VAL B 161 19.22 -1.23 -22.08
CA VAL B 161 19.91 -0.88 -20.86
C VAL B 161 19.55 0.52 -20.35
N GLY B 162 19.24 0.58 -19.05
CA GLY B 162 18.91 1.84 -18.44
C GLY B 162 19.68 2.09 -17.18
N GLU B 163 19.37 3.19 -16.52
CA GLU B 163 20.00 3.56 -15.29
C GLU B 163 18.95 4.14 -14.38
N PHE B 164 18.99 3.79 -13.11
CA PHE B 164 18.06 4.36 -12.13
C PHE B 164 18.92 4.91 -11.00
N SER B 165 19.15 6.21 -11.07
CA SER B 165 19.98 6.88 -10.11
C SER B 165 19.35 8.25 -9.85
N GLY B 166 20.17 9.22 -9.45
CA GLY B 166 19.66 10.55 -9.21
C GLY B 166 19.90 11.37 -10.46
N ARG B 167 20.90 10.97 -11.22
CA ARG B 167 21.26 11.65 -12.45
C ARG B 167 20.21 11.38 -13.50
N ILE B 168 19.57 10.23 -13.37
CA ILE B 168 18.57 9.82 -14.34
C ILE B 168 17.72 8.69 -13.79
N LYS B 169 16.50 8.56 -14.30
CA LYS B 169 15.57 7.54 -13.87
C LYS B 169 14.79 6.94 -15.03
N GLU B 170 15.19 5.75 -15.48
CA GLU B 170 14.52 5.05 -16.57
C GLU B 170 14.43 3.57 -16.24
N LEU B 171 13.26 2.99 -16.44
CA LEU B 171 13.06 1.58 -16.15
C LEU B 171 13.27 0.74 -17.40
N LYS B 172 14.45 0.14 -17.48
CA LYS B 172 14.82 -0.69 -18.60
C LYS B 172 14.86 -2.18 -18.19
N PRO B 173 14.74 -3.11 -19.16
CA PRO B 173 14.79 -4.54 -18.81
C PRO B 173 16.07 -4.79 -18.03
N LEU B 174 17.17 -4.24 -18.52
CA LEU B 174 18.45 -4.34 -17.82
C LEU B 174 18.70 -2.94 -17.26
N THR B 175 18.35 -2.77 -15.98
CA THR B 175 18.50 -1.50 -15.28
C THR B 175 19.68 -1.55 -14.34
N VAL B 176 20.44 -0.48 -14.29
CA VAL B 176 21.60 -0.42 -13.41
C VAL B 176 21.39 0.68 -12.37
N SER B 177 21.69 0.39 -11.12
CA SER B 177 21.48 1.39 -10.09
C SER B 177 22.57 1.26 -9.08
N THR B 178 22.66 2.20 -8.15
CA THR B 178 23.65 2.15 -7.10
C THR B 178 22.92 1.66 -5.86
N TYR B 179 23.67 1.24 -4.87
CA TYR B 179 23.05 0.76 -3.64
C TYR B 179 22.27 1.88 -2.99
N ASP B 180 22.79 3.09 -3.11
CA ASP B 180 22.15 4.23 -2.52
C ASP B 180 20.86 4.57 -3.25
N SER B 181 20.90 4.63 -4.57
CA SER B 181 19.71 4.95 -5.35
C SER B 181 18.66 3.85 -5.24
N ALA B 182 19.10 2.60 -5.20
CA ALA B 182 18.18 1.48 -5.11
C ALA B 182 17.56 1.41 -3.72
N TYR B 183 18.33 1.77 -2.70
CA TYR B 183 17.85 1.75 -1.34
C TYR B 183 16.70 2.75 -1.21
N VAL B 184 16.96 4.00 -1.60
CA VAL B 184 15.96 5.05 -1.52
C VAL B 184 14.66 4.78 -2.27
N ASN B 185 14.74 4.02 -3.38
CA ASN B 185 13.59 3.68 -4.23
C ASN B 185 13.20 2.20 -4.19
N ALA B 186 13.58 1.51 -3.12
CA ALA B 186 13.30 0.10 -3.01
C ALA B 186 11.83 -0.22 -3.15
N GLU B 187 10.97 0.61 -2.59
CA GLU B 187 9.54 0.35 -2.66
C GLU B 187 9.10 0.42 -4.13
N LYS B 188 9.69 1.34 -4.89
CA LYS B 188 9.35 1.54 -6.29
C LYS B 188 9.94 0.49 -7.23
N LEU B 189 11.17 0.10 -7.00
CA LEU B 189 11.79 -0.88 -7.87
C LEU B 189 11.37 -2.29 -7.53
N GLY B 190 10.90 -2.47 -6.30
CA GLY B 190 10.52 -3.78 -5.77
C GLY B 190 9.82 -4.89 -6.54
N ASN B 191 8.94 -4.52 -7.46
CA ASN B 191 8.17 -5.52 -8.20
C ASN B 191 8.40 -5.46 -9.71
N ARG B 192 9.41 -4.69 -10.11
CA ARG B 192 9.70 -4.52 -11.51
C ARG B 192 10.72 -5.50 -12.05
N PHE B 193 11.60 -6.02 -11.18
CA PHE B 193 12.64 -6.96 -11.61
C PHE B 193 12.47 -8.39 -11.13
N MET B 194 13.17 -9.31 -11.79
CA MET B 194 13.11 -10.72 -11.45
C MET B 194 14.48 -11.23 -11.09
N LEU B 195 15.49 -10.56 -11.58
CA LEU B 195 16.85 -10.96 -11.33
C LEU B 195 17.56 -9.79 -10.72
N LEU B 196 18.24 -10.02 -9.61
CA LEU B 196 18.96 -8.97 -8.96
C LEU B 196 20.40 -9.39 -8.93
N ILE B 197 21.29 -8.50 -9.32
CA ILE B 197 22.68 -8.83 -9.30
C ILE B 197 23.31 -7.76 -8.47
N PHE B 198 24.04 -8.20 -7.45
CA PHE B 198 24.71 -7.29 -6.55
C PHE B 198 26.20 -7.43 -6.75
N ASP B 199 26.84 -6.45 -7.38
CA ASP B 199 28.28 -6.48 -7.58
C ASP B 199 28.87 -6.10 -6.20
N GLU B 200 30.01 -6.68 -5.83
CA GLU B 200 30.62 -6.39 -4.54
C GLU B 200 29.46 -6.45 -3.58
N VAL B 201 28.88 -7.63 -3.46
CA VAL B 201 27.73 -7.84 -2.59
C VAL B 201 28.02 -7.75 -1.09
N HIS B 202 29.29 -7.63 -0.71
CA HIS B 202 29.62 -7.50 0.71
C HIS B 202 29.09 -6.16 1.26
N HIS B 203 28.61 -5.29 0.37
CA HIS B 203 28.07 -4.00 0.77
C HIS B 203 26.61 -4.09 1.17
N LEU B 204 25.95 -5.11 0.64
CA LEU B 204 24.55 -5.29 0.87
C LEU B 204 24.02 -5.42 2.30
N PRO B 205 24.67 -6.26 3.13
CA PRO B 205 24.22 -6.48 4.51
C PRO B 205 24.02 -5.22 5.39
N ALA B 206 24.46 -4.06 4.93
CA ALA B 206 24.28 -2.86 5.72
C ALA B 206 22.81 -2.86 6.12
N GLU B 207 22.47 -2.25 7.24
CA GLU B 207 21.07 -2.20 7.68
C GLU B 207 20.17 -1.41 6.72
N SER B 208 20.76 -0.56 5.88
CA SER B 208 19.96 0.19 4.92
C SER B 208 19.84 -0.62 3.65
N TYR B 209 20.95 -0.80 2.95
CA TYR B 209 20.96 -1.56 1.69
C TYR B 209 20.22 -2.86 1.76
N VAL B 210 20.35 -3.55 2.88
CA VAL B 210 19.70 -4.86 3.01
C VAL B 210 18.26 -4.80 2.58
N GLN B 211 17.64 -3.63 2.74
CA GLN B 211 16.25 -3.48 2.33
C GLN B 211 16.07 -3.55 0.83
N ILE B 212 17.08 -3.11 0.09
CA ILE B 212 16.97 -3.18 -1.35
C ILE B 212 16.54 -4.60 -1.70
N ALA B 213 17.11 -5.59 -1.00
CA ALA B 213 16.83 -7.00 -1.25
C ALA B 213 15.62 -7.52 -0.51
N GLN B 214 15.36 -7.01 0.68
CA GLN B 214 14.21 -7.45 1.45
C GLN B 214 12.93 -6.97 0.78
N MET B 215 12.97 -5.75 0.27
CA MET B 215 11.81 -5.14 -0.38
C MET B 215 11.60 -5.51 -1.84
N SER B 216 12.39 -6.44 -2.34
CA SER B 216 12.27 -6.87 -3.72
C SER B 216 11.69 -8.27 -3.81
N ILE B 217 10.77 -8.48 -4.75
CA ILE B 217 10.17 -9.79 -4.94
C ILE B 217 10.97 -10.64 -5.93
N ALA B 218 12.08 -10.11 -6.43
CA ALA B 218 12.90 -10.81 -7.42
C ALA B 218 13.33 -12.16 -6.93
N PRO B 219 12.82 -13.23 -7.56
CA PRO B 219 13.16 -14.59 -7.15
C PRO B 219 14.58 -15.01 -7.45
N PHE B 220 15.20 -14.42 -8.47
CA PHE B 220 16.57 -14.79 -8.78
C PHE B 220 17.53 -13.76 -8.25
N ARG B 221 18.56 -14.23 -7.58
CA ARG B 221 19.56 -13.35 -6.99
C ARG B 221 20.98 -13.82 -7.16
N LEU B 222 21.86 -12.90 -7.55
CA LEU B 222 23.25 -13.22 -7.78
C LEU B 222 24.16 -12.15 -7.20
N GLY B 223 24.86 -12.50 -6.13
CA GLY B 223 25.79 -11.58 -5.51
C GLY B 223 27.17 -11.93 -5.99
N LEU B 224 28.00 -10.92 -6.22
CA LEU B 224 29.36 -11.13 -6.71
C LEU B 224 30.31 -10.47 -5.74
N THR B 225 31.35 -11.19 -5.37
CA THR B 225 32.32 -10.64 -4.43
C THR B 225 33.64 -11.40 -4.41
N ALA B 226 34.68 -10.75 -3.90
CA ALA B 226 36.00 -11.36 -3.77
C ALA B 226 36.24 -11.68 -2.26
N THR B 227 35.22 -11.43 -1.44
CA THR B 227 35.33 -11.70 -0.02
C THR B 227 33.93 -11.68 0.57
N PHE B 228 33.27 -12.84 0.48
CA PHE B 228 31.92 -13.01 1.01
C PHE B 228 31.86 -12.72 2.48
N GLU B 229 32.99 -12.90 3.14
CA GLU B 229 33.08 -12.69 4.57
C GLU B 229 33.23 -11.22 4.93
N ARG B 230 32.37 -10.78 5.84
CA ARG B 230 32.40 -9.42 6.34
C ARG B 230 32.83 -9.49 7.81
N GLU B 231 33.74 -8.60 8.17
CA GLU B 231 34.29 -8.50 9.52
C GLU B 231 33.24 -8.50 10.64
N ASP B 232 32.29 -7.58 10.59
CA ASP B 232 31.23 -7.48 11.59
C ASP B 232 30.40 -8.74 11.66
N GLY B 233 30.63 -9.64 10.71
CA GLY B 233 29.93 -10.90 10.68
C GLY B 233 28.57 -10.81 10.03
N ARG B 234 28.22 -9.61 9.57
CA ARG B 234 26.93 -9.35 8.94
C ARG B 234 26.57 -10.13 7.66
N HIS B 235 27.55 -10.77 7.04
CA HIS B 235 27.31 -11.52 5.81
C HIS B 235 26.40 -12.70 6.10
N GLU B 236 25.98 -12.86 7.35
CA GLU B 236 25.10 -13.97 7.67
C GLU B 236 23.68 -13.74 7.16
N ILE B 237 23.33 -12.49 6.91
CA ILE B 237 21.99 -12.15 6.44
C ILE B 237 21.80 -12.42 4.94
N LEU B 238 22.92 -12.48 4.21
CA LEU B 238 22.90 -12.72 2.78
C LEU B 238 22.28 -14.08 2.49
N LYS B 239 22.64 -15.08 3.28
CA LYS B 239 22.11 -16.42 3.07
C LYS B 239 20.59 -16.40 2.88
N GLU B 240 19.91 -15.55 3.65
CA GLU B 240 18.47 -15.49 3.59
C GLU B 240 17.90 -14.50 2.57
N VAL B 241 18.64 -13.45 2.23
CA VAL B 241 18.12 -12.46 1.30
C VAL B 241 18.61 -12.57 -0.15
N VAL B 242 19.82 -13.07 -0.31
CA VAL B 242 20.44 -13.26 -1.62
C VAL B 242 20.63 -14.75 -1.81
N GLY B 243 21.18 -15.39 -0.78
CA GLY B 243 21.44 -16.81 -0.81
C GLY B 243 22.87 -16.98 -0.35
N GLY B 244 23.19 -18.11 0.26
CA GLY B 244 24.55 -18.32 0.74
C GLY B 244 25.53 -18.56 -0.38
N LYS B 245 26.81 -18.81 -0.05
CA LYS B 245 27.82 -19.08 -1.06
C LYS B 245 27.46 -20.39 -1.74
N VAL B 246 27.44 -20.37 -3.08
CA VAL B 246 27.13 -21.56 -3.88
C VAL B 246 28.36 -22.02 -4.66
N PHE B 247 29.39 -21.17 -4.67
CA PHE B 247 30.62 -21.46 -5.37
C PHE B 247 31.70 -20.47 -4.97
N GLU B 248 32.83 -20.98 -4.50
CA GLU B 248 33.95 -20.12 -4.11
C GLU B 248 35.22 -20.56 -4.82
N LEU B 249 36.21 -19.67 -4.84
CA LEU B 249 37.48 -19.96 -5.49
C LEU B 249 38.55 -19.09 -4.86
N PHE B 250 39.63 -19.70 -4.42
CA PHE B 250 40.72 -18.97 -3.80
C PHE B 250 41.82 -18.66 -4.82
N PRO B 251 42.33 -17.41 -4.82
CA PRO B 251 43.38 -16.98 -5.75
C PRO B 251 44.47 -18.03 -6.05
N ASP B 252 44.83 -18.85 -5.07
CA ASP B 252 45.85 -19.86 -5.27
C ASP B 252 45.43 -20.93 -6.28
N SER B 253 44.15 -21.24 -6.31
CA SER B 253 43.62 -22.27 -7.22
C SER B 253 43.42 -21.85 -8.68
N LEU B 254 44.26 -20.96 -9.19
CA LEU B 254 44.11 -20.54 -10.58
C LEU B 254 45.40 -20.83 -11.33
N ALA B 255 46.01 -21.96 -11.02
CA ALA B 255 47.25 -22.34 -11.66
C ALA B 255 47.13 -23.62 -12.48
N GLY B 256 48.28 -24.23 -12.75
CA GLY B 256 48.33 -25.45 -13.52
C GLY B 256 47.72 -25.26 -14.90
N LYS B 257 47.69 -26.34 -15.68
CA LYS B 257 47.08 -26.25 -17.01
C LYS B 257 45.72 -25.64 -16.77
N HIS B 258 45.13 -25.04 -17.79
CA HIS B 258 43.87 -24.37 -17.58
C HIS B 258 42.79 -24.59 -18.63
N LYS B 261 42.01 -23.64 -22.55
CA LYS B 261 42.30 -24.28 -23.84
C LYS B 261 41.08 -24.13 -24.76
N TYR B 262 39.99 -23.59 -24.19
CA TYR B 262 38.74 -23.35 -24.91
C TYR B 262 37.78 -22.49 -24.08
N THR B 263 36.94 -21.72 -24.78
CA THR B 263 35.96 -20.84 -24.17
C THR B 263 34.59 -21.28 -24.65
N ILE B 264 33.59 -21.18 -23.78
CA ILE B 264 32.23 -21.58 -24.13
C ILE B 264 31.32 -20.40 -24.43
N LYS B 265 30.59 -20.50 -25.54
CA LYS B 265 29.62 -19.49 -25.95
C LYS B 265 28.32 -20.25 -26.09
N ARG B 266 27.36 -20.01 -25.21
CA ARG B 266 26.06 -20.68 -25.29
C ARG B 266 25.19 -19.83 -26.18
N ILE B 267 24.51 -20.45 -27.13
CA ILE B 267 23.63 -19.71 -28.02
C ILE B 267 22.22 -20.27 -27.95
N PHE B 268 21.28 -19.39 -27.61
CA PHE B 268 19.88 -19.76 -27.51
C PHE B 268 19.19 -19.33 -28.78
N VAL B 269 18.21 -20.09 -29.22
CA VAL B 269 17.50 -19.74 -30.42
C VAL B 269 16.02 -19.87 -30.13
N PRO B 270 15.23 -18.90 -30.60
CA PRO B 270 13.80 -18.97 -30.35
C PRO B 270 13.12 -19.94 -31.31
N LEU B 271 12.07 -20.59 -30.80
CA LEU B 271 11.33 -21.54 -31.59
C LEU B 271 10.49 -20.86 -32.64
N ALA B 272 10.62 -21.30 -33.88
CA ALA B 272 9.82 -20.75 -34.97
C ALA B 272 8.38 -20.93 -34.50
N GLU B 273 7.57 -19.89 -34.64
CA GLU B 273 6.17 -19.92 -34.20
C GLU B 273 5.40 -21.22 -34.48
N ASP B 274 5.61 -21.84 -35.64
CA ASP B 274 4.90 -23.09 -35.94
C ASP B 274 5.22 -24.09 -34.84
N GLU B 275 6.50 -24.14 -34.50
CA GLU B 275 7.00 -25.06 -33.51
C GLU B 275 6.48 -24.74 -32.11
N ARG B 276 6.71 -23.50 -31.66
CA ARG B 276 6.28 -23.08 -30.33
C ARG B 276 4.89 -23.64 -30.02
N VAL B 277 4.02 -23.62 -31.02
CA VAL B 277 2.66 -24.12 -30.86
C VAL B 277 2.69 -25.58 -30.40
N GLU B 278 3.18 -26.46 -31.26
CA GLU B 278 3.25 -27.89 -30.92
C GLU B 278 4.23 -28.22 -29.80
N TYR B 279 5.08 -27.26 -29.47
CA TYR B 279 6.03 -27.47 -28.39
C TYR B 279 5.25 -27.25 -27.11
N GLU B 280 4.49 -26.15 -27.08
CA GLU B 280 3.69 -25.82 -25.90
C GLU B 280 2.44 -26.69 -25.80
N LYS B 281 1.97 -27.17 -26.95
CA LYS B 281 0.79 -28.02 -26.97
C LYS B 281 1.21 -29.41 -26.52
N ARG B 282 2.48 -29.51 -26.10
CA ARG B 282 3.05 -30.76 -25.64
C ARG B 282 3.57 -30.68 -24.21
N GLU B 283 3.28 -29.57 -23.52
CA GLU B 283 3.73 -29.42 -22.14
C GLU B 283 2.63 -29.06 -21.15
N LYS B 284 1.55 -28.43 -21.62
CA LYS B 284 0.43 -28.08 -20.74
C LYS B 284 -0.23 -29.38 -20.29
N VAL B 285 0.41 -30.48 -20.68
CA VAL B 285 -0.05 -31.83 -20.36
C VAL B 285 0.53 -32.34 -19.04
N TYR B 286 1.82 -32.11 -18.82
CA TYR B 286 2.43 -32.57 -17.58
C TYR B 286 2.58 -31.55 -16.45
N LYS B 287 2.46 -30.26 -16.77
CA LYS B 287 2.55 -29.23 -15.72
C LYS B 287 1.34 -29.46 -14.82
N GLN B 288 0.28 -29.96 -15.45
CA GLN B 288 -1.00 -30.26 -14.82
C GLN B 288 -0.90 -31.70 -14.30
N PHE B 289 0.29 -32.27 -14.42
CA PHE B 289 0.56 -33.63 -13.97
C PHE B 289 1.39 -33.51 -12.71
N LEU B 290 2.47 -32.74 -12.81
CA LEU B 290 3.37 -32.53 -11.68
C LEU B 290 2.63 -31.81 -10.57
N ARG B 291 2.13 -30.61 -10.86
CA ARG B 291 1.39 -29.86 -9.86
C ARG B 291 0.05 -30.56 -9.60
N ALA B 292 -0.16 -31.70 -10.27
CA ALA B 292 -1.39 -32.48 -10.12
C ALA B 292 -1.31 -33.40 -8.89
N ARG B 293 -0.67 -34.55 -9.06
CA ARG B 293 -0.52 -35.51 -7.96
C ARG B 293 0.18 -34.84 -6.77
N GLY B 294 0.79 -33.69 -7.04
CA GLY B 294 1.50 -32.95 -5.99
C GLY B 294 2.98 -32.81 -6.27
N ILE B 295 3.67 -33.93 -6.43
CA ILE B 295 5.10 -33.94 -6.70
C ILE B 295 5.39 -33.46 -8.10
N THR B 296 5.95 -32.26 -8.18
CA THR B 296 6.30 -31.64 -9.45
C THR B 296 7.74 -31.92 -9.85
N ARG B 298 13.88 -29.18 -10.98
CA ARG B 298 15.22 -29.55 -10.50
C ARG B 298 16.29 -29.71 -11.59
N ARG B 299 16.97 -30.86 -11.59
CA ARG B 299 18.04 -31.14 -12.54
C ARG B 299 17.65 -32.23 -13.55
N ALA B 300 17.71 -31.88 -14.83
CA ALA B 300 17.36 -32.80 -15.92
C ALA B 300 15.91 -33.26 -15.73
N GLU B 301 15.25 -32.68 -14.73
CA GLU B 301 13.88 -33.01 -14.37
C GLU B 301 13.87 -34.42 -13.79
N ASP B 302 14.74 -34.63 -12.80
CA ASP B 302 14.93 -35.93 -12.14
C ASP B 302 13.67 -36.64 -11.66
N PHE B 303 12.53 -36.37 -12.30
CA PHE B 303 11.27 -37.00 -11.94
C PHE B 303 10.87 -38.09 -12.93
N ASN B 304 11.25 -37.92 -14.21
CA ASN B 304 10.95 -38.91 -15.25
C ASN B 304 11.77 -40.16 -15.01
N LYS B 305 12.70 -40.05 -14.07
CA LYS B 305 13.59 -41.12 -13.66
C LYS B 305 12.77 -42.11 -12.85
N ILE B 306 11.76 -41.58 -12.16
CA ILE B 306 10.86 -42.38 -11.33
C ILE B 306 9.57 -42.59 -12.10
N VAL B 307 9.56 -42.13 -13.35
CA VAL B 307 8.39 -42.26 -14.21
C VAL B 307 8.73 -43.17 -15.39
N MET B 308 10.01 -43.45 -15.55
CA MET B 308 10.50 -44.33 -16.61
C MET B 308 10.92 -45.69 -16.09
N TYR B 317 3.29 -43.12 -23.89
CA TYR B 317 2.13 -43.06 -23.01
C TYR B 317 1.32 -41.78 -23.23
N GLU B 318 1.17 -41.01 -22.16
CA GLU B 318 0.43 -39.75 -22.18
C GLU B 318 1.32 -38.53 -21.91
N ALA B 319 1.94 -38.50 -20.73
CA ALA B 319 2.82 -37.40 -20.35
C ALA B 319 4.23 -37.70 -20.80
N LEU B 320 4.54 -38.97 -20.98
CA LEU B 320 5.86 -39.38 -21.43
C LEU B 320 6.01 -38.91 -22.86
N ARG B 321 5.04 -39.28 -23.69
CA ARG B 321 5.03 -38.88 -25.11
C ARG B 321 5.27 -37.39 -25.24
N ALA B 322 4.86 -36.63 -24.23
CA ALA B 322 5.02 -35.18 -24.22
C ALA B 322 6.49 -34.76 -24.14
N TRP B 323 7.18 -35.16 -23.07
CA TRP B 323 8.59 -34.83 -22.90
C TRP B 323 9.38 -35.59 -23.95
N GLU B 324 8.66 -36.22 -24.86
CA GLU B 324 9.26 -36.97 -25.94
C GLU B 324 9.04 -36.20 -27.23
N GLU B 325 7.95 -35.45 -27.30
CA GLU B 325 7.66 -34.68 -28.50
C GLU B 325 8.21 -33.25 -28.41
N ALA B 326 8.36 -32.76 -27.20
CA ALA B 326 8.90 -31.41 -27.00
C ALA B 326 10.40 -31.44 -27.31
N ARG B 327 11.18 -32.13 -26.47
CA ARG B 327 12.62 -32.22 -26.67
C ARG B 327 12.96 -32.55 -28.12
N ARG B 328 12.00 -33.13 -28.83
CA ARG B 328 12.19 -33.49 -30.23
C ARG B 328 12.03 -32.24 -31.11
N ILE B 329 10.93 -31.53 -30.90
CA ILE B 329 10.65 -30.30 -31.66
C ILE B 329 11.57 -29.16 -31.22
N ALA B 330 12.43 -29.43 -30.24
CA ALA B 330 13.39 -28.44 -29.74
C ALA B 330 14.80 -28.82 -30.21
N PHE B 331 14.98 -30.07 -30.59
CA PHE B 331 16.26 -30.55 -31.07
C PHE B 331 16.33 -30.27 -32.57
N ASN B 332 15.16 -30.26 -33.21
CA ASN B 332 15.04 -30.02 -34.64
C ASN B 332 15.25 -28.54 -34.98
N SER B 333 14.30 -27.72 -34.58
CA SER B 333 14.30 -26.28 -34.82
C SER B 333 14.99 -25.81 -36.08
N LYS B 334 14.20 -25.31 -37.01
CA LYS B 334 14.72 -24.80 -38.28
C LYS B 334 15.74 -23.73 -37.92
N ASN B 335 15.39 -22.90 -36.93
CA ASN B 335 16.27 -21.81 -36.49
C ASN B 335 17.63 -22.30 -35.99
N LYS B 336 17.70 -23.54 -35.51
CA LYS B 336 18.96 -24.11 -35.03
C LYS B 336 19.95 -24.15 -36.18
N ILE B 337 19.56 -24.92 -37.20
CA ILE B 337 20.35 -25.10 -38.40
C ILE B 337 20.66 -23.74 -39.06
N ARG B 338 19.66 -22.89 -39.17
CA ARG B 338 19.86 -21.56 -39.77
C ARG B 338 21.00 -20.87 -39.03
N LYS B 339 21.04 -21.11 -37.72
CA LYS B 339 22.05 -20.54 -36.85
C LYS B 339 23.34 -21.30 -37.11
N LEU B 340 23.25 -22.62 -37.22
CA LEU B 340 24.45 -23.40 -37.49
C LEU B 340 25.04 -22.90 -38.80
N ARG B 341 24.16 -22.75 -39.81
CA ARG B 341 24.61 -22.26 -41.10
C ARG B 341 25.47 -21.04 -40.86
N GLU B 342 25.08 -20.23 -39.87
CA GLU B 342 25.79 -19.00 -39.52
C GLU B 342 27.17 -19.30 -38.89
N ILE B 343 27.22 -20.29 -37.99
CA ILE B 343 28.47 -20.65 -37.33
C ILE B 343 29.48 -21.22 -38.31
N LEU B 344 29.00 -22.16 -39.12
CA LEU B 344 29.83 -22.81 -40.14
C LEU B 344 30.47 -21.75 -41.01
N GLU B 345 29.66 -20.79 -41.47
CA GLU B 345 30.18 -19.71 -42.31
C GLU B 345 31.25 -18.90 -41.56
N ARG B 346 30.97 -18.44 -40.35
CA ARG B 346 31.97 -17.68 -39.63
C ARG B 346 33.21 -18.53 -39.41
N HIS B 347 33.01 -19.85 -39.39
CA HIS B 347 34.11 -20.80 -39.19
C HIS B 347 34.31 -21.76 -40.36
N ARG B 348 35.04 -21.29 -41.37
CA ARG B 348 35.32 -22.07 -42.57
C ARG B 348 36.83 -22.16 -42.84
N LYS B 349 37.63 -21.59 -41.94
CA LYS B 349 39.08 -21.65 -42.10
C LYS B 349 39.65 -22.43 -40.92
N ASP B 350 38.79 -23.23 -40.30
CA ASP B 350 39.18 -24.06 -39.17
C ASP B 350 38.31 -25.32 -39.12
N LYS B 351 38.93 -26.47 -38.98
CA LYS B 351 38.18 -27.71 -38.91
C LYS B 351 37.30 -27.63 -37.68
N ILE B 352 36.05 -28.07 -37.81
CA ILE B 352 35.12 -28.01 -36.70
C ILE B 352 34.34 -29.33 -36.55
N ILE B 353 33.78 -29.57 -35.36
CA ILE B 353 33.05 -30.82 -35.14
C ILE B 353 31.64 -30.65 -34.59
N ILE B 354 30.64 -30.61 -35.46
CA ILE B 354 29.30 -30.52 -34.92
C ILE B 354 29.14 -31.78 -34.07
N PHE B 355 28.08 -31.82 -33.27
CA PHE B 355 27.83 -32.96 -32.41
C PHE B 355 26.41 -32.84 -31.93
N THR B 356 25.68 -33.94 -31.92
CA THR B 356 24.32 -33.93 -31.45
C THR B 356 23.96 -35.29 -30.85
N ARG B 357 23.32 -35.26 -29.68
CA ARG B 357 22.91 -36.46 -28.96
C ARG B 357 21.50 -36.83 -29.41
N HIS B 358 21.21 -36.60 -30.69
CA HIS B 358 19.88 -36.87 -31.24
C HIS B 358 19.88 -37.79 -32.47
N ASN B 359 19.02 -38.80 -32.40
CA ASN B 359 18.83 -39.82 -33.44
C ASN B 359 17.99 -39.29 -34.62
N GLU B 360 18.41 -38.18 -35.23
CA GLU B 360 17.68 -37.58 -36.34
C GLU B 360 18.38 -36.32 -36.81
N LEU B 361 18.76 -35.49 -35.83
CA LEU B 361 19.47 -34.25 -36.13
C LEU B 361 20.70 -34.65 -36.94
N VAL B 362 21.17 -35.86 -36.66
CA VAL B 362 22.32 -36.44 -37.33
C VAL B 362 22.25 -36.27 -38.85
N TYR B 363 21.35 -37.02 -39.48
CA TYR B 363 21.18 -36.98 -40.93
C TYR B 363 21.04 -35.54 -41.40
N ARG B 364 19.94 -34.91 -41.00
CA ARG B 364 19.63 -33.53 -41.39
C ARG B 364 20.87 -32.64 -41.55
N ILE B 365 21.69 -32.51 -40.52
CA ILE B 365 22.87 -31.66 -40.65
C ILE B 365 23.79 -32.23 -41.70
N SER B 366 24.12 -33.51 -41.57
CA SER B 366 25.02 -34.19 -42.49
C SER B 366 24.65 -34.04 -43.96
N LYS B 367 23.35 -34.00 -44.24
CA LYS B 367 22.89 -33.85 -45.60
C LYS B 367 22.54 -32.40 -45.98
N VAL B 368 21.71 -31.75 -45.16
CA VAL B 368 21.32 -30.37 -45.45
C VAL B 368 22.60 -29.57 -45.77
N PHE B 369 23.74 -30.12 -45.34
CA PHE B 369 25.04 -29.50 -45.61
C PHE B 369 25.94 -30.56 -46.23
N LEU B 370 27.04 -30.12 -46.83
CA LEU B 370 28.00 -31.04 -47.44
C LEU B 370 28.82 -31.60 -46.29
N ILE B 371 28.15 -32.24 -45.33
CA ILE B 371 28.86 -32.75 -44.16
C ILE B 371 28.91 -34.26 -43.97
N PRO B 372 30.14 -34.77 -43.73
CA PRO B 372 30.47 -36.18 -43.50
C PRO B 372 30.07 -36.61 -42.10
N ALA B 373 28.90 -37.21 -41.97
CA ALA B 373 28.42 -37.67 -40.67
C ALA B 373 29.24 -38.86 -40.17
N ILE B 374 29.04 -39.21 -38.91
CA ILE B 374 29.74 -40.32 -38.28
C ILE B 374 28.84 -40.79 -37.16
N THR B 375 27.55 -40.92 -37.46
CA THR B 375 26.56 -41.37 -36.49
C THR B 375 26.93 -42.78 -36.04
N HIS B 376 25.93 -43.55 -35.64
CA HIS B 376 26.19 -44.93 -35.22
C HIS B 376 25.61 -45.86 -36.30
N ARG B 377 25.58 -45.36 -37.52
CA ARG B 377 25.07 -46.08 -38.68
C ARG B 377 26.25 -46.34 -39.63
N THR B 378 27.47 -46.07 -39.15
CA THR B 378 28.68 -46.29 -39.97
C THR B 378 29.33 -47.59 -39.52
N SER B 379 28.79 -48.15 -38.44
CA SER B 379 29.31 -49.37 -37.87
C SER B 379 30.68 -49.05 -37.29
N ARG B 380 31.67 -48.95 -38.17
CA ARG B 380 33.05 -48.66 -37.80
C ARG B 380 33.85 -48.33 -39.04
N GLU B 381 33.59 -49.10 -40.09
CA GLU B 381 34.27 -48.95 -41.37
C GLU B 381 34.38 -47.51 -41.86
N GLU B 382 33.25 -46.86 -42.09
CA GLU B 382 33.25 -45.49 -42.57
C GLU B 382 33.81 -44.55 -41.51
N ARG B 383 33.50 -44.84 -40.25
CA ARG B 383 34.00 -44.02 -39.16
C ARG B 383 35.47 -43.74 -39.36
N GLU B 384 36.27 -44.81 -39.44
CA GLU B 384 37.71 -44.66 -39.64
C GLU B 384 37.91 -43.85 -40.91
N GLU B 385 37.17 -44.23 -41.93
CA GLU B 385 37.21 -43.59 -43.24
C GLU B 385 36.94 -42.08 -43.20
N ILE B 386 36.36 -41.57 -42.11
CA ILE B 386 36.05 -40.15 -42.03
C ILE B 386 36.98 -39.31 -41.15
N LEU B 387 37.49 -39.88 -40.06
CA LEU B 387 38.41 -39.12 -39.21
C LEU B 387 39.76 -39.12 -39.94
N GLU B 388 39.83 -39.93 -40.99
CA GLU B 388 41.02 -40.04 -41.83
C GLU B 388 40.97 -38.94 -42.89
N GLY B 389 39.78 -38.37 -43.08
CA GLY B 389 39.58 -37.31 -44.07
C GLY B 389 39.25 -35.97 -43.43
N PHE B 390 39.62 -35.84 -42.17
CA PHE B 390 39.41 -34.63 -41.40
C PHE B 390 40.79 -34.34 -40.82
N ARG B 391 41.64 -35.36 -40.86
CA ARG B 391 43.01 -35.31 -40.36
C ARG B 391 43.86 -34.50 -41.34
N THR B 392 43.74 -34.84 -42.61
CA THR B 392 44.47 -34.17 -43.67
C THR B 392 43.77 -32.84 -43.93
N GLY B 393 42.56 -32.71 -43.36
CA GLY B 393 41.78 -31.52 -43.55
C GLY B 393 40.96 -31.69 -44.81
N ARG B 394 40.62 -32.94 -45.13
CA ARG B 394 39.84 -33.25 -46.32
C ARG B 394 38.44 -32.67 -46.26
N PHE B 395 37.84 -32.71 -45.07
CA PHE B 395 36.49 -32.20 -44.87
C PHE B 395 36.42 -30.97 -43.95
N ARG B 396 37.35 -30.89 -43.00
CA ARG B 396 37.40 -29.78 -42.05
C ARG B 396 36.05 -29.49 -41.38
N ALA B 397 35.21 -30.51 -41.29
CA ALA B 397 33.89 -30.37 -40.68
C ALA B 397 33.12 -31.67 -40.80
N ILE B 398 32.75 -32.25 -39.67
CA ILE B 398 32.02 -33.50 -39.65
C ILE B 398 31.07 -33.45 -38.48
N VAL B 399 30.06 -34.32 -38.47
CA VAL B 399 29.09 -34.29 -37.37
C VAL B 399 28.84 -35.66 -36.75
N SER B 400 29.54 -35.95 -35.66
CA SER B 400 29.41 -37.22 -34.96
C SER B 400 28.18 -37.28 -34.05
N SER B 401 27.87 -38.46 -33.53
CA SER B 401 26.73 -38.62 -32.63
C SER B 401 27.26 -39.05 -31.26
N GLN B 402 28.49 -39.58 -31.29
CA GLN B 402 29.20 -40.02 -30.10
C GLN B 402 30.46 -39.16 -30.05
N VAL B 403 30.82 -38.64 -28.87
CA VAL B 403 32.01 -37.81 -28.76
C VAL B 403 33.16 -38.53 -29.47
N LEU B 404 34.15 -37.77 -29.92
CA LEU B 404 35.26 -38.35 -30.65
C LEU B 404 36.55 -38.50 -29.87
N ASP B 405 36.42 -38.86 -28.61
CA ASP B 405 37.56 -39.07 -27.73
C ASP B 405 37.61 -40.54 -27.35
N GLU B 406 36.93 -41.37 -28.15
CA GLU B 406 36.85 -42.81 -27.89
C GLU B 406 37.99 -43.69 -28.43
N GLY B 407 39.18 -43.56 -27.85
CA GLY B 407 40.31 -44.37 -28.28
C GLY B 407 41.15 -43.78 -29.38
N ILE B 408 40.87 -44.18 -30.62
CA ILE B 408 41.63 -43.68 -31.78
C ILE B 408 41.78 -42.16 -31.71
N ASP B 409 43.04 -41.76 -31.59
CA ASP B 409 43.47 -40.37 -31.50
C ASP B 409 42.43 -39.29 -31.71
N VAL B 410 42.19 -38.54 -30.64
CA VAL B 410 41.25 -37.45 -30.64
C VAL B 410 41.51 -36.54 -31.85
N PRO B 411 40.50 -36.33 -32.70
CA PRO B 411 40.64 -35.48 -33.88
C PRO B 411 40.94 -34.02 -33.51
N ASP B 412 42.12 -33.55 -33.89
CA ASP B 412 42.59 -32.18 -33.59
C ASP B 412 41.72 -31.09 -34.21
N ALA B 413 40.64 -30.71 -33.52
CA ALA B 413 39.73 -29.69 -34.03
C ALA B 413 40.00 -28.32 -33.45
N ASN B 414 39.74 -27.30 -34.25
CA ASN B 414 39.93 -25.90 -33.85
C ASN B 414 38.67 -25.42 -33.14
N VAL B 415 37.55 -25.55 -33.84
CA VAL B 415 36.24 -25.13 -33.36
C VAL B 415 35.41 -26.35 -32.91
N GLY B 416 34.28 -26.08 -32.26
CA GLY B 416 33.41 -27.15 -31.79
C GLY B 416 31.99 -26.62 -31.66
N VAL B 417 31.02 -27.50 -31.89
CA VAL B 417 29.60 -27.11 -31.82
C VAL B 417 28.76 -28.22 -31.22
N ILE B 418 27.74 -27.86 -30.43
CA ILE B 418 26.85 -28.86 -29.83
C ILE B 418 25.38 -28.47 -30.08
N MET B 419 24.62 -29.42 -30.61
CA MET B 419 23.23 -29.18 -30.91
C MET B 419 22.29 -29.80 -29.89
N SER B 420 21.95 -29.03 -28.86
CA SER B 420 21.04 -29.51 -27.83
C SER B 420 19.60 -29.13 -28.17
N GLY B 421 18.72 -29.27 -27.19
CA GLY B 421 17.31 -28.95 -27.36
C GLY B 421 16.92 -27.85 -26.40
N SER B 422 16.07 -28.14 -25.43
CA SER B 422 15.64 -27.12 -24.47
C SER B 422 16.51 -27.11 -23.23
N GLY B 423 17.42 -28.09 -23.13
CA GLY B 423 18.32 -28.18 -21.98
C GLY B 423 19.78 -28.01 -22.36
N SER B 424 20.67 -28.39 -21.44
CA SER B 424 22.10 -28.27 -21.69
C SER B 424 22.81 -29.61 -21.52
N ALA B 425 23.79 -29.87 -22.38
CA ALA B 425 24.53 -31.12 -22.34
C ALA B 425 25.89 -30.87 -21.72
N ARG B 426 25.88 -30.48 -20.45
CA ARG B 426 27.10 -30.19 -19.70
C ARG B 426 28.18 -31.25 -19.92
N GLU B 427 27.82 -32.50 -19.60
CA GLU B 427 28.71 -33.65 -19.72
C GLU B 427 29.48 -33.70 -21.04
N TYR B 428 28.77 -33.43 -22.13
CA TYR B 428 29.33 -33.46 -23.48
C TYR B 428 30.23 -32.27 -23.77
N ILE B 429 29.95 -31.14 -23.14
CA ILE B 429 30.75 -29.94 -23.35
C ILE B 429 32.16 -30.16 -22.83
N GLN B 430 32.24 -30.81 -21.67
CA GLN B 430 33.50 -31.08 -21.00
C GLN B 430 34.37 -32.02 -21.80
N ARG B 431 33.76 -33.02 -22.43
CA ARG B 431 34.49 -33.99 -23.23
C ARG B 431 35.12 -33.35 -24.46
N LEU B 432 34.32 -32.57 -25.17
CA LEU B 432 34.77 -31.90 -26.38
C LEU B 432 35.83 -30.82 -26.13
N GLY B 433 35.59 -29.95 -25.16
CA GLY B 433 36.55 -28.89 -24.88
C GLY B 433 37.99 -29.37 -24.83
N ARG B 434 38.18 -30.54 -24.26
CA ARG B 434 39.51 -31.14 -24.17
C ARG B 434 39.92 -31.57 -25.59
N ILE B 435 39.05 -32.34 -26.25
CA ILE B 435 39.31 -32.79 -27.61
C ILE B 435 39.65 -31.59 -28.48
N LEU B 436 39.15 -30.43 -28.07
CA LEU B 436 39.38 -29.19 -28.80
C LEU B 436 40.81 -28.72 -28.71
N ARG B 437 41.40 -28.52 -29.88
CA ARG B 437 42.76 -28.01 -29.96
C ARG B 437 42.56 -26.59 -30.47
N PRO B 438 43.09 -25.59 -29.75
CA PRO B 438 42.93 -24.20 -30.16
C PRO B 438 43.47 -23.94 -31.54
N SER B 439 44.36 -22.96 -31.61
CA SER B 439 45.02 -22.58 -32.85
C SER B 439 46.44 -22.22 -32.39
N LYS B 440 47.36 -22.02 -33.34
CA LYS B 440 48.73 -21.63 -32.98
C LYS B 440 48.58 -20.24 -32.32
N GLY B 441 47.51 -19.54 -32.68
CA GLY B 441 47.20 -18.23 -32.12
C GLY B 441 45.93 -18.35 -31.29
N LYS B 442 45.45 -17.24 -30.72
CA LYS B 442 44.25 -17.26 -29.89
C LYS B 442 44.24 -18.62 -29.16
N LYS B 443 45.07 -18.71 -28.13
CA LYS B 443 45.27 -19.91 -27.31
C LYS B 443 44.02 -20.52 -26.64
N GLU B 444 42.86 -20.36 -27.28
CA GLU B 444 41.59 -20.89 -26.76
C GLU B 444 40.64 -21.17 -27.90
N ALA B 445 40.14 -22.40 -27.96
CA ALA B 445 39.21 -22.80 -29.01
C ALA B 445 37.76 -22.49 -28.63
N VAL B 446 36.90 -22.41 -29.64
CA VAL B 446 35.50 -22.11 -29.41
C VAL B 446 34.63 -23.32 -29.48
N LEU B 447 33.66 -23.39 -28.57
CA LEU B 447 32.73 -24.50 -28.52
C LEU B 447 31.38 -23.85 -28.29
N TYR B 448 30.48 -23.97 -29.25
CA TYR B 448 29.17 -23.35 -29.10
C TYR B 448 28.16 -24.40 -28.67
N GLU B 449 26.96 -23.97 -28.27
CA GLU B 449 25.92 -24.88 -27.87
C GLU B 449 24.55 -24.30 -28.19
N LEU B 450 24.04 -24.63 -29.35
CA LEU B 450 22.76 -24.13 -29.82
C LEU B 450 21.68 -24.73 -28.94
N ILE B 451 20.92 -23.86 -28.29
CA ILE B 451 19.87 -24.30 -27.38
C ILE B 451 18.58 -23.54 -27.62
N SER B 452 17.45 -24.24 -27.67
CA SER B 452 16.17 -23.58 -27.89
C SER B 452 15.65 -23.02 -26.59
N ARG B 453 14.78 -22.03 -26.66
CA ARG B 453 14.25 -21.41 -25.45
C ARG B 453 12.74 -21.19 -25.38
N GLY B 454 12.27 -20.99 -24.15
CA GLY B 454 10.86 -20.76 -23.89
C GLY B 454 10.01 -21.99 -24.16
N MET C 23 57.08 41.67 -7.43
CA MET C 23 57.46 40.51 -8.31
C MET C 23 58.13 39.39 -7.50
N ILE C 24 57.57 39.11 -6.32
CA ILE C 24 58.09 38.07 -5.40
C ILE C 24 57.95 36.65 -5.96
N ALA C 25 56.88 35.96 -5.56
CA ALA C 25 56.62 34.59 -6.00
C ALA C 25 55.35 34.01 -5.40
N GLU C 26 54.20 34.56 -5.78
CA GLU C 26 52.90 34.09 -5.29
C GLU C 26 52.45 32.79 -5.99
N ILE C 27 51.63 32.00 -5.30
CA ILE C 27 51.12 30.73 -5.82
C ILE C 27 49.70 30.45 -5.31
N TYR C 28 48.68 30.65 -6.14
CA TYR C 28 47.32 30.38 -5.67
C TYR C 28 46.59 29.31 -6.45
N TYR C 29 45.49 28.83 -5.87
CA TYR C 29 44.68 27.76 -6.46
C TYR C 29 43.52 28.31 -7.31
N GLU C 30 43.40 27.83 -8.54
CA GLU C 30 42.33 28.25 -9.44
C GLU C 30 41.67 27.04 -10.11
N ARG C 31 40.42 26.74 -9.76
CA ARG C 31 39.69 25.62 -10.35
C ARG C 31 40.42 24.28 -10.37
N GLY C 32 41.00 23.86 -9.24
CA GLY C 32 41.71 22.59 -9.24
C GLY C 32 43.12 22.63 -9.82
N THR C 33 43.62 23.83 -10.12
CA THR C 33 44.96 23.98 -10.65
C THR C 33 45.70 25.06 -9.87
N ILE C 34 46.99 24.81 -9.66
CA ILE C 34 47.83 25.74 -8.93
C ILE C 34 48.50 26.69 -9.91
N VAL C 35 48.18 27.97 -9.80
CA VAL C 35 48.78 28.98 -10.66
C VAL C 35 49.95 29.58 -9.92
N VAL C 36 51.03 29.89 -10.64
CA VAL C 36 52.20 30.50 -10.01
C VAL C 36 52.64 31.79 -10.73
N LYS C 37 53.06 32.76 -9.94
CA LYS C 37 53.53 34.05 -10.46
C LYS C 37 54.95 34.34 -9.94
N GLY C 38 55.89 34.58 -10.86
CA GLY C 38 57.26 34.86 -10.46
C GLY C 38 58.25 34.17 -11.39
N ASP C 39 59.52 34.55 -11.30
CA ASP C 39 60.58 33.97 -12.14
C ASP C 39 60.56 32.44 -12.12
N ALA C 40 59.80 31.89 -11.17
CA ALA C 40 59.65 30.46 -11.02
C ALA C 40 59.53 29.73 -12.38
N HIS C 41 60.32 28.67 -12.54
CA HIS C 41 60.32 27.86 -13.75
C HIS C 41 59.28 26.76 -13.53
N VAL C 42 59.26 26.21 -12.30
CA VAL C 42 58.33 25.16 -11.91
C VAL C 42 58.56 23.83 -12.62
N PRO C 43 58.70 22.75 -11.85
CA PRO C 43 58.93 21.45 -12.48
C PRO C 43 57.68 20.91 -13.20
N HIS C 44 56.56 21.62 -13.13
CA HIS C 44 55.33 21.13 -13.76
C HIS C 44 54.44 22.15 -14.44
N ALA C 45 54.87 23.41 -14.43
CA ALA C 45 54.11 24.52 -15.03
C ALA C 45 53.57 24.30 -16.45
N LYS C 46 52.67 25.19 -16.85
CA LYS C 46 52.06 25.17 -18.18
C LYS C 46 51.53 26.57 -18.56
N PHE C 47 52.46 27.51 -18.73
CA PHE C 47 52.21 28.91 -19.10
C PHE C 47 51.10 29.10 -20.15
N ASP C 48 49.86 29.25 -19.68
CA ASP C 48 48.72 29.41 -20.59
C ASP C 48 48.38 30.84 -20.99
N SER C 49 47.42 31.43 -20.28
CA SER C 49 46.97 32.79 -20.57
C SER C 49 48.07 33.82 -20.76
N ARG C 50 47.75 34.86 -21.51
CA ARG C 50 48.69 35.93 -21.81
C ARG C 50 48.94 36.76 -20.56
N SER C 51 49.84 36.28 -19.72
CA SER C 51 50.21 36.93 -18.47
C SER C 51 50.88 35.83 -17.65
N GLY C 52 51.19 36.11 -16.39
CA GLY C 52 51.83 35.12 -15.56
C GLY C 52 51.15 33.76 -15.40
N THR C 53 49.96 33.60 -15.97
CA THR C 53 49.23 32.34 -15.83
C THR C 53 50.15 31.14 -16.03
N TYR C 54 50.50 30.55 -14.90
CA TYR C 54 51.37 29.38 -14.81
C TYR C 54 50.47 28.33 -14.13
N ARG C 55 49.62 27.66 -14.90
CA ARG C 55 48.71 26.66 -14.34
C ARG C 55 49.30 25.24 -14.30
N ALA C 56 48.92 24.47 -13.28
CA ALA C 56 49.39 23.10 -13.12
C ALA C 56 48.41 22.34 -12.24
N LEU C 57 48.20 21.06 -12.51
CA LEU C 57 47.27 20.27 -11.70
C LEU C 57 47.53 20.56 -10.24
N ALA C 58 46.45 20.80 -9.50
CA ALA C 58 46.54 21.12 -8.09
C ALA C 58 47.33 20.13 -7.25
N PHE C 59 47.38 18.87 -7.65
CA PHE C 59 48.12 17.90 -6.85
C PHE C 59 49.62 18.12 -6.96
N ARG C 60 50.01 19.09 -7.76
CA ARG C 60 51.43 19.41 -7.92
C ARG C 60 51.88 20.17 -6.67
N TYR C 61 51.04 21.11 -6.25
CA TYR C 61 51.26 21.92 -5.08
C TYR C 61 52.41 21.46 -4.18
N ARG C 62 52.32 20.26 -3.65
CA ARG C 62 53.37 19.75 -2.77
C ARG C 62 54.79 19.81 -3.36
N ASP C 63 54.93 19.61 -4.67
CA ASP C 63 56.24 19.64 -5.32
C ASP C 63 56.72 21.04 -5.63
N ILE C 64 55.77 21.97 -5.69
CA ILE C 64 56.05 23.36 -5.98
C ILE C 64 56.54 24.04 -4.70
N ILE C 65 56.30 23.36 -3.58
CA ILE C 65 56.71 23.83 -2.27
C ILE C 65 58.10 23.27 -1.98
N GLU C 66 58.37 22.10 -2.55
CA GLU C 66 59.64 21.44 -2.39
C GLU C 66 60.63 22.12 -3.32
N TYR C 67 60.17 22.44 -4.52
CA TYR C 67 60.99 23.15 -5.51
C TYR C 67 61.34 24.46 -4.83
N PHE C 68 60.34 25.07 -4.20
CA PHE C 68 60.52 26.32 -3.48
C PHE C 68 61.20 26.01 -2.16
N GLU C 69 60.60 26.42 -1.04
CA GLU C 69 61.17 26.20 0.29
C GLU C 69 62.59 25.63 0.34
N SER C 70 62.79 24.42 -0.15
CA SER C 70 64.12 23.81 -0.16
C SER C 70 65.15 24.60 -0.96
N ASN C 71 64.68 25.42 -1.90
CA ASN C 71 65.55 26.25 -2.74
C ASN C 71 65.54 27.74 -2.33
N GLY C 72 65.34 27.99 -1.04
CA GLY C 72 65.30 29.36 -0.54
C GLY C 72 64.11 30.14 -1.09
N ILE C 73 64.05 30.22 -2.42
CA ILE C 73 63.00 30.93 -3.14
C ILE C 73 61.78 31.31 -2.28
N GLU C 74 61.73 32.57 -1.86
CA GLU C 74 60.64 33.06 -1.03
C GLU C 74 59.35 33.16 -1.84
N PHE C 75 58.32 32.48 -1.36
CA PHE C 75 57.02 32.48 -2.03
C PHE C 75 55.94 32.89 -1.04
N VAL C 76 54.69 32.83 -1.49
CA VAL C 76 53.55 33.19 -0.66
C VAL C 76 52.38 32.21 -0.88
N ASP C 77 52.22 31.25 0.03
CA ASP C 77 51.16 30.27 -0.11
C ASP C 77 49.80 30.93 0.05
N ASN C 78 49.12 31.17 -1.07
CA ASN C 78 47.81 31.81 -1.05
C ASN C 78 46.77 30.95 -1.76
N ALA C 79 47.17 29.72 -2.05
CA ALA C 79 46.30 28.75 -2.73
C ALA C 79 45.63 27.91 -1.66
N ALA C 80 46.42 27.52 -0.66
CA ALA C 80 45.92 26.70 0.43
C ALA C 80 44.89 27.40 1.31
N ASP C 81 43.84 26.67 1.72
CA ASP C 81 42.82 27.21 2.60
C ASP C 81 42.51 26.10 3.59
N PRO C 82 43.52 25.68 4.36
CA PRO C 82 43.26 24.62 5.33
C PRO C 82 42.09 24.99 6.19
N ILE C 83 41.20 24.03 6.41
CA ILE C 83 40.06 24.24 7.29
C ILE C 83 40.77 24.24 8.65
N PRO C 84 40.66 25.33 9.43
CA PRO C 84 41.35 25.31 10.73
C PRO C 84 41.02 24.06 11.55
N THR C 85 42.07 23.35 11.93
CA THR C 85 41.93 22.12 12.69
C THR C 85 42.79 22.04 13.96
N PRO C 86 42.26 21.38 15.00
CA PRO C 86 42.93 21.21 16.29
C PRO C 86 44.00 20.13 16.25
N TYR C 87 44.44 19.71 17.44
CA TYR C 87 45.45 18.66 17.60
C TYR C 87 44.66 17.51 18.25
N PHE C 88 44.68 16.35 17.62
CA PHE C 88 43.94 15.20 18.12
C PHE C 88 44.52 14.46 19.32
N ASP C 89 43.62 14.12 20.23
CA ASP C 89 43.96 13.47 21.49
C ASP C 89 43.36 12.07 21.67
N ALA C 90 42.87 11.46 20.60
CA ALA C 90 42.27 10.13 20.69
C ALA C 90 43.30 9.02 20.83
N GLU C 91 42.93 7.95 21.53
CA GLU C 91 43.83 6.81 21.74
C GLU C 91 43.49 5.73 20.74
N ILE C 92 44.30 5.58 19.69
CA ILE C 92 44.03 4.53 18.70
C ILE C 92 44.83 3.27 19.00
N SER C 93 44.12 2.18 19.22
CA SER C 93 44.74 0.90 19.53
C SER C 93 45.12 0.20 18.24
N LEU C 94 46.38 -0.16 18.11
CA LEU C 94 46.84 -0.82 16.91
C LEU C 94 47.49 -2.19 17.16
N ARG C 95 47.63 -2.94 16.07
CA ARG C 95 48.27 -4.22 16.13
C ARG C 95 49.61 -4.07 15.43
N ASP C 96 50.65 -4.62 16.05
CA ASP C 96 52.00 -4.59 15.51
C ASP C 96 52.12 -4.29 14.01
N TYR C 97 51.54 -5.14 13.19
CA TYR C 97 51.63 -4.95 11.75
C TYR C 97 50.88 -3.73 11.25
N GLN C 98 49.76 -3.39 11.86
CA GLN C 98 49.00 -2.20 11.45
C GLN C 98 49.91 -1.02 11.74
N GLU C 99 50.54 -1.08 12.91
CA GLU C 99 51.45 -0.06 13.37
C GLU C 99 52.64 -0.03 12.41
N LYS C 100 53.16 -1.19 12.07
CA LYS C 100 54.30 -1.30 11.17
C LYS C 100 53.92 -0.65 9.85
N ALA C 101 52.69 -0.92 9.42
CA ALA C 101 52.12 -0.40 8.19
C ALA C 101 52.05 1.10 8.22
N LEU C 102 51.67 1.63 9.37
CA LEU C 102 51.55 3.06 9.56
C LEU C 102 52.92 3.72 9.47
N GLU C 103 53.97 2.98 9.81
CA GLU C 103 55.29 3.59 9.75
C GLU C 103 55.86 3.73 8.35
N ARG C 104 55.58 2.77 7.48
CA ARG C 104 56.09 2.87 6.12
C ARG C 104 55.44 4.06 5.40
N TRP C 105 54.14 4.25 5.57
CA TRP C 105 53.41 5.36 4.93
C TRP C 105 53.88 6.70 5.48
N LEU C 106 54.05 6.73 6.79
CA LEU C 106 54.47 7.93 7.50
C LEU C 106 55.80 8.44 6.98
N VAL C 107 56.59 7.55 6.41
CA VAL C 107 57.89 7.95 5.88
C VAL C 107 57.66 9.15 4.97
N ASP C 108 56.98 8.92 3.84
CA ASP C 108 56.70 10.02 2.92
C ASP C 108 55.27 10.53 2.94
N LYS C 109 54.41 9.88 3.72
CA LYS C 109 53.01 10.25 3.88
C LYS C 109 52.32 10.51 2.55
N ARG C 110 52.54 9.60 1.61
CA ARG C 110 51.99 9.72 0.27
C ARG C 110 52.07 8.33 -0.38
N GLY C 111 51.09 7.48 -0.09
CA GLY C 111 51.10 6.14 -0.65
C GLY C 111 49.85 5.33 -0.38
N CYS C 112 49.87 4.06 -0.78
CA CYS C 112 48.73 3.17 -0.61
C CYS C 112 49.05 1.95 0.27
N ILE C 113 48.05 1.46 0.98
CA ILE C 113 48.24 0.31 1.83
C ILE C 113 47.31 -0.83 1.47
N VAL C 114 47.91 -1.99 1.21
CA VAL C 114 47.15 -3.18 0.82
C VAL C 114 47.17 -4.23 1.91
N LEU C 115 46.05 -4.35 2.61
CA LEU C 115 45.90 -5.29 3.70
C LEU C 115 44.62 -6.05 3.43
N PRO C 116 44.61 -7.36 3.69
CA PRO C 116 43.42 -8.18 3.46
C PRO C 116 42.14 -7.59 4.08
N THR C 117 41.00 -7.87 3.46
CA THR C 117 39.72 -7.39 3.95
C THR C 117 39.51 -7.92 5.36
N GLY C 118 39.73 -7.04 6.33
CA GLY C 118 39.58 -7.42 7.72
C GLY C 118 40.86 -7.23 8.51
N SER C 119 41.95 -6.95 7.80
CA SER C 119 43.24 -6.75 8.43
C SER C 119 43.26 -5.51 9.29
N GLY C 120 42.35 -4.58 9.02
CA GLY C 120 42.26 -3.35 9.80
C GLY C 120 42.76 -2.09 9.11
N LYS C 121 42.50 -1.99 7.82
CA LYS C 121 42.91 -0.83 7.04
C LYS C 121 42.37 0.48 7.62
N THR C 122 41.25 0.39 8.34
CA THR C 122 40.58 1.54 8.92
C THR C 122 41.28 2.18 10.14
N HIS C 123 41.81 1.36 11.04
CA HIS C 123 42.49 1.87 12.24
C HIS C 123 43.82 2.52 11.94
N VAL C 124 44.47 2.08 10.87
CA VAL C 124 45.72 2.69 10.46
C VAL C 124 45.39 4.11 10.02
N ALA C 125 44.29 4.26 9.29
CA ALA C 125 43.85 5.56 8.82
C ALA C 125 43.59 6.47 10.01
N MET C 126 42.84 5.99 10.98
CA MET C 126 42.53 6.76 12.17
C MET C 126 43.82 7.17 12.89
N ALA C 127 44.71 6.20 13.06
CA ALA C 127 45.97 6.45 13.73
C ALA C 127 46.75 7.49 12.97
N ALA C 128 46.65 7.45 11.65
CA ALA C 128 47.38 8.41 10.81
C ALA C 128 46.71 9.78 10.88
N ILE C 129 45.39 9.78 11.05
CA ILE C 129 44.61 11.01 11.14
C ILE C 129 44.98 11.67 12.44
N ASN C 130 45.09 10.83 13.46
CA ASN C 130 45.43 11.26 14.78
C ASN C 130 46.78 11.94 14.75
N GLU C 131 47.78 11.23 14.29
CA GLU C 131 49.12 11.81 14.21
C GLU C 131 49.09 13.14 13.50
N LEU C 132 48.97 13.07 12.18
CA LEU C 132 48.95 14.25 11.34
C LEU C 132 48.17 15.45 11.88
N SER C 133 46.86 15.32 12.02
CA SER C 133 46.06 16.45 12.52
C SER C 133 45.99 17.64 11.56
N THR C 134 45.54 17.40 10.33
CA THR C 134 45.39 18.46 9.33
C THR C 134 44.03 18.26 8.73
N PRO C 135 43.49 19.27 8.02
CA PRO C 135 42.15 19.00 7.46
C PRO C 135 42.22 17.72 6.63
N THR C 136 41.28 16.81 6.86
CA THR C 136 41.22 15.49 6.22
C THR C 136 39.94 15.25 5.45
N LEU C 137 40.05 14.71 4.24
CA LEU C 137 38.85 14.39 3.47
C LEU C 137 38.88 12.90 3.22
N ILE C 138 37.82 12.21 3.62
CA ILE C 138 37.76 10.77 3.40
C ILE C 138 36.82 10.53 2.25
N VAL C 139 37.31 9.85 1.23
CA VAL C 139 36.50 9.54 0.07
C VAL C 139 36.20 8.04 0.14
N VAL C 140 34.91 7.71 0.02
CA VAL C 140 34.45 6.34 0.11
C VAL C 140 33.46 6.03 -0.99
N PRO C 141 33.26 4.73 -1.30
CA PRO C 141 32.35 4.22 -2.32
C PRO C 141 30.84 4.52 -2.11
N THR C 142 30.29 4.05 -1.00
CA THR C 142 28.87 4.24 -0.66
C THR C 142 28.61 5.19 0.53
N LEU C 143 27.35 5.54 0.79
CA LEU C 143 27.01 6.42 1.92
C LEU C 143 26.92 5.66 3.23
N ALA C 144 26.73 4.36 3.12
CA ALA C 144 26.65 3.50 4.30
C ALA C 144 28.07 3.40 4.85
N LEU C 145 29.05 3.42 3.96
CA LEU C 145 30.44 3.36 4.37
C LEU C 145 30.78 4.73 4.92
N ALA C 146 30.24 5.77 4.26
CA ALA C 146 30.46 7.14 4.68
C ALA C 146 30.04 7.32 6.13
N GLU C 147 28.84 6.84 6.47
CA GLU C 147 28.33 6.97 7.83
C GLU C 147 29.12 6.12 8.83
N GLN C 148 29.51 4.92 8.40
CA GLN C 148 30.31 4.01 9.21
C GLN C 148 31.59 4.75 9.64
N TRP C 149 32.21 5.51 8.73
CA TRP C 149 33.40 6.31 9.05
C TRP C 149 33.05 7.44 10.00
N LYS C 150 32.11 8.29 9.59
CA LYS C 150 31.68 9.42 10.42
C LYS C 150 31.49 9.00 11.86
N GLU C 151 30.94 7.81 12.08
CA GLU C 151 30.74 7.32 13.42
C GLU C 151 32.07 6.95 14.06
N ARG C 152 32.99 6.51 13.23
CA ARG C 152 34.31 6.14 13.71
C ARG C 152 35.05 7.40 14.09
N LEU C 153 35.12 8.35 13.17
CA LEU C 153 35.80 9.59 13.43
C LEU C 153 35.20 10.28 14.64
N GLY C 154 34.14 9.69 15.18
CA GLY C 154 33.51 10.26 16.34
C GLY C 154 34.49 10.28 17.50
N ILE C 155 35.30 9.23 17.63
CA ILE C 155 36.29 9.15 18.69
C ILE C 155 37.15 10.41 18.73
N PHE C 156 37.08 11.19 17.65
CA PHE C 156 37.82 12.45 17.52
C PHE C 156 37.03 13.69 17.98
N GLY C 157 35.72 13.53 18.19
CA GLY C 157 34.88 14.65 18.59
C GLY C 157 33.83 14.97 17.55
N GLU C 158 32.59 14.60 17.83
CA GLU C 158 31.48 14.82 16.92
C GLU C 158 31.50 16.14 16.16
N GLU C 159 31.61 17.27 16.87
CA GLU C 159 31.58 18.60 16.27
C GLU C 159 32.65 18.84 15.21
N TYR C 160 33.62 17.95 15.15
CA TYR C 160 34.68 18.08 14.15
C TYR C 160 34.43 17.24 12.90
N VAL C 161 33.60 16.21 13.03
CA VAL C 161 33.30 15.37 11.89
C VAL C 161 32.27 16.04 10.98
N GLY C 162 32.34 15.78 9.67
CA GLY C 162 31.41 16.38 8.73
C GLY C 162 31.17 15.50 7.53
N GLU C 163 30.23 15.90 6.69
CA GLU C 163 29.91 15.13 5.50
C GLU C 163 29.77 16.02 4.26
N PHE C 164 29.96 15.44 3.08
CA PHE C 164 29.84 16.21 1.84
C PHE C 164 29.32 15.34 0.69
N SER C 165 28.05 15.53 0.39
CA SER C 165 27.39 14.78 -0.67
C SER C 165 26.12 15.49 -1.12
N GLY C 166 25.18 14.73 -1.66
CA GLY C 166 23.94 15.35 -2.08
C GLY C 166 23.08 15.64 -0.86
N ARG C 167 23.34 14.89 0.21
CA ARG C 167 22.59 15.02 1.45
C ARG C 167 22.99 16.18 2.33
N ILE C 168 24.27 16.53 2.34
CA ILE C 168 24.69 17.62 3.21
C ILE C 168 26.08 18.15 2.82
N LYS C 169 26.18 19.46 2.63
CA LYS C 169 27.44 20.06 2.25
C LYS C 169 28.12 20.72 3.44
N GLU C 170 28.72 19.92 4.32
CA GLU C 170 29.42 20.45 5.49
C GLU C 170 30.92 20.45 5.25
N LEU C 171 31.60 21.45 5.76
CA LEU C 171 33.04 21.48 5.60
C LEU C 171 33.69 21.44 6.98
N LYS C 172 33.76 20.25 7.57
CA LYS C 172 34.37 20.07 8.87
C LYS C 172 35.83 19.72 8.66
N PRO C 173 36.63 19.76 9.73
CA PRO C 173 38.05 19.43 9.65
C PRO C 173 38.29 17.99 9.22
N LEU C 174 37.28 17.15 9.44
CA LEU C 174 37.32 15.75 9.05
C LEU C 174 36.06 15.57 8.23
N THR C 175 36.17 15.61 6.91
CA THR C 175 35.03 15.48 5.99
C THR C 175 34.95 14.12 5.28
N VAL C 176 33.79 13.50 5.33
CA VAL C 176 33.61 12.22 4.66
C VAL C 176 32.73 12.41 3.44
N SER C 177 33.19 11.93 2.29
CA SER C 177 32.44 12.08 1.06
C SER C 177 32.48 10.81 0.23
N THR C 178 31.63 10.71 -0.78
CA THR C 178 31.63 9.53 -1.63
C THR C 178 32.47 9.89 -2.84
N TYR C 179 32.83 8.91 -3.65
CA TYR C 179 33.62 9.21 -4.82
C TYR C 179 32.79 10.07 -5.76
N ASP C 180 31.49 9.78 -5.86
CA ASP C 180 30.62 10.55 -6.74
C ASP C 180 30.42 12.03 -6.39
N SER C 181 30.25 12.32 -5.10
CA SER C 181 30.05 13.70 -4.70
C SER C 181 31.38 14.39 -4.72
N ALA C 182 32.39 13.72 -4.21
CA ALA C 182 33.72 14.32 -4.17
C ALA C 182 34.11 14.69 -5.59
N TYR C 183 33.79 13.83 -6.53
CA TYR C 183 34.14 14.09 -7.91
C TYR C 183 33.51 15.37 -8.47
N VAL C 184 32.22 15.53 -8.21
CA VAL C 184 31.47 16.68 -8.70
C VAL C 184 31.94 17.95 -8.02
N ASN C 185 32.41 17.83 -6.79
CA ASN C 185 32.89 18.99 -6.04
C ASN C 185 34.40 18.94 -5.87
N ALA C 186 35.10 18.56 -6.94
CA ALA C 186 36.55 18.46 -6.91
C ALA C 186 37.23 19.81 -6.69
N GLU C 187 36.65 20.85 -7.28
CA GLU C 187 37.19 22.20 -7.18
C GLU C 187 36.95 22.86 -5.83
N LYS C 188 35.70 22.83 -5.37
CA LYS C 188 35.36 23.43 -4.10
C LYS C 188 36.27 22.87 -3.01
N LEU C 189 36.48 21.56 -3.06
CA LEU C 189 37.29 20.84 -2.08
C LEU C 189 38.79 20.89 -2.36
N GLY C 190 39.15 21.22 -3.59
CA GLY C 190 40.55 21.24 -3.99
C GLY C 190 41.59 21.78 -3.03
N ASN C 191 41.27 22.86 -2.33
CA ASN C 191 42.24 23.50 -1.43
C ASN C 191 41.87 23.58 0.05
N ARG C 192 40.84 22.87 0.48
CA ARG C 192 40.45 22.94 1.88
C ARG C 192 41.10 21.89 2.77
N PHE C 193 41.75 20.90 2.14
CA PHE C 193 42.39 19.75 2.83
C PHE C 193 43.87 19.49 2.59
N MET C 194 44.54 18.97 3.63
CA MET C 194 45.97 18.64 3.59
C MET C 194 46.20 17.13 3.62
N LEU C 195 45.18 16.39 4.04
CA LEU C 195 45.29 14.93 4.10
C LEU C 195 44.12 14.37 3.34
N LEU C 196 44.42 13.51 2.37
CA LEU C 196 43.39 12.85 1.59
C LEU C 196 43.40 11.38 1.94
N ILE C 197 42.22 10.80 2.07
CA ILE C 197 42.16 9.38 2.38
C ILE C 197 41.16 8.72 1.45
N PHE C 198 41.66 7.79 0.66
CA PHE C 198 40.85 7.07 -0.30
C PHE C 198 40.60 5.63 0.18
N ASP C 199 39.37 5.38 0.62
CA ASP C 199 38.98 4.05 1.09
C ASP C 199 38.67 3.34 -0.22
N GLU C 200 39.03 2.06 -0.32
CA GLU C 200 38.81 1.29 -1.53
C GLU C 200 39.27 2.15 -2.71
N VAL C 201 40.52 2.60 -2.64
CA VAL C 201 41.15 3.46 -3.64
C VAL C 201 41.19 2.92 -5.07
N HIS C 202 41.04 1.61 -5.21
CA HIS C 202 41.06 1.00 -6.53
C HIS C 202 39.97 1.58 -7.43
N HIS C 203 39.09 2.40 -6.86
CA HIS C 203 38.02 3.00 -7.63
C HIS C 203 38.59 4.26 -8.20
N LEU C 204 39.40 4.93 -7.40
CA LEU C 204 39.98 6.21 -7.78
C LEU C 204 40.52 6.27 -9.18
N PRO C 205 41.08 5.17 -9.68
CA PRO C 205 41.64 5.20 -11.04
C PRO C 205 40.69 5.56 -12.17
N ALA C 206 39.39 5.65 -11.90
CA ALA C 206 38.42 5.98 -12.96
C ALA C 206 38.74 7.32 -13.63
N GLU C 207 38.33 7.48 -14.88
CA GLU C 207 38.59 8.70 -15.65
C GLU C 207 38.05 9.96 -15.00
N SER C 208 37.02 9.79 -14.17
CA SER C 208 36.43 10.91 -13.48
C SER C 208 37.07 11.05 -12.10
N TYR C 209 36.85 10.05 -11.25
CA TYR C 209 37.38 10.03 -9.90
C TYR C 209 38.83 10.43 -9.78
N VAL C 210 39.63 10.09 -10.78
CA VAL C 210 41.05 10.41 -10.76
C VAL C 210 41.20 11.90 -10.58
N GLN C 211 40.23 12.64 -11.12
CA GLN C 211 40.17 14.09 -11.06
C GLN C 211 40.03 14.62 -9.63
N ILE C 212 39.64 13.75 -8.70
CA ILE C 212 39.48 14.13 -7.31
C ILE C 212 40.87 14.37 -6.75
N ALA C 213 41.76 13.43 -7.01
CA ALA C 213 43.13 13.48 -6.54
C ALA C 213 43.98 14.46 -7.37
N GLN C 214 43.56 14.75 -8.60
CA GLN C 214 44.33 15.67 -9.44
C GLN C 214 44.01 17.13 -9.20
N MET C 215 42.78 17.43 -8.79
CA MET C 215 42.36 18.81 -8.50
C MET C 215 42.53 19.14 -7.03
N SER C 216 43.16 18.24 -6.28
CA SER C 216 43.39 18.43 -4.85
C SER C 216 44.83 18.78 -4.51
N ILE C 217 45.02 19.72 -3.58
CA ILE C 217 46.36 20.14 -3.17
C ILE C 217 46.87 19.32 -1.98
N ALA C 218 45.97 18.65 -1.29
CA ALA C 218 46.36 17.84 -0.13
C ALA C 218 47.72 17.23 -0.34
N PRO C 219 48.74 17.73 0.36
CA PRO C 219 50.09 17.20 0.23
C PRO C 219 50.21 15.79 0.81
N PHE C 220 49.28 15.42 1.68
CA PHE C 220 49.31 14.08 2.28
C PHE C 220 48.24 13.18 1.69
N ARG C 221 48.58 11.92 1.43
CA ARG C 221 47.62 10.99 0.82
C ARG C 221 47.81 9.53 1.16
N LEU C 222 46.70 8.86 1.48
CA LEU C 222 46.72 7.46 1.84
C LEU C 222 45.61 6.74 1.09
N GLY C 223 45.94 5.58 0.54
CA GLY C 223 44.97 4.80 -0.19
C GLY C 223 44.84 3.46 0.51
N LEU C 224 43.61 3.04 0.73
CA LEU C 224 43.38 1.77 1.40
C LEU C 224 42.68 0.85 0.43
N THR C 225 43.00 -0.44 0.50
CA THR C 225 42.40 -1.41 -0.40
C THR C 225 42.98 -2.77 -0.14
N ALA C 226 42.29 -3.80 -0.61
CA ALA C 226 42.76 -5.18 -0.47
C ALA C 226 43.35 -5.58 -1.82
N THR C 227 42.73 -5.05 -2.88
CA THR C 227 43.14 -5.30 -4.27
C THR C 227 43.56 -3.99 -4.91
N PHE C 228 44.86 -3.76 -4.96
CA PHE C 228 45.42 -2.55 -5.56
C PHE C 228 45.65 -2.79 -7.05
N GLU C 229 46.05 -4.01 -7.39
CA GLU C 229 46.29 -4.38 -8.77
C GLU C 229 44.96 -4.45 -9.50
N ARG C 230 44.84 -3.59 -10.52
CA ARG C 230 43.63 -3.51 -11.33
C ARG C 230 43.64 -4.49 -12.51
N GLU C 231 42.44 -4.72 -13.04
CA GLU C 231 42.22 -5.62 -14.17
C GLU C 231 42.70 -4.89 -15.43
N ASP C 232 42.40 -3.60 -15.51
CA ASP C 232 42.78 -2.76 -16.65
C ASP C 232 44.23 -2.20 -16.58
N GLY C 233 44.93 -2.50 -15.48
CA GLY C 233 46.30 -2.04 -15.30
C GLY C 233 46.42 -0.54 -15.13
N ARG C 234 45.27 0.10 -14.94
CA ARG C 234 45.20 1.55 -14.77
C ARG C 234 45.64 1.99 -13.37
N HIS C 235 46.11 1.04 -12.56
CA HIS C 235 46.57 1.37 -11.20
C HIS C 235 47.93 2.08 -11.22
N GLU C 236 48.36 2.46 -12.41
CA GLU C 236 49.61 3.14 -12.62
C GLU C 236 49.56 4.58 -12.11
N ILE C 237 48.45 5.26 -12.40
CA ILE C 237 48.26 6.64 -11.99
C ILE C 237 48.32 6.82 -10.47
N LEU C 238 47.76 5.87 -9.73
CA LEU C 238 47.76 5.95 -8.28
C LEU C 238 49.14 6.33 -7.77
N LYS C 239 50.18 5.71 -8.30
CA LYS C 239 51.55 5.99 -7.86
C LYS C 239 51.89 7.46 -8.01
N GLU C 240 51.15 8.13 -8.90
CA GLU C 240 51.37 9.53 -9.21
C GLU C 240 50.53 10.55 -8.44
N VAL C 241 49.21 10.39 -8.51
CA VAL C 241 48.30 11.30 -7.85
C VAL C 241 48.00 10.94 -6.39
N VAL C 242 48.54 9.82 -5.92
CA VAL C 242 48.37 9.34 -4.53
C VAL C 242 49.68 8.71 -4.04
N GLY C 243 50.12 7.70 -4.77
CA GLY C 243 51.34 7.00 -4.43
C GLY C 243 51.15 5.51 -4.61
N GLY C 244 52.23 4.79 -4.82
CA GLY C 244 52.13 3.36 -5.01
C GLY C 244 52.16 2.61 -3.70
N LYS C 245 52.40 1.30 -3.78
CA LYS C 245 52.45 0.45 -2.60
C LYS C 245 53.63 0.79 -1.69
N VAL C 246 53.34 1.41 -0.55
CA VAL C 246 54.37 1.74 0.42
C VAL C 246 54.34 0.65 1.46
N PHE C 247 53.30 -0.19 1.40
CA PHE C 247 53.15 -1.29 2.33
C PHE C 247 52.10 -2.28 1.86
N GLU C 248 52.54 -3.49 1.52
CA GLU C 248 51.64 -4.54 1.11
C GLU C 248 51.86 -5.71 2.06
N LEU C 249 50.81 -6.04 2.79
CA LEU C 249 50.85 -7.14 3.74
C LEU C 249 49.96 -8.18 3.09
N PHE C 250 50.39 -9.43 3.11
CA PHE C 250 49.61 -10.49 2.49
C PHE C 250 48.73 -11.30 3.44
N PRO C 251 47.58 -11.77 2.93
CA PRO C 251 46.57 -12.57 3.65
C PRO C 251 47.06 -13.77 4.46
N ASP C 252 47.62 -14.77 3.79
CA ASP C 252 48.12 -15.99 4.46
C ASP C 252 49.10 -15.65 5.59
N SER C 253 49.98 -14.68 5.32
CA SER C 253 50.96 -14.22 6.30
C SER C 253 50.26 -14.16 7.65
N LEU C 254 49.16 -13.41 7.69
CA LEU C 254 48.38 -13.27 8.91
C LEU C 254 47.63 -14.57 9.18
N ALA C 255 48.00 -15.24 10.26
CA ALA C 255 47.42 -16.50 10.68
C ALA C 255 48.46 -17.24 11.52
N GLY C 256 48.06 -18.38 12.10
CA GLY C 256 48.97 -19.14 12.93
C GLY C 256 49.27 -18.39 14.21
N LYS C 257 48.22 -18.02 14.93
CA LYS C 257 48.34 -17.26 16.18
C LYS C 257 49.32 -16.10 16.01
N HIS C 258 48.89 -15.06 15.29
CA HIS C 258 49.72 -13.89 15.05
C HIS C 258 50.07 -13.17 16.36
N LEU C 259 50.29 -11.85 16.28
CA LEU C 259 50.62 -11.09 17.49
C LEU C 259 49.38 -10.87 18.33
N ALA C 260 48.54 -11.89 18.41
CA ALA C 260 47.32 -11.82 19.20
C ALA C 260 47.77 -11.78 20.65
N LYS C 261 48.67 -10.84 20.93
CA LYS C 261 49.24 -10.66 22.26
C LYS C 261 49.08 -9.22 22.77
N TYR C 262 49.49 -8.22 21.98
CA TYR C 262 49.37 -6.83 22.45
C TYR C 262 48.79 -5.82 21.45
N THR C 263 48.44 -4.67 21.99
CA THR C 263 47.87 -3.59 21.21
C THR C 263 48.83 -2.42 21.36
N ILE C 264 48.93 -1.60 20.33
CA ILE C 264 49.79 -0.43 20.35
C ILE C 264 48.96 0.83 20.24
N LYS C 265 49.24 1.78 21.10
CA LYS C 265 48.51 3.04 21.13
C LYS C 265 49.49 4.18 21.24
N ARG C 266 49.52 5.02 20.21
CA ARG C 266 50.42 6.15 20.21
C ARG C 266 49.69 7.32 20.83
N ILE C 267 50.23 7.78 21.96
CA ILE C 267 49.68 8.89 22.70
C ILE C 267 50.50 10.14 22.50
N PHE C 268 49.87 11.16 21.96
CA PHE C 268 50.57 12.41 21.70
C PHE C 268 50.40 13.40 22.83
N VAL C 269 51.51 14.03 23.20
CA VAL C 269 51.49 15.02 24.27
C VAL C 269 51.92 16.38 23.69
N PRO C 270 51.22 17.47 24.08
CA PRO C 270 51.52 18.82 23.61
C PRO C 270 52.69 19.27 24.44
N LEU C 271 53.58 20.03 23.83
CA LEU C 271 54.72 20.52 24.58
C LEU C 271 54.21 21.67 25.45
N ALA C 272 54.70 21.75 26.68
CA ALA C 272 54.31 22.80 27.63
C ALA C 272 54.53 24.19 27.05
N GLU C 273 53.50 25.03 27.15
CA GLU C 273 53.54 26.39 26.62
C GLU C 273 54.61 27.25 27.28
N ASP C 274 55.86 26.88 27.01
CA ASP C 274 57.06 27.55 27.50
C ASP C 274 58.26 26.68 27.17
N GLU C 275 58.07 25.36 27.22
CA GLU C 275 59.14 24.44 26.89
C GLU C 275 59.31 24.49 25.38
N ARG C 276 58.29 24.99 24.69
CA ARG C 276 58.29 25.09 23.24
C ARG C 276 59.22 26.18 22.72
N VAL C 277 59.18 27.35 23.34
CA VAL C 277 60.03 28.46 22.92
C VAL C 277 61.49 28.03 22.89
N GLU C 278 61.79 26.90 23.52
CA GLU C 278 63.16 26.40 23.55
C GLU C 278 63.38 25.47 22.34
N TYR C 279 62.32 24.73 21.97
CA TYR C 279 62.41 23.83 20.82
C TYR C 279 62.59 24.71 19.60
N GLU C 280 61.85 25.81 19.58
CA GLU C 280 61.95 26.78 18.49
C GLU C 280 63.37 27.35 18.51
N LYS C 281 63.95 27.45 19.71
CA LYS C 281 65.30 27.98 19.87
C LYS C 281 66.32 26.87 19.63
N ARG C 282 66.10 26.09 18.57
CA ARG C 282 66.99 25.00 18.21
C ARG C 282 66.54 24.34 16.92
N GLU C 283 65.31 24.62 16.51
CA GLU C 283 64.75 24.06 15.27
C GLU C 283 64.43 25.17 14.28
N LYS C 284 65.36 25.41 13.36
CA LYS C 284 65.28 26.43 12.31
C LYS C 284 66.71 26.92 12.23
N VAL C 285 67.18 27.45 13.36
CA VAL C 285 68.55 27.91 13.46
C VAL C 285 69.34 26.62 13.27
N TYR C 286 68.62 25.51 13.44
CA TYR C 286 69.16 24.16 13.26
C TYR C 286 69.27 23.89 11.77
N LYS C 287 68.12 24.03 11.12
CA LYS C 287 68.01 23.82 9.69
C LYS C 287 68.75 24.96 8.99
N GLN C 288 69.90 25.35 9.52
CA GLN C 288 70.67 26.43 8.92
C GLN C 288 71.17 25.94 7.57
N PHE C 289 71.41 24.63 7.46
CA PHE C 289 71.84 24.06 6.20
C PHE C 289 70.64 23.43 5.52
N LEU C 290 70.09 24.15 4.55
CA LEU C 290 68.93 23.70 3.81
C LEU C 290 69.28 23.58 2.32
N ARG C 291 70.51 23.95 1.99
CA ARG C 291 71.00 23.89 0.62
C ARG C 291 70.91 22.46 0.08
N ALA C 292 69.81 22.18 -0.60
CA ALA C 292 69.55 20.85 -1.18
C ALA C 292 69.13 19.82 -0.13
N ARG C 293 69.73 19.89 1.07
CA ARG C 293 69.41 18.96 2.15
C ARG C 293 67.99 19.11 2.67
N GLY C 294 67.74 20.23 3.36
CA GLY C 294 66.42 20.48 3.93
C GLY C 294 65.99 19.26 4.76
N ILE C 295 66.95 18.68 5.49
CA ILE C 295 66.72 17.52 6.36
C ILE C 295 66.61 16.18 5.68
N THR C 296 66.52 15.13 6.50
CA THR C 296 66.41 13.76 6.04
C THR C 296 67.66 13.33 5.28
N ARG C 315 82.68 22.15 8.35
CA ARG C 315 83.99 22.59 8.82
C ARG C 315 83.91 23.20 10.21
N ALA C 316 83.52 22.38 11.18
CA ALA C 316 83.39 22.82 12.57
C ALA C 316 82.61 24.14 12.70
N TYR C 317 81.84 24.47 11.67
CA TYR C 317 81.04 25.69 11.68
C TYR C 317 79.63 25.37 12.19
N GLU C 318 79.50 24.18 12.79
CA GLU C 318 78.24 23.70 13.34
C GLU C 318 77.88 24.37 14.68
N ALA C 319 77.60 25.67 14.62
CA ALA C 319 77.23 26.42 15.82
C ALA C 319 75.71 26.39 15.94
N LEU C 320 75.10 25.51 15.14
CA LEU C 320 73.65 25.33 15.10
C LEU C 320 73.23 23.89 15.37
N ARG C 321 74.10 23.13 16.06
CA ARG C 321 73.79 21.74 16.39
C ARG C 321 73.42 21.62 17.86
N ALA C 322 72.18 21.99 18.18
CA ALA C 322 71.69 21.93 19.55
C ALA C 322 70.36 21.20 19.70
N TRP C 323 70.10 20.21 18.84
CA TRP C 323 68.87 19.43 18.94
C TRP C 323 68.94 18.79 20.31
N GLU C 324 70.16 18.75 20.83
CA GLU C 324 70.48 18.18 22.14
C GLU C 324 69.37 18.48 23.16
N GLU C 325 69.05 19.76 23.30
CA GLU C 325 68.03 20.20 24.26
C GLU C 325 66.62 20.16 23.65
N ALA C 326 66.55 20.02 22.33
CA ALA C 326 65.26 19.94 21.65
C ALA C 326 64.66 18.60 22.06
N ARG C 327 65.46 17.55 21.94
CA ARG C 327 65.05 16.20 22.31
C ARG C 327 64.99 16.08 23.82
N ARG C 328 65.87 16.82 24.50
CA ARG C 328 65.92 16.78 25.96
C ARG C 328 64.63 17.34 26.55
N ILE C 329 64.28 18.56 26.16
CA ILE C 329 63.05 19.17 26.65
C ILE C 329 61.91 18.24 26.30
N ALA C 330 61.93 17.76 25.06
CA ALA C 330 60.92 16.85 24.52
C ALA C 330 60.84 15.54 25.28
N PHE C 331 61.98 15.00 25.66
CA PHE C 331 62.02 13.76 26.39
C PHE C 331 61.51 13.95 27.81
N ASN C 332 62.00 14.99 28.47
CA ASN C 332 61.60 15.27 29.85
C ASN C 332 60.29 16.03 29.93
N SER C 333 59.76 16.45 28.78
CA SER C 333 58.50 17.19 28.70
C SER C 333 57.68 16.90 29.95
N LYS C 334 57.41 17.95 30.74
CA LYS C 334 56.64 17.79 31.96
C LYS C 334 55.36 17.02 31.70
N ASN C 335 54.75 17.26 30.54
CA ASN C 335 53.51 16.59 30.17
C ASN C 335 53.70 15.09 29.99
N LYS C 336 54.81 14.68 29.39
CA LYS C 336 55.10 13.27 29.21
C LYS C 336 55.01 12.65 30.61
N ILE C 337 55.56 13.39 31.58
CA ILE C 337 55.60 13.01 33.00
C ILE C 337 54.20 13.05 33.62
N ARG C 338 53.30 13.77 32.97
CA ARG C 338 51.93 13.91 33.42
C ARG C 338 51.04 12.83 32.80
N LYS C 339 51.36 12.44 31.57
CA LYS C 339 50.59 11.41 30.87
C LYS C 339 50.85 10.06 31.52
N LEU C 340 52.11 9.84 31.87
CA LEU C 340 52.51 8.61 32.51
C LEU C 340 51.67 8.49 33.77
N ARG C 341 51.47 9.63 34.43
CA ARG C 341 50.67 9.67 35.64
C ARG C 341 49.27 9.10 35.37
N GLU C 342 48.63 9.58 34.30
CA GLU C 342 47.30 9.12 33.92
C GLU C 342 47.25 7.63 33.65
N ILE C 343 48.28 7.14 32.97
CA ILE C 343 48.36 5.73 32.62
C ILE C 343 48.57 4.91 33.87
N LEU C 344 49.45 5.39 34.74
CA LEU C 344 49.73 4.69 35.99
C LEU C 344 48.47 4.63 36.83
N GLU C 345 47.78 5.78 36.94
CA GLU C 345 46.55 5.88 37.70
C GLU C 345 45.45 4.95 37.17
N ARG C 346 45.22 4.97 35.85
CA ARG C 346 44.19 4.13 35.25
C ARG C 346 44.47 2.62 35.30
N HIS C 347 45.74 2.25 35.31
CA HIS C 347 46.12 0.83 35.32
C HIS C 347 46.53 0.26 36.68
N ARG C 348 46.80 1.14 37.64
CA ARG C 348 47.19 0.77 38.99
C ARG C 348 47.06 -0.73 39.34
N LYS C 349 45.86 -1.27 39.14
CA LYS C 349 45.53 -2.67 39.45
C LYS C 349 46.18 -3.73 38.56
N ASP C 350 47.13 -3.33 37.72
CA ASP C 350 47.82 -4.26 36.83
C ASP C 350 49.33 -3.97 36.80
N LYS C 351 50.11 -4.91 36.27
CA LYS C 351 51.57 -4.76 36.20
C LYS C 351 52.03 -3.85 35.04
N ILE C 352 52.88 -2.88 35.36
CA ILE C 352 53.39 -1.93 34.36
C ILE C 352 54.91 -1.90 34.25
N ILE C 353 55.42 -1.66 33.04
CA ILE C 353 56.85 -1.59 32.80
C ILE C 353 57.08 -0.41 31.88
N ILE C 354 57.89 0.55 32.28
CA ILE C 354 58.11 1.66 31.37
C ILE C 354 59.51 1.76 30.83
N PHE C 355 59.64 1.44 29.54
CA PHE C 355 60.92 1.52 28.87
C PHE C 355 61.18 2.96 28.45
N THR C 356 62.44 3.37 28.46
CA THR C 356 62.83 4.71 28.04
C THR C 356 64.34 4.72 27.73
N ARG C 357 64.72 5.33 26.61
CA ARG C 357 66.13 5.39 26.21
C ARG C 357 66.90 6.48 26.97
N HIS C 358 66.21 7.56 27.31
CA HIS C 358 66.80 8.68 28.05
C HIS C 358 67.16 8.15 29.44
N ASN C 359 68.23 8.65 30.03
CA ASN C 359 68.67 8.21 31.34
C ASN C 359 68.07 9.00 32.52
N GLU C 360 68.10 10.34 32.44
CA GLU C 360 67.55 11.14 33.52
C GLU C 360 66.04 10.95 33.58
N LEU C 361 65.40 10.92 32.41
CA LEU C 361 63.96 10.75 32.34
C LEU C 361 63.56 9.48 33.10
N VAL C 362 64.53 8.62 33.35
CA VAL C 362 64.26 7.39 34.08
C VAL C 362 64.47 7.64 35.58
N TYR C 363 65.48 8.43 35.93
CA TYR C 363 65.73 8.77 37.33
C TYR C 363 64.62 9.73 37.72
N ARG C 364 64.40 10.71 36.84
CA ARG C 364 63.37 11.70 37.02
C ARG C 364 62.06 10.96 37.26
N ILE C 365 61.79 9.97 36.42
CA ILE C 365 60.57 9.18 36.55
C ILE C 365 60.60 8.31 37.80
N SER C 366 61.74 7.72 38.12
CA SER C 366 61.81 6.89 39.31
C SER C 366 61.48 7.73 40.53
N LYS C 367 61.95 8.97 40.53
CA LYS C 367 61.68 9.88 41.64
C LYS C 367 60.18 9.98 41.82
N VAL C 368 59.58 10.83 40.98
CA VAL C 368 58.17 11.12 40.97
C VAL C 368 57.26 10.04 41.58
N PHE C 369 57.43 8.79 41.16
CA PHE C 369 56.60 7.69 41.67
C PHE C 369 57.39 6.68 42.49
N LEU C 370 56.71 5.62 42.95
CA LEU C 370 57.37 4.55 43.72
C LEU C 370 58.52 4.11 42.81
N ILE C 371 58.15 3.40 41.75
CA ILE C 371 59.03 2.90 40.71
C ILE C 371 60.53 2.64 40.97
N PRO C 372 60.90 1.38 41.27
CA PRO C 372 62.31 1.01 41.51
C PRO C 372 62.89 0.77 40.13
N ALA C 373 63.79 1.62 39.67
CA ALA C 373 64.34 1.47 38.32
C ALA C 373 65.40 0.40 38.05
N ILE C 374 65.93 0.45 36.83
CA ILE C 374 66.97 -0.46 36.32
C ILE C 374 67.73 0.26 35.19
N THR C 375 69.03 0.04 35.12
CA THR C 375 69.88 0.65 34.10
C THR C 375 71.07 -0.26 33.89
N HIS C 376 72.17 0.30 33.39
CA HIS C 376 73.38 -0.49 33.19
C HIS C 376 74.12 -0.48 34.53
N ARG C 377 73.85 0.57 35.31
CA ARG C 377 74.47 0.74 36.60
C ARG C 377 73.51 0.27 37.69
N THR C 378 72.91 -0.91 37.50
CA THR C 378 71.98 -1.43 38.49
C THR C 378 72.27 -2.82 39.03
N SER C 379 73.56 -3.13 39.17
CA SER C 379 74.01 -4.41 39.71
C SER C 379 73.08 -5.62 39.48
N ARG C 380 73.39 -6.73 40.16
CA ARG C 380 72.60 -7.94 40.03
C ARG C 380 71.59 -8.05 41.15
N GLU C 381 71.99 -7.64 42.35
CA GLU C 381 71.12 -7.69 43.53
C GLU C 381 69.81 -6.94 43.33
N GLU C 382 69.93 -5.66 43.00
CA GLU C 382 68.77 -4.80 42.78
C GLU C 382 67.94 -5.45 41.69
N ARG C 383 68.58 -5.71 40.56
CA ARG C 383 67.90 -6.34 39.44
C ARG C 383 67.18 -7.60 39.95
N GLU C 384 67.93 -8.52 40.56
CA GLU C 384 67.35 -9.77 41.10
C GLU C 384 66.19 -9.53 42.06
N GLU C 385 66.28 -8.46 42.85
CA GLU C 385 65.25 -8.13 43.83
C GLU C 385 64.07 -7.47 43.14
N ILE C 386 64.35 -6.38 42.43
CA ILE C 386 63.32 -5.65 41.72
C ILE C 386 62.52 -6.60 40.85
N LEU C 387 63.21 -7.50 40.14
CA LEU C 387 62.53 -8.44 39.26
C LEU C 387 61.73 -9.53 39.96
N GLU C 388 62.28 -10.10 41.02
CA GLU C 388 61.55 -11.14 41.74
C GLU C 388 60.52 -10.41 42.62
N GLY C 389 60.57 -9.09 42.55
CA GLY C 389 59.63 -8.26 43.30
C GLY C 389 58.48 -7.92 42.37
N PHE C 390 58.82 -7.57 41.13
CA PHE C 390 57.83 -7.24 40.12
C PHE C 390 56.97 -8.49 39.93
N ARG C 391 57.63 -9.61 39.63
CA ARG C 391 56.94 -10.88 39.44
C ARG C 391 56.18 -11.24 40.72
N THR C 392 56.50 -10.57 41.83
CA THR C 392 55.86 -10.85 43.11
C THR C 392 54.99 -9.71 43.60
N GLY C 393 54.82 -9.64 44.92
CA GLY C 393 54.00 -8.62 45.55
C GLY C 393 54.37 -7.18 45.23
N ARG C 394 54.52 -6.39 46.29
CA ARG C 394 54.85 -4.97 46.17
C ARG C 394 55.46 -4.53 44.85
N PHE C 395 55.26 -3.25 44.56
CA PHE C 395 55.70 -2.61 43.32
C PHE C 395 55.52 -3.51 42.10
N ARG C 396 54.47 -3.19 41.35
CA ARG C 396 54.11 -3.89 40.13
C ARG C 396 54.08 -2.80 39.05
N ALA C 397 55.21 -2.10 38.93
CA ALA C 397 55.37 -1.01 37.98
C ALA C 397 56.81 -0.54 38.10
N ILE C 398 57.61 -0.78 37.07
CA ILE C 398 59.00 -0.37 37.10
C ILE C 398 59.41 0.34 35.81
N VAL C 399 60.46 1.17 35.89
CA VAL C 399 60.94 1.90 34.73
C VAL C 399 62.38 1.51 34.42
N SER C 400 62.67 1.13 33.18
CA SER C 400 64.02 0.73 32.80
C SER C 400 64.51 1.44 31.54
N SER C 401 65.82 1.35 31.30
CA SER C 401 66.45 1.97 30.14
C SER C 401 67.10 0.90 29.28
N GLN C 402 66.50 -0.27 29.27
CA GLN C 402 67.01 -1.40 28.51
C GLN C 402 66.06 -2.58 28.63
N VAL C 403 65.53 -3.02 27.51
CA VAL C 403 64.59 -4.14 27.47
C VAL C 403 65.03 -5.24 28.43
N LEU C 404 64.08 -6.03 28.92
CA LEU C 404 64.40 -7.06 29.88
C LEU C 404 64.26 -8.52 29.42
N ASP C 405 64.24 -8.73 28.11
CA ASP C 405 64.13 -10.09 27.57
C ASP C 405 65.50 -10.76 27.58
N GLU C 406 66.19 -10.56 28.70
CA GLU C 406 67.53 -11.10 28.93
C GLU C 406 68.02 -10.57 30.30
N GLY C 407 67.13 -9.87 31.00
CA GLY C 407 67.49 -9.33 32.31
C GLY C 407 67.84 -10.45 33.27
N ILE C 408 67.36 -11.65 32.95
CA ILE C 408 67.59 -12.87 33.75
C ILE C 408 66.56 -13.92 33.31
N ASP C 409 65.47 -14.06 34.08
CA ASP C 409 64.41 -15.00 33.75
C ASP C 409 63.33 -14.26 32.98
N VAL C 410 63.51 -12.95 32.85
CA VAL C 410 62.57 -12.10 32.12
C VAL C 410 61.22 -11.91 32.83
N PRO C 411 60.82 -10.64 33.02
CA PRO C 411 59.56 -10.34 33.68
C PRO C 411 58.39 -10.51 32.72
N ASP C 412 57.19 -10.33 33.24
CA ASP C 412 55.98 -10.44 32.44
C ASP C 412 55.06 -9.34 32.98
N ALA C 413 54.39 -8.63 32.08
CA ALA C 413 53.52 -7.55 32.51
C ALA C 413 52.20 -7.51 31.79
N ASN C 414 51.34 -6.61 32.25
CA ASN C 414 50.01 -6.42 31.68
C ASN C 414 50.03 -5.19 30.76
N VAL C 415 50.84 -4.20 31.13
CA VAL C 415 50.98 -2.97 30.34
C VAL C 415 52.44 -2.60 30.11
N GLY C 416 52.70 -1.88 29.03
CA GLY C 416 54.04 -1.45 28.72
C GLY C 416 53.97 0.01 28.35
N VAL C 417 55.08 0.75 28.47
CA VAL C 417 55.08 2.16 28.11
C VAL C 417 56.45 2.70 27.69
N ILE C 418 56.75 2.65 26.40
CA ILE C 418 58.03 3.19 25.96
C ILE C 418 57.81 4.69 25.91
N MET C 419 58.81 5.47 26.35
CA MET C 419 58.66 6.91 26.38
C MET C 419 58.53 7.63 25.05
N SER C 420 59.64 8.01 24.42
CA SER C 420 59.51 8.70 23.14
C SER C 420 60.77 8.90 22.30
N GLY C 421 61.31 10.11 22.33
CA GLY C 421 62.49 10.45 21.55
C GLY C 421 62.10 11.58 20.63
N SER C 422 60.84 12.02 20.75
CA SER C 422 60.23 13.09 19.95
C SER C 422 59.60 12.49 18.70
N GLY C 423 60.13 11.35 18.26
CA GLY C 423 59.63 10.68 17.07
C GLY C 423 59.00 9.33 17.38
N SER C 424 59.80 8.33 17.71
CA SER C 424 59.27 7.00 18.01
C SER C 424 60.37 5.98 18.34
N ALA C 425 60.14 5.18 19.39
CA ALA C 425 61.11 4.16 19.81
C ALA C 425 61.36 3.24 18.63
N ARG C 426 60.28 2.86 17.95
CA ARG C 426 60.34 2.01 16.76
C ARG C 426 61.09 0.69 16.96
N GLU C 427 62.39 0.80 17.20
CA GLU C 427 63.25 -0.35 17.42
C GLU C 427 62.76 -1.22 18.58
N TYR C 428 62.64 -0.59 19.75
CA TYR C 428 62.23 -1.28 20.96
C TYR C 428 60.72 -1.41 21.18
N ILE C 429 59.95 -1.06 20.16
CA ILE C 429 58.50 -1.16 20.27
C ILE C 429 58.02 -2.61 20.40
N GLN C 430 58.39 -3.46 19.46
CA GLN C 430 57.95 -4.84 19.51
C GLN C 430 58.68 -5.69 20.53
N ARG C 431 59.87 -5.26 20.93
CA ARG C 431 60.63 -6.00 21.94
C ARG C 431 59.80 -6.02 23.23
N LEU C 432 59.32 -4.85 23.63
CA LEU C 432 58.50 -4.73 24.83
C LEU C 432 57.19 -5.42 24.50
N GLY C 433 56.83 -5.40 23.23
CA GLY C 433 55.59 -6.02 22.79
C GLY C 433 55.53 -7.48 23.17
N ARG C 434 56.44 -8.27 22.63
CA ARG C 434 56.48 -9.70 22.94
C ARG C 434 56.41 -9.93 24.44
N ILE C 435 57.32 -9.30 25.18
CA ILE C 435 57.39 -9.44 26.63
C ILE C 435 56.07 -9.25 27.37
N LEU C 436 55.11 -8.58 26.75
CA LEU C 436 53.82 -8.33 27.41
C LEU C 436 52.90 -9.54 27.60
N ARG C 437 51.83 -9.33 28.36
CA ARG C 437 50.83 -10.37 28.65
C ARG C 437 49.44 -9.76 28.99
N PRO C 438 48.35 -10.50 28.76
CA PRO C 438 46.97 -10.05 29.03
C PRO C 438 46.63 -9.93 30.51
N SER C 439 45.32 -9.82 30.81
CA SER C 439 44.84 -9.68 32.20
C SER C 439 43.59 -10.52 32.48
N LYS C 440 43.78 -11.76 32.94
CA LYS C 440 42.69 -12.68 33.25
C LYS C 440 41.93 -13.11 31.99
N GLY C 441 40.82 -12.42 31.71
CA GLY C 441 40.03 -12.73 30.55
C GLY C 441 39.90 -11.58 29.57
N LYS C 442 40.83 -10.63 29.63
CA LYS C 442 40.82 -9.46 28.75
C LYS C 442 41.45 -9.75 27.38
N LYS C 443 41.21 -8.85 26.42
CA LYS C 443 41.70 -8.98 25.04
C LYS C 443 43.20 -9.24 24.87
N GLU C 444 43.98 -8.16 24.97
CA GLU C 444 45.44 -8.24 24.83
C GLU C 444 46.06 -7.25 25.80
N ALA C 445 47.38 -7.08 25.71
CA ALA C 445 48.07 -6.13 26.57
C ALA C 445 47.95 -4.79 25.86
N VAL C 446 48.72 -3.80 26.28
CA VAL C 446 48.70 -2.50 25.63
C VAL C 446 50.02 -1.82 25.82
N LEU C 447 50.56 -1.30 24.73
CA LEU C 447 51.82 -0.63 24.82
C LEU C 447 51.64 0.80 24.38
N TYR C 448 51.55 1.72 25.34
CA TYR C 448 51.39 3.13 25.04
C TYR C 448 52.74 3.73 24.69
N GLU C 449 52.77 4.63 23.73
CA GLU C 449 54.03 5.27 23.40
C GLU C 449 53.77 6.75 23.43
N LEU C 450 54.26 7.41 24.48
CA LEU C 450 54.04 8.83 24.64
C LEU C 450 54.89 9.67 23.69
N ILE C 451 54.24 10.27 22.69
CA ILE C 451 54.90 11.10 21.67
C ILE C 451 54.59 12.59 21.89
N SER C 452 55.39 13.45 21.29
CA SER C 452 55.19 14.87 21.43
C SER C 452 55.41 15.53 20.09
N ARG C 453 54.53 16.47 19.75
CA ARG C 453 54.63 17.19 18.48
C ARG C 453 55.20 18.61 18.60
N GLY C 454 54.38 19.51 19.14
CA GLY C 454 54.77 20.90 19.32
C GLY C 454 53.60 21.78 19.76
N MET D 23 -41.67 -28.08 -33.31
CA MET D 23 -42.47 -29.16 -32.66
C MET D 23 -42.04 -29.33 -31.20
N ILE D 24 -40.80 -29.79 -31.00
CA ILE D 24 -40.27 -29.99 -29.65
C ILE D 24 -39.20 -28.92 -29.35
N ALA D 25 -39.64 -27.66 -29.40
CA ALA D 25 -38.77 -26.52 -29.13
C ALA D 25 -38.46 -26.45 -27.65
N GLU D 26 -37.37 -27.08 -27.23
CA GLU D 26 -36.99 -27.07 -25.82
C GLU D 26 -36.53 -25.71 -25.31
N ILE D 27 -36.51 -25.56 -23.99
CA ILE D 27 -36.08 -24.32 -23.34
C ILE D 27 -35.60 -24.67 -21.94
N TYR D 28 -34.41 -24.18 -21.57
CA TYR D 28 -33.85 -24.47 -20.25
C TYR D 28 -32.97 -23.37 -19.68
N TYR D 29 -32.96 -23.30 -18.36
CA TYR D 29 -32.20 -22.31 -17.63
C TYR D 29 -30.80 -22.80 -17.34
N GLU D 30 -29.84 -21.89 -17.52
CA GLU D 30 -28.44 -22.18 -17.26
C GLU D 30 -27.72 -20.94 -16.73
N ARG D 31 -27.27 -20.99 -15.48
CA ARG D 31 -26.55 -19.88 -14.85
C ARG D 31 -27.13 -18.49 -15.18
N GLY D 32 -28.33 -18.21 -14.68
CA GLY D 32 -28.94 -16.92 -14.93
C GLY D 32 -29.28 -16.66 -16.39
N THR D 33 -29.40 -17.72 -17.17
CA THR D 33 -29.71 -17.59 -18.59
C THR D 33 -30.79 -18.55 -19.08
N ILE D 34 -31.57 -18.08 -20.03
CA ILE D 34 -32.62 -18.87 -20.62
C ILE D 34 -32.20 -19.23 -22.02
N VAL D 35 -31.97 -20.52 -22.22
CA VAL D 35 -31.55 -21.01 -23.54
C VAL D 35 -32.70 -21.71 -24.24
N VAL D 36 -32.98 -21.30 -25.48
CA VAL D 36 -34.05 -21.91 -26.26
C VAL D 36 -33.48 -22.81 -27.35
N LYS D 37 -33.20 -24.06 -26.98
CA LYS D 37 -32.67 -25.06 -27.90
C LYS D 37 -33.84 -25.64 -28.71
N GLY D 38 -33.68 -25.68 -30.03
CA GLY D 38 -34.75 -26.16 -30.88
C GLY D 38 -35.69 -25.00 -31.07
N ASP D 39 -35.09 -23.82 -31.27
CA ASP D 39 -35.79 -22.55 -31.45
C ASP D 39 -37.08 -22.51 -32.27
N ALA D 40 -37.62 -21.30 -32.35
CA ALA D 40 -38.83 -21.00 -33.08
C ALA D 40 -38.86 -19.48 -33.14
N HIS D 41 -37.84 -18.90 -33.76
CA HIS D 41 -37.71 -17.44 -33.85
C HIS D 41 -38.11 -16.85 -32.50
N VAL D 42 -37.18 -16.87 -31.55
CA VAL D 42 -37.43 -16.34 -30.22
C VAL D 42 -36.94 -14.89 -30.07
N PRO D 43 -37.78 -14.02 -29.48
CA PRO D 43 -37.48 -12.60 -29.26
C PRO D 43 -36.72 -12.38 -27.96
N HIS D 44 -35.80 -11.42 -27.99
CA HIS D 44 -35.00 -11.08 -26.82
C HIS D 44 -33.78 -11.98 -26.67
N ALA D 45 -33.71 -13.02 -27.50
CA ALA D 45 -32.59 -13.96 -27.42
C ALA D 45 -31.54 -13.76 -28.52
N LYS D 46 -30.28 -14.05 -28.18
CA LYS D 46 -29.16 -13.91 -29.11
C LYS D 46 -29.17 -15.06 -30.12
N PHE D 47 -27.99 -15.45 -30.62
CA PHE D 47 -27.89 -16.54 -31.61
C PHE D 47 -26.65 -17.42 -31.47
N ASP D 48 -26.60 -18.46 -32.30
CA ASP D 48 -25.53 -19.45 -32.35
C ASP D 48 -24.23 -19.03 -31.64
N SER D 49 -23.70 -19.93 -30.83
CA SER D 49 -22.46 -19.70 -30.08
C SER D 49 -21.95 -21.02 -29.48
N ARG D 50 -22.68 -21.56 -28.51
CA ARG D 50 -22.33 -22.83 -27.87
C ARG D 50 -22.81 -23.97 -28.80
N SER D 51 -23.87 -23.67 -29.54
CA SER D 51 -24.50 -24.58 -30.52
C SER D 51 -25.71 -23.81 -31.05
N GLY D 52 -26.20 -24.20 -32.24
CA GLY D 52 -27.34 -23.51 -32.83
C GLY D 52 -28.58 -23.33 -31.97
N THR D 53 -28.66 -22.22 -31.23
CA THR D 53 -29.80 -21.92 -30.33
C THR D 53 -29.84 -20.45 -29.91
N TYR D 54 -30.87 -20.08 -29.16
CA TYR D 54 -31.03 -18.72 -28.63
C TYR D 54 -30.62 -18.77 -27.13
N ARG D 55 -30.05 -17.68 -26.61
CA ARG D 55 -29.57 -17.64 -25.22
C ARG D 55 -29.80 -16.27 -24.57
N ALA D 56 -30.94 -16.08 -23.93
CA ALA D 56 -31.24 -14.80 -23.28
C ALA D 56 -31.07 -14.80 -21.77
N LEU D 57 -31.11 -13.61 -21.17
CA LEU D 57 -30.99 -13.49 -19.73
C LEU D 57 -32.24 -14.07 -19.12
N ALA D 58 -32.08 -14.76 -18.01
CA ALA D 58 -33.19 -15.41 -17.34
C ALA D 58 -34.48 -14.64 -17.15
N PHE D 59 -34.43 -13.35 -16.83
CA PHE D 59 -35.68 -12.63 -16.62
C PHE D 59 -36.55 -12.49 -17.87
N ARG D 60 -35.97 -12.78 -19.03
CA ARG D 60 -36.68 -12.72 -20.31
C ARG D 60 -37.64 -13.90 -20.40
N TYR D 61 -37.45 -14.84 -19.47
CA TYR D 61 -38.27 -16.03 -19.40
C TYR D 61 -39.74 -15.74 -19.65
N ARG D 62 -40.32 -14.85 -18.85
CA ARG D 62 -41.74 -14.54 -19.04
C ARG D 62 -42.06 -14.14 -20.49
N ASP D 63 -41.60 -12.97 -20.95
CA ASP D 63 -41.86 -12.51 -22.31
C ASP D 63 -41.74 -13.64 -23.31
N ILE D 64 -40.89 -14.61 -23.02
CA ILE D 64 -40.72 -15.72 -23.92
C ILE D 64 -41.93 -16.65 -23.94
N ILE D 65 -42.36 -17.11 -22.75
CA ILE D 65 -43.52 -18.01 -22.64
C ILE D 65 -44.72 -17.47 -23.41
N GLU D 66 -45.11 -16.24 -23.12
CA GLU D 66 -46.23 -15.60 -23.80
C GLU D 66 -46.01 -15.70 -25.31
N TYR D 67 -45.02 -14.95 -25.80
CA TYR D 67 -44.67 -14.91 -27.22
C TYR D 67 -44.66 -16.31 -27.85
N PHE D 68 -44.65 -17.35 -27.03
CA PHE D 68 -44.70 -18.72 -27.55
C PHE D 68 -46.16 -19.04 -27.84
N GLU D 69 -46.93 -19.22 -26.78
CA GLU D 69 -48.35 -19.53 -26.92
C GLU D 69 -49.09 -18.36 -27.57
N SER D 70 -48.37 -17.33 -27.97
CA SER D 70 -48.98 -16.15 -28.58
C SER D 70 -49.15 -16.31 -30.09
N ASN D 71 -48.32 -17.16 -30.69
CA ASN D 71 -48.39 -17.40 -32.13
C ASN D 71 -48.62 -18.90 -32.35
N GLY D 72 -49.29 -19.54 -31.38
CA GLY D 72 -49.55 -20.95 -31.47
C GLY D 72 -48.24 -21.69 -31.62
N ILE D 73 -47.66 -22.11 -30.50
CA ILE D 73 -46.38 -22.82 -30.53
C ILE D 73 -46.25 -23.85 -29.42
N GLU D 74 -45.48 -24.90 -29.70
CA GLU D 74 -45.25 -25.96 -28.72
C GLU D 74 -43.86 -25.87 -28.13
N PHE D 75 -43.79 -26.01 -26.81
CA PHE D 75 -42.52 -25.93 -26.11
C PHE D 75 -42.47 -26.78 -24.86
N VAL D 76 -41.29 -26.83 -24.24
CA VAL D 76 -41.08 -27.58 -23.01
C VAL D 76 -40.29 -26.78 -21.99
N ASP D 77 -40.96 -26.38 -20.93
CA ASP D 77 -40.34 -25.60 -19.87
C ASP D 77 -39.40 -26.46 -19.00
N ASN D 78 -38.15 -26.56 -19.45
CA ASN D 78 -37.13 -27.30 -18.74
C ASN D 78 -36.18 -26.32 -18.06
N ALA D 79 -36.68 -25.11 -17.80
CA ALA D 79 -35.91 -24.06 -17.15
C ALA D 79 -36.48 -23.82 -15.75
N ALA D 80 -37.75 -23.46 -15.71
CA ALA D 80 -38.42 -23.22 -14.43
C ALA D 80 -38.34 -24.46 -13.53
N ASP D 81 -37.65 -24.29 -12.41
CA ASP D 81 -37.52 -25.36 -11.43
C ASP D 81 -38.01 -24.85 -10.08
N PRO D 82 -39.30 -24.48 -10.02
CA PRO D 82 -39.98 -23.95 -8.84
C PRO D 82 -39.83 -24.77 -7.56
N ILE D 83 -39.89 -24.06 -6.43
CA ILE D 83 -39.82 -24.69 -5.12
C ILE D 83 -41.27 -24.99 -4.75
N PRO D 84 -41.63 -26.29 -4.65
CA PRO D 84 -42.99 -26.69 -4.30
C PRO D 84 -43.61 -25.84 -3.18
N THR D 85 -44.72 -25.15 -3.49
CA THR D 85 -45.41 -24.28 -2.52
C THR D 85 -46.91 -24.65 -2.39
N PRO D 86 -47.47 -24.60 -1.17
CA PRO D 86 -48.87 -24.92 -0.92
C PRO D 86 -49.86 -23.89 -1.45
N TYR D 87 -50.93 -23.66 -0.68
CA TYR D 87 -51.95 -22.67 -1.01
C TYR D 87 -52.27 -21.83 0.24
N PHE D 88 -51.70 -20.64 0.33
CA PHE D 88 -51.90 -19.77 1.49
C PHE D 88 -53.36 -19.34 1.65
N ASP D 89 -53.84 -19.32 2.89
CA ASP D 89 -55.21 -18.90 3.16
C ASP D 89 -55.27 -18.08 4.46
N ALA D 90 -54.36 -17.12 4.56
CA ALA D 90 -54.28 -16.23 5.71
C ALA D 90 -55.13 -14.99 5.47
N GLU D 91 -55.71 -14.44 6.53
CA GLU D 91 -56.54 -13.25 6.40
C GLU D 91 -55.65 -12.03 6.55
N ILE D 92 -55.23 -11.47 5.42
CA ILE D 92 -54.39 -10.28 5.46
C ILE D 92 -55.34 -9.08 5.43
N SER D 93 -55.14 -8.15 6.36
CA SER D 93 -56.01 -6.97 6.44
C SER D 93 -55.44 -5.77 5.69
N LEU D 94 -56.24 -5.21 4.79
CA LEU D 94 -55.80 -4.07 4.01
C LEU D 94 -56.70 -2.86 4.19
N ARG D 95 -56.10 -1.67 4.09
CA ARG D 95 -56.83 -0.41 4.20
C ARG D 95 -57.22 -0.10 2.76
N ASP D 96 -58.31 0.62 2.56
CA ASP D 96 -58.80 0.94 1.23
C ASP D 96 -57.76 1.18 0.12
N TYR D 97 -56.74 2.00 0.40
CA TYR D 97 -55.73 2.28 -0.62
C TYR D 97 -54.66 1.20 -0.76
N GLN D 98 -54.60 0.28 0.19
CA GLN D 98 -53.63 -0.78 0.11
C GLN D 98 -54.12 -1.80 -0.92
N GLU D 99 -55.41 -2.09 -0.84
CA GLU D 99 -56.07 -3.01 -1.75
C GLU D 99 -55.96 -2.41 -3.15
N LYS D 100 -56.37 -1.15 -3.27
CA LYS D 100 -56.32 -0.44 -4.55
C LYS D 100 -54.94 -0.63 -5.15
N ALA D 101 -53.95 -0.47 -4.28
CA ALA D 101 -52.56 -0.60 -4.67
C ALA D 101 -52.32 -2.01 -5.13
N LEU D 102 -52.89 -2.96 -4.39
CA LEU D 102 -52.73 -4.35 -4.74
C LEU D 102 -53.40 -4.64 -6.09
N GLU D 103 -54.59 -4.07 -6.30
CA GLU D 103 -55.33 -4.27 -7.53
C GLU D 103 -54.56 -3.79 -8.75
N ARG D 104 -53.85 -2.67 -8.60
CA ARG D 104 -53.05 -2.10 -9.69
C ARG D 104 -51.90 -3.02 -10.09
N TRP D 105 -51.29 -3.66 -9.10
CA TRP D 105 -50.16 -4.55 -9.34
C TRP D 105 -50.58 -5.84 -10.00
N LEU D 106 -51.73 -6.38 -9.59
CA LEU D 106 -52.26 -7.61 -10.15
C LEU D 106 -52.55 -7.45 -11.63
N VAL D 107 -52.64 -6.20 -12.07
CA VAL D 107 -52.91 -5.91 -13.48
C VAL D 107 -51.83 -6.60 -14.33
N ASP D 108 -50.59 -6.62 -13.83
CA ASP D 108 -49.51 -7.27 -14.57
C ASP D 108 -48.64 -8.17 -13.71
N LYS D 109 -48.74 -8.01 -12.39
CA LYS D 109 -47.93 -8.80 -11.46
C LYS D 109 -46.50 -8.55 -11.91
N ARG D 110 -46.27 -7.30 -12.26
CA ARG D 110 -44.99 -6.85 -12.74
C ARG D 110 -45.02 -5.35 -12.48
N GLY D 111 -44.25 -4.89 -11.52
CA GLY D 111 -44.24 -3.47 -11.22
C GLY D 111 -43.85 -3.10 -9.81
N CYS D 112 -43.87 -1.81 -9.52
CA CYS D 112 -43.51 -1.28 -8.21
C CYS D 112 -44.62 -0.48 -7.55
N ILE D 113 -44.49 -0.27 -6.26
CA ILE D 113 -45.47 0.48 -5.51
C ILE D 113 -44.76 1.44 -4.58
N VAL D 114 -45.17 2.70 -4.66
CA VAL D 114 -44.58 3.76 -3.87
C VAL D 114 -45.57 4.23 -2.82
N LEU D 115 -45.14 4.21 -1.56
CA LEU D 115 -45.95 4.64 -0.43
C LEU D 115 -45.05 5.18 0.67
N PRO D 116 -45.41 6.33 1.27
CA PRO D 116 -44.62 6.97 2.35
C PRO D 116 -44.24 6.00 3.44
N THR D 117 -43.11 6.25 4.12
CA THR D 117 -42.68 5.35 5.18
C THR D 117 -43.72 5.28 6.31
N GLY D 118 -44.24 4.09 6.55
CA GLY D 118 -45.24 3.92 7.57
C GLY D 118 -46.62 3.83 6.95
N SER D 119 -46.67 3.60 5.64
CA SER D 119 -47.94 3.50 4.91
C SER D 119 -48.52 2.07 4.80
N GLY D 120 -47.66 1.07 4.90
CA GLY D 120 -48.15 -0.31 4.82
C GLY D 120 -47.72 -1.09 3.61
N LYS D 121 -46.55 -0.80 3.06
CA LYS D 121 -46.09 -1.56 1.91
C LYS D 121 -45.91 -3.04 2.29
N THR D 122 -45.64 -3.31 3.56
CA THR D 122 -45.48 -4.68 4.03
C THR D 122 -46.74 -5.52 3.82
N HIS D 123 -47.90 -4.95 4.15
CA HIS D 123 -49.19 -5.61 4.02
C HIS D 123 -49.52 -5.91 2.57
N VAL D 124 -49.10 -5.02 1.68
CA VAL D 124 -49.38 -5.25 0.27
C VAL D 124 -48.58 -6.42 -0.27
N ALA D 125 -47.38 -6.64 0.27
CA ALA D 125 -46.56 -7.75 -0.18
C ALA D 125 -47.25 -9.04 0.26
N MET D 126 -47.40 -9.14 1.57
CA MET D 126 -48.05 -10.26 2.22
C MET D 126 -49.29 -10.68 1.44
N ALA D 127 -50.09 -9.71 1.02
CA ALA D 127 -51.31 -9.96 0.29
C ALA D 127 -51.03 -10.48 -1.11
N ALA D 128 -49.99 -9.95 -1.74
CA ALA D 128 -49.64 -10.40 -3.06
C ALA D 128 -49.23 -11.87 -2.96
N ILE D 129 -48.37 -12.15 -2.00
CA ILE D 129 -47.88 -13.51 -1.77
C ILE D 129 -49.08 -14.41 -1.53
N ASN D 130 -49.85 -14.09 -0.50
CA ASN D 130 -51.03 -14.87 -0.13
C ASN D 130 -51.88 -15.19 -1.34
N GLU D 131 -51.97 -14.25 -2.27
CA GLU D 131 -52.78 -14.49 -3.44
C GLU D 131 -52.13 -15.41 -4.46
N LEU D 132 -51.03 -14.95 -5.05
CA LEU D 132 -50.33 -15.73 -6.06
C LEU D 132 -49.97 -17.16 -5.61
N SER D 133 -49.60 -17.31 -4.34
CA SER D 133 -49.19 -18.59 -3.78
C SER D 133 -48.18 -19.35 -4.65
N THR D 134 -47.10 -18.67 -5.04
CA THR D 134 -46.04 -19.26 -5.85
C THR D 134 -44.75 -19.11 -5.03
N PRO D 135 -43.69 -19.91 -5.33
CA PRO D 135 -42.47 -19.74 -4.51
C PRO D 135 -41.96 -18.31 -4.57
N THR D 136 -41.89 -17.65 -3.42
CA THR D 136 -41.48 -16.25 -3.32
C THR D 136 -40.14 -15.94 -2.65
N LEU D 137 -39.37 -15.06 -3.27
CA LEU D 137 -38.08 -14.65 -2.74
C LEU D 137 -38.15 -13.18 -2.36
N ILE D 138 -37.84 -12.89 -1.11
CA ILE D 138 -37.88 -11.52 -0.61
C ILE D 138 -36.48 -10.98 -0.42
N VAL D 139 -36.13 -9.95 -1.19
CA VAL D 139 -34.83 -9.31 -1.09
C VAL D 139 -34.99 -8.06 -0.26
N VAL D 140 -34.11 -7.91 0.73
CA VAL D 140 -34.11 -6.78 1.66
C VAL D 140 -32.69 -6.26 1.83
N PRO D 141 -32.52 -4.99 2.24
CA PRO D 141 -31.22 -4.37 2.43
C PRO D 141 -30.35 -4.99 3.54
N THR D 142 -30.86 -4.99 4.76
CA THR D 142 -30.16 -5.51 5.92
C THR D 142 -30.69 -6.86 6.42
N LEU D 143 -30.13 -7.39 7.50
CA LEU D 143 -30.60 -8.66 8.05
C LEU D 143 -31.71 -8.42 9.06
N ALA D 144 -31.68 -7.30 9.78
CA ALA D 144 -32.72 -6.95 10.74
C ALA D 144 -34.09 -6.95 10.07
N LEU D 145 -34.17 -6.41 8.86
CA LEU D 145 -35.42 -6.40 8.10
C LEU D 145 -35.74 -7.82 7.66
N ALA D 146 -34.72 -8.60 7.29
CA ALA D 146 -34.95 -9.98 6.87
C ALA D 146 -35.66 -10.70 8.00
N GLU D 147 -35.22 -10.45 9.23
CA GLU D 147 -35.84 -11.06 10.40
C GLU D 147 -37.24 -10.51 10.60
N GLN D 148 -37.42 -9.21 10.38
CA GLN D 148 -38.74 -8.61 10.50
C GLN D 148 -39.64 -9.28 9.48
N TRP D 149 -39.06 -9.72 8.38
CA TRP D 149 -39.84 -10.37 7.35
C TRP D 149 -40.11 -11.81 7.67
N LYS D 150 -39.11 -12.50 8.20
CA LYS D 150 -39.31 -13.90 8.55
C LYS D 150 -40.40 -14.03 9.60
N GLU D 151 -40.53 -13.03 10.46
CA GLU D 151 -41.55 -13.07 11.48
C GLU D 151 -42.90 -12.70 10.87
N ARG D 152 -42.85 -11.78 9.90
CA ARG D 152 -44.03 -11.30 9.18
C ARG D 152 -44.64 -12.49 8.46
N LEU D 153 -43.84 -13.06 7.57
CA LEU D 153 -44.24 -14.22 6.78
C LEU D 153 -44.52 -15.37 7.71
N GLY D 154 -44.12 -15.22 8.96
CA GLY D 154 -44.33 -16.28 9.92
C GLY D 154 -45.77 -16.73 10.03
N ILE D 155 -46.70 -15.88 9.64
CA ILE D 155 -48.10 -16.23 9.73
C ILE D 155 -48.65 -16.98 8.53
N PHE D 156 -47.77 -17.34 7.59
CA PHE D 156 -48.14 -18.09 6.39
C PHE D 156 -47.97 -19.59 6.67
N GLY D 157 -47.12 -19.89 7.66
CA GLY D 157 -46.79 -21.25 8.04
C GLY D 157 -45.28 -21.23 8.22
N GLU D 158 -44.82 -21.20 9.45
CA GLU D 158 -43.39 -21.13 9.71
C GLU D 158 -42.49 -22.15 9.01
N GLU D 159 -42.98 -23.36 8.82
CA GLU D 159 -42.18 -24.39 8.16
C GLU D 159 -41.96 -24.09 6.67
N TYR D 160 -42.65 -23.07 6.18
CA TYR D 160 -42.54 -22.66 4.78
C TYR D 160 -41.66 -21.42 4.63
N VAL D 161 -41.37 -20.73 5.74
CA VAL D 161 -40.54 -19.53 5.69
C VAL D 161 -39.07 -19.90 5.86
N GLY D 162 -38.21 -19.36 5.00
CA GLY D 162 -36.79 -19.67 5.09
C GLY D 162 -35.86 -18.52 4.79
N GLU D 163 -34.75 -18.42 5.51
CA GLU D 163 -33.77 -17.36 5.29
C GLU D 163 -32.73 -17.85 4.34
N PHE D 164 -32.09 -16.94 3.64
CA PHE D 164 -31.05 -17.34 2.72
C PHE D 164 -30.01 -16.25 2.58
N SER D 165 -29.10 -16.21 3.53
CA SER D 165 -28.04 -15.21 3.53
C SER D 165 -26.74 -15.97 3.78
N GLY D 166 -25.76 -15.29 4.36
CA GLY D 166 -24.51 -15.98 4.63
C GLY D 166 -24.66 -16.74 5.93
N ARG D 167 -25.71 -16.40 6.67
CA ARG D 167 -25.99 -17.04 7.95
C ARG D 167 -26.61 -18.40 7.79
N ILE D 168 -27.44 -18.57 6.78
CA ILE D 168 -28.10 -19.86 6.55
C ILE D 168 -28.58 -19.91 5.10
N LYS D 169 -28.53 -21.08 4.47
CA LYS D 169 -28.98 -21.16 3.08
C LYS D 169 -30.25 -21.99 2.94
N GLU D 170 -31.39 -21.41 3.31
CA GLU D 170 -32.66 -22.13 3.23
C GLU D 170 -33.32 -21.84 1.88
N LEU D 171 -33.95 -22.86 1.29
CA LEU D 171 -34.64 -22.66 0.02
C LEU D 171 -36.12 -23.01 0.14
N LYS D 172 -36.82 -22.25 0.99
CA LYS D 172 -38.26 -22.45 1.20
C LYS D 172 -39.10 -21.69 0.18
N PRO D 173 -40.42 -21.95 0.15
CA PRO D 173 -41.30 -21.25 -0.79
C PRO D 173 -41.25 -19.76 -0.55
N LEU D 174 -41.15 -19.38 0.73
CA LEU D 174 -41.06 -17.99 1.18
C LEU D 174 -39.66 -17.78 1.73
N THR D 175 -38.72 -17.37 0.87
CA THR D 175 -37.34 -17.14 1.26
C THR D 175 -36.95 -15.67 1.27
N VAL D 176 -36.49 -15.21 2.42
CA VAL D 176 -36.06 -13.83 2.61
C VAL D 176 -34.54 -13.84 2.42
N SER D 177 -34.01 -12.82 1.76
CA SER D 177 -32.59 -12.75 1.48
C SER D 177 -32.17 -11.29 1.43
N THR D 178 -30.87 -11.02 1.43
CA THR D 178 -30.43 -9.64 1.37
C THR D 178 -29.81 -9.40 0.01
N TYR D 179 -29.98 -8.19 -0.51
CA TYR D 179 -29.42 -7.85 -1.80
C TYR D 179 -28.02 -8.41 -2.01
N ASP D 180 -27.21 -8.42 -0.96
CA ASP D 180 -25.82 -8.92 -1.07
C ASP D 180 -25.69 -10.42 -1.14
N SER D 181 -26.50 -11.14 -0.38
CA SER D 181 -26.43 -12.60 -0.44
C SER D 181 -27.02 -13.02 -1.76
N ALA D 182 -28.17 -12.46 -2.08
CA ALA D 182 -28.89 -12.78 -3.30
C ALA D 182 -28.08 -12.49 -4.56
N TYR D 183 -27.30 -11.42 -4.52
CA TYR D 183 -26.46 -11.04 -5.63
C TYR D 183 -25.44 -12.18 -5.85
N VAL D 184 -24.69 -12.48 -4.80
CA VAL D 184 -23.70 -13.54 -4.80
C VAL D 184 -24.24 -14.87 -5.34
N ASN D 185 -25.46 -15.23 -4.93
CA ASN D 185 -26.10 -16.48 -5.36
C ASN D 185 -27.22 -16.31 -6.40
N ALA D 186 -27.13 -15.28 -7.22
CA ALA D 186 -28.13 -14.98 -8.23
C ALA D 186 -28.40 -16.10 -9.23
N GLU D 187 -27.41 -16.96 -9.47
CA GLU D 187 -27.57 -18.07 -10.42
C GLU D 187 -28.23 -19.29 -9.77
N LYS D 188 -27.99 -19.48 -8.47
CA LYS D 188 -28.60 -20.60 -7.78
C LYS D 188 -30.10 -20.34 -7.58
N LEU D 189 -30.43 -19.12 -7.19
CA LEU D 189 -31.82 -18.69 -6.96
C LEU D 189 -32.65 -18.35 -8.21
N GLY D 190 -31.97 -18.19 -9.34
CA GLY D 190 -32.64 -17.81 -10.58
C GLY D 190 -33.90 -18.53 -11.03
N ASN D 191 -33.88 -19.85 -10.98
CA ASN D 191 -35.00 -20.64 -11.42
C ASN D 191 -35.83 -21.26 -10.32
N ARG D 192 -35.67 -20.79 -9.08
CA ARG D 192 -36.44 -21.39 -8.01
C ARG D 192 -37.63 -20.57 -7.53
N PHE D 193 -37.78 -19.34 -8.03
CA PHE D 193 -38.88 -18.47 -7.59
C PHE D 193 -39.72 -17.86 -8.69
N MET D 194 -41.04 -17.79 -8.47
CA MET D 194 -42.01 -17.25 -9.42
C MET D 194 -42.37 -15.82 -9.10
N LEU D 195 -42.25 -15.45 -7.84
CA LEU D 195 -42.56 -14.10 -7.40
C LEU D 195 -41.31 -13.50 -6.81
N LEU D 196 -40.98 -12.30 -7.28
CA LEU D 196 -39.81 -11.59 -6.77
C LEU D 196 -40.26 -10.38 -5.99
N ILE D 197 -39.88 -10.30 -4.72
CA ILE D 197 -40.25 -9.12 -3.96
C ILE D 197 -39.00 -8.41 -3.55
N PHE D 198 -38.92 -7.15 -3.93
CA PHE D 198 -37.76 -6.37 -3.60
C PHE D 198 -38.17 -5.32 -2.65
N ASP D 199 -37.63 -5.37 -1.45
CA ASP D 199 -37.96 -4.37 -0.46
C ASP D 199 -36.97 -3.27 -0.72
N GLU D 200 -37.38 -2.02 -0.51
CA GLU D 200 -36.56 -0.84 -0.73
C GLU D 200 -35.90 -1.05 -2.05
N VAL D 201 -36.74 -1.09 -3.07
CA VAL D 201 -36.31 -1.35 -4.42
C VAL D 201 -35.30 -0.38 -5.00
N HIS D 202 -35.28 0.86 -4.52
CA HIS D 202 -34.33 1.84 -5.05
C HIS D 202 -32.87 1.36 -4.99
N HIS D 203 -32.60 0.25 -4.32
CA HIS D 203 -31.26 -0.29 -4.21
C HIS D 203 -30.97 -1.22 -5.39
N LEU D 204 -31.99 -1.88 -5.91
CA LEU D 204 -31.78 -2.81 -7.01
C LEU D 204 -31.03 -2.29 -8.24
N PRO D 205 -31.30 -1.04 -8.67
CA PRO D 205 -30.62 -0.52 -9.85
C PRO D 205 -29.10 -0.55 -9.86
N ALA D 206 -28.49 -0.79 -8.70
CA ALA D 206 -27.03 -0.84 -8.64
C ALA D 206 -26.56 -1.75 -9.75
N GLU D 207 -25.36 -1.51 -10.28
CA GLU D 207 -24.85 -2.36 -11.36
C GLU D 207 -24.72 -3.83 -10.96
N SER D 208 -24.52 -4.06 -9.67
CA SER D 208 -24.38 -5.40 -9.11
C SER D 208 -25.73 -6.04 -8.79
N TYR D 209 -26.47 -5.39 -7.91
CA TYR D 209 -27.78 -5.87 -7.49
C TYR D 209 -28.75 -6.05 -8.62
N VAL D 210 -28.58 -5.32 -9.71
CA VAL D 210 -29.51 -5.44 -10.81
C VAL D 210 -29.50 -6.84 -11.40
N GLN D 211 -28.37 -7.53 -11.25
CA GLN D 211 -28.21 -8.88 -11.76
C GLN D 211 -29.08 -9.86 -11.01
N ILE D 212 -29.45 -9.53 -9.78
CA ILE D 212 -30.32 -10.38 -9.01
C ILE D 212 -31.58 -10.59 -9.84
N ALA D 213 -32.10 -9.51 -10.41
CA ALA D 213 -33.31 -9.52 -11.22
C ALA D 213 -33.15 -10.06 -12.64
N GLN D 214 -32.06 -9.71 -13.31
CA GLN D 214 -31.81 -10.16 -14.67
C GLN D 214 -31.60 -11.67 -14.79
N MET D 215 -30.99 -12.26 -13.76
CA MET D 215 -30.71 -13.69 -13.74
C MET D 215 -31.76 -14.49 -13.01
N SER D 216 -33.02 -14.03 -13.09
CA SER D 216 -34.12 -14.70 -12.43
C SER D 216 -35.28 -14.88 -13.40
N ILE D 217 -35.89 -16.06 -13.41
CA ILE D 217 -37.00 -16.35 -14.31
C ILE D 217 -38.33 -15.86 -13.75
N ALA D 218 -38.34 -15.65 -12.44
CA ALA D 218 -39.54 -15.22 -11.74
C ALA D 218 -40.40 -14.29 -12.59
N PRO D 219 -41.58 -14.75 -13.00
CA PRO D 219 -42.49 -13.96 -13.82
C PRO D 219 -43.17 -12.78 -13.12
N PHE D 220 -43.35 -12.87 -11.80
CA PHE D 220 -43.98 -11.79 -11.05
C PHE D 220 -42.96 -11.05 -10.22
N ARG D 221 -42.88 -9.73 -10.38
CA ARG D 221 -41.93 -8.94 -9.61
C ARG D 221 -42.64 -7.76 -8.97
N LEU D 222 -42.44 -7.58 -7.67
CA LEU D 222 -43.04 -6.46 -7.00
C LEU D 222 -41.92 -5.67 -6.36
N GLY D 223 -41.92 -4.38 -6.60
CA GLY D 223 -40.93 -3.52 -6.02
C GLY D 223 -41.64 -2.70 -4.96
N LEU D 224 -40.93 -2.39 -3.89
CA LEU D 224 -41.52 -1.61 -2.82
C LEU D 224 -40.54 -0.50 -2.54
N THR D 225 -41.05 0.70 -2.26
CA THR D 225 -40.18 1.84 -1.97
C THR D 225 -40.97 3.08 -1.56
N ALA D 226 -40.29 4.03 -0.94
CA ALA D 226 -40.88 5.31 -0.54
C ALA D 226 -40.50 6.34 -1.62
N THR D 227 -39.25 6.25 -2.08
CA THR D 227 -38.65 7.10 -3.12
C THR D 227 -38.29 6.24 -4.34
N PHE D 228 -39.02 6.40 -5.43
CA PHE D 228 -38.77 5.63 -6.66
C PHE D 228 -37.67 6.20 -7.57
N GLU D 229 -37.71 7.51 -7.79
CA GLU D 229 -36.74 8.17 -8.66
C GLU D 229 -35.38 8.20 -8.00
N ARG D 230 -34.36 7.81 -8.74
CA ARG D 230 -33.01 7.84 -8.22
C ARG D 230 -32.37 9.13 -8.70
N GLU D 231 -31.59 9.71 -7.80
CA GLU D 231 -30.88 10.95 -8.06
C GLU D 231 -30.11 10.79 -9.36
N ASP D 232 -29.39 9.67 -9.47
CA ASP D 232 -28.58 9.32 -10.63
C ASP D 232 -29.40 8.90 -11.85
N GLY D 233 -30.68 8.64 -11.65
CA GLY D 233 -31.54 8.26 -12.77
C GLY D 233 -31.41 6.84 -13.28
N ARG D 234 -31.06 5.91 -12.40
CA ARG D 234 -30.94 4.52 -12.80
C ARG D 234 -32.26 3.83 -12.64
N HIS D 235 -33.24 4.52 -12.06
CA HIS D 235 -34.56 3.93 -11.87
C HIS D 235 -35.29 3.66 -13.19
N GLU D 236 -34.62 3.93 -14.31
CA GLU D 236 -35.22 3.72 -15.62
C GLU D 236 -35.09 2.25 -16.07
N ILE D 237 -34.31 1.47 -15.33
CA ILE D 237 -34.11 0.06 -15.63
C ILE D 237 -35.16 -0.78 -14.93
N LEU D 238 -35.61 -0.30 -13.78
CA LEU D 238 -36.61 -0.99 -12.98
C LEU D 238 -37.86 -1.24 -13.81
N LYS D 239 -38.01 -0.47 -14.86
CA LYS D 239 -39.14 -0.60 -15.73
C LYS D 239 -39.08 -1.91 -16.51
N GLU D 240 -37.88 -2.21 -17.02
CA GLU D 240 -37.66 -3.42 -17.81
C GLU D 240 -37.44 -4.71 -17.02
N VAL D 241 -36.63 -4.63 -15.96
CA VAL D 241 -36.32 -5.79 -15.14
C VAL D 241 -37.28 -6.01 -13.96
N VAL D 242 -38.24 -5.11 -13.77
CA VAL D 242 -39.22 -5.25 -12.70
C VAL D 242 -40.52 -4.56 -13.05
N GLY D 243 -40.43 -3.61 -13.97
CA GLY D 243 -41.61 -2.86 -14.36
C GLY D 243 -41.59 -1.54 -13.66
N GLY D 244 -42.47 -0.62 -14.04
CA GLY D 244 -42.50 0.69 -13.42
C GLY D 244 -43.53 0.89 -12.33
N LYS D 245 -43.80 2.16 -11.99
CA LYS D 245 -44.77 2.51 -10.94
C LYS D 245 -46.22 2.21 -11.28
N VAL D 246 -46.80 1.21 -10.62
CA VAL D 246 -48.18 0.81 -10.86
C VAL D 246 -49.13 1.50 -9.88
N PHE D 247 -48.56 2.26 -8.94
CA PHE D 247 -49.39 2.96 -7.95
C PHE D 247 -48.54 3.94 -7.13
N GLU D 248 -49.20 4.92 -6.50
CA GLU D 248 -48.50 5.92 -5.71
C GLU D 248 -49.42 6.93 -5.00
N LEU D 249 -49.10 7.22 -3.75
CA LEU D 249 -49.86 8.17 -2.96
C LEU D 249 -48.94 9.03 -2.12
N PHE D 250 -49.19 10.34 -2.17
CA PHE D 250 -48.39 11.34 -1.46
C PHE D 250 -48.74 11.53 0.01
N PRO D 251 -47.72 11.72 0.84
CA PRO D 251 -47.86 11.91 2.30
C PRO D 251 -48.97 12.89 2.69
N ASP D 252 -48.76 14.17 2.40
CA ASP D 252 -49.75 15.20 2.72
C ASP D 252 -51.00 15.04 1.87
N SER D 253 -51.54 13.83 1.87
CA SER D 253 -52.76 13.48 1.13
C SER D 253 -53.55 12.53 2.00
N LEU D 254 -52.88 11.48 2.48
CA LEU D 254 -53.50 10.48 3.34
C LEU D 254 -53.56 10.93 4.81
N ALA D 255 -54.16 12.09 5.04
CA ALA D 255 -54.28 12.64 6.39
C ALA D 255 -55.72 13.13 6.66
N GLY D 256 -56.41 12.45 7.57
CA GLY D 256 -57.78 12.82 7.90
C GLY D 256 -58.70 11.65 8.24
N LYS D 257 -60.02 11.90 8.18
CA LYS D 257 -61.05 10.89 8.48
C LYS D 257 -60.97 9.76 7.43
N HIS D 258 -59.73 9.40 7.09
CA HIS D 258 -59.44 8.38 6.09
C HIS D 258 -59.93 6.96 6.42
N LEU D 259 -59.85 6.11 5.40
CA LEU D 259 -60.26 4.71 5.52
C LEU D 259 -61.68 4.50 5.95
N ALA D 260 -62.36 5.58 6.33
CA ALA D 260 -63.74 5.50 6.80
C ALA D 260 -63.76 4.56 8.01
N LYS D 261 -62.58 4.13 8.44
CA LYS D 261 -62.41 3.23 9.58
C LYS D 261 -62.95 1.83 9.28
N TYR D 262 -62.14 1.03 8.60
CA TYR D 262 -62.48 -0.36 8.28
C TYR D 262 -61.32 -1.00 7.53
N THR D 263 -61.28 -2.33 7.52
CA THR D 263 -60.22 -3.06 6.84
C THR D 263 -60.82 -4.07 5.90
N ILE D 264 -59.98 -4.66 5.06
CA ILE D 264 -60.42 -5.66 4.10
C ILE D 264 -59.69 -6.96 4.38
N LYS D 265 -60.21 -8.06 3.85
CA LYS D 265 -59.60 -9.35 4.02
C LYS D 265 -60.11 -10.24 2.90
N ARG D 266 -59.33 -10.32 1.82
CA ARG D 266 -59.70 -11.14 0.69
C ARG D 266 -59.44 -12.58 1.13
N ILE D 267 -60.48 -13.40 1.13
CA ILE D 267 -60.34 -14.79 1.53
C ILE D 267 -60.48 -15.73 0.36
N PHE D 268 -59.59 -16.72 0.32
CA PHE D 268 -59.58 -17.66 -0.77
C PHE D 268 -60.07 -19.02 -0.40
N VAL D 269 -61.01 -19.49 -1.20
CA VAL D 269 -61.61 -20.78 -1.01
C VAL D 269 -61.29 -21.56 -2.26
N PRO D 270 -60.80 -22.79 -2.10
CA PRO D 270 -60.45 -23.67 -3.22
C PRO D 270 -61.69 -24.45 -3.62
N LEU D 271 -61.86 -24.69 -4.92
CA LEU D 271 -63.01 -25.45 -5.41
C LEU D 271 -63.04 -26.84 -4.74
N ALA D 272 -64.24 -27.30 -4.42
CA ALA D 272 -64.35 -28.61 -3.79
C ALA D 272 -64.01 -29.71 -4.80
N GLU D 273 -63.94 -30.94 -4.32
CA GLU D 273 -63.63 -32.09 -5.17
C GLU D 273 -64.66 -32.10 -6.30
N ASP D 274 -64.21 -32.39 -7.52
CA ASP D 274 -65.10 -32.43 -8.68
C ASP D 274 -65.46 -31.11 -9.34
N GLU D 275 -65.90 -30.13 -8.56
CA GLU D 275 -66.26 -28.81 -9.11
C GLU D 275 -65.20 -28.36 -10.10
N ARG D 276 -63.96 -28.36 -9.63
CA ARG D 276 -62.81 -27.98 -10.42
C ARG D 276 -62.62 -28.92 -11.62
N VAL D 277 -63.15 -30.14 -11.48
CA VAL D 277 -63.06 -31.15 -12.52
C VAL D 277 -64.03 -30.88 -13.67
N GLU D 278 -65.02 -30.04 -13.39
CA GLU D 278 -66.01 -29.66 -14.40
C GLU D 278 -65.51 -28.33 -14.94
N TYR D 279 -64.68 -27.68 -14.11
CA TYR D 279 -64.05 -26.41 -14.42
C TYR D 279 -63.01 -26.75 -15.49
N GLU D 280 -62.49 -27.96 -15.37
CA GLU D 280 -61.50 -28.51 -16.30
C GLU D 280 -62.10 -28.56 -17.71
N LYS D 281 -63.04 -29.47 -17.91
CA LYS D 281 -63.71 -29.65 -19.20
C LYS D 281 -64.47 -28.40 -19.63
N ARG D 282 -63.79 -27.26 -19.57
CA ARG D 282 -64.39 -25.98 -19.94
C ARG D 282 -63.40 -25.07 -20.66
N GLU D 283 -62.55 -24.39 -19.92
CA GLU D 283 -61.61 -23.48 -20.55
C GLU D 283 -60.68 -24.08 -21.61
N LYS D 284 -60.52 -25.39 -21.59
CA LYS D 284 -59.68 -26.05 -22.60
C LYS D 284 -60.41 -26.06 -23.93
N VAL D 285 -61.59 -25.45 -23.96
CA VAL D 285 -62.40 -25.42 -25.18
C VAL D 285 -63.13 -24.10 -25.40
N TYR D 286 -62.63 -23.04 -24.77
CA TYR D 286 -63.23 -21.71 -24.93
C TYR D 286 -63.37 -21.48 -26.44
N LYS D 287 -64.44 -20.82 -26.85
CA LYS D 287 -64.62 -20.55 -28.27
C LYS D 287 -63.44 -19.71 -28.75
N GLN D 288 -62.74 -19.10 -27.79
CA GLN D 288 -61.57 -18.25 -28.07
C GLN D 288 -60.25 -18.89 -27.66
N PHE D 289 -59.96 -20.06 -28.24
CA PHE D 289 -58.73 -20.77 -27.95
C PHE D 289 -57.67 -20.39 -28.98
N LEU D 290 -57.75 -19.15 -29.46
CA LEU D 290 -56.80 -18.64 -30.43
C LEU D 290 -55.48 -18.40 -29.70
N ARG D 291 -55.27 -19.18 -28.65
CA ARG D 291 -54.07 -19.09 -27.82
C ARG D 291 -54.00 -17.71 -27.17
N ALA D 292 -53.26 -16.79 -27.80
CA ALA D 292 -53.13 -15.43 -27.28
C ALA D 292 -54.47 -14.73 -27.35
N ARG D 293 -55.04 -14.45 -26.19
CA ARG D 293 -56.33 -13.76 -26.10
C ARG D 293 -56.67 -13.49 -24.63
N GLY D 294 -55.78 -12.79 -23.94
CA GLY D 294 -55.97 -12.47 -22.53
C GLY D 294 -56.88 -11.27 -22.30
N ILE D 295 -58.00 -11.23 -23.02
CA ILE D 295 -58.96 -10.14 -22.84
C ILE D 295 -60.03 -10.64 -21.88
N THR D 296 -60.48 -9.77 -20.99
CA THR D 296 -61.50 -10.16 -20.00
C THR D 296 -62.59 -9.11 -19.85
N LYS D 305 -70.59 -10.67 -20.83
CA LYS D 305 -69.86 -11.06 -22.02
C LYS D 305 -68.98 -9.94 -22.59
N ILE D 306 -68.25 -10.29 -23.64
CA ILE D 306 -67.36 -9.35 -24.33
C ILE D 306 -67.42 -9.60 -25.82
N VAL D 307 -66.72 -10.65 -26.24
CA VAL D 307 -66.64 -11.05 -27.64
C VAL D 307 -67.96 -11.56 -28.24
N MET D 308 -69.07 -11.28 -27.56
CA MET D 308 -70.38 -11.69 -28.02
C MET D 308 -70.55 -11.44 -29.52
N ALA D 309 -69.89 -10.40 -30.01
CA ALA D 309 -69.94 -10.00 -31.42
C ALA D 309 -69.92 -11.19 -32.38
N SER D 310 -68.97 -12.09 -32.15
CA SER D 310 -68.85 -13.26 -33.01
C SER D 310 -70.21 -13.86 -33.30
N GLY D 311 -70.79 -13.51 -34.44
CA GLY D 311 -72.09 -14.03 -34.84
C GLY D 311 -71.93 -15.48 -35.30
N TYR D 312 -72.51 -16.42 -34.55
CA TYR D 312 -72.41 -17.84 -34.85
C TYR D 312 -70.99 -18.31 -34.54
N ALA D 316 -68.17 -19.85 -33.32
CA ALA D 316 -68.10 -20.98 -32.40
C ALA D 316 -69.32 -20.89 -31.48
N TYR D 317 -69.63 -19.68 -31.03
CA TYR D 317 -70.77 -19.42 -30.15
C TYR D 317 -70.68 -20.27 -28.89
N GLU D 318 -69.50 -20.82 -28.63
CA GLU D 318 -69.29 -21.64 -27.45
C GLU D 318 -68.59 -20.88 -26.34
N ALA D 319 -69.35 -20.42 -25.34
CA ALA D 319 -68.79 -19.68 -24.20
C ALA D 319 -69.81 -19.10 -23.23
N LEU D 320 -70.92 -18.57 -23.76
CA LEU D 320 -71.96 -17.97 -22.92
C LEU D 320 -72.43 -18.95 -21.84
N ARG D 321 -72.12 -20.23 -22.06
CA ARG D 321 -72.49 -21.29 -21.13
C ARG D 321 -71.23 -22.02 -20.68
N ALA D 322 -70.39 -22.39 -21.64
CA ALA D 322 -69.15 -23.10 -21.36
C ALA D 322 -68.31 -22.29 -20.38
N TRP D 323 -68.57 -20.99 -20.32
CA TRP D 323 -67.82 -20.12 -19.42
C TRP D 323 -68.70 -19.50 -18.34
N GLU D 324 -69.88 -19.01 -18.69
CA GLU D 324 -70.73 -18.44 -17.67
C GLU D 324 -70.92 -19.53 -16.64
N GLU D 325 -70.86 -20.77 -17.11
CA GLU D 325 -70.99 -21.93 -16.23
C GLU D 325 -69.62 -22.08 -15.60
N ALA D 326 -68.57 -21.90 -16.40
CA ALA D 326 -67.19 -22.00 -15.90
C ALA D 326 -66.93 -20.85 -14.93
N ARG D 327 -68.01 -20.18 -14.52
CA ARG D 327 -67.96 -19.08 -13.58
C ARG D 327 -68.94 -19.38 -12.45
N ARG D 328 -70.19 -19.67 -12.82
CA ARG D 328 -71.23 -19.98 -11.84
C ARG D 328 -70.72 -20.96 -10.80
N ILE D 329 -70.09 -22.02 -11.27
CA ILE D 329 -69.55 -23.06 -10.41
C ILE D 329 -68.67 -22.48 -9.30
N ALA D 330 -68.04 -21.37 -9.61
CA ALA D 330 -67.16 -20.70 -8.65
C ALA D 330 -68.00 -19.87 -7.70
N PHE D 331 -68.72 -18.90 -8.26
CA PHE D 331 -69.54 -18.03 -7.43
C PHE D 331 -70.34 -18.88 -6.45
N ASN D 332 -70.89 -19.98 -6.96
CA ASN D 332 -71.71 -20.86 -6.15
C ASN D 332 -70.95 -21.96 -5.41
N SER D 333 -69.64 -21.79 -5.27
CA SER D 333 -68.84 -22.78 -4.56
C SER D 333 -69.47 -23.11 -3.22
N LYS D 334 -69.31 -24.35 -2.78
CA LYS D 334 -69.85 -24.81 -1.51
C LYS D 334 -68.87 -24.44 -0.42
N ASN D 335 -67.59 -24.40 -0.78
CA ASN D 335 -66.53 -24.06 0.17
C ASN D 335 -66.80 -22.65 0.72
N LYS D 336 -67.22 -21.76 -0.18
CA LYS D 336 -67.52 -20.38 0.20
C LYS D 336 -68.69 -20.43 1.18
N ILE D 337 -69.66 -21.27 0.85
CA ILE D 337 -70.85 -21.45 1.66
C ILE D 337 -70.44 -22.02 3.02
N ARG D 338 -69.38 -22.82 3.03
CA ARG D 338 -68.91 -23.39 4.28
C ARG D 338 -68.01 -22.37 5.00
N LYS D 339 -67.13 -21.70 4.27
CA LYS D 339 -66.25 -20.71 4.88
C LYS D 339 -67.08 -19.52 5.33
N LEU D 340 -68.20 -19.30 4.65
CA LEU D 340 -69.05 -18.19 5.01
C LEU D 340 -69.75 -18.58 6.29
N ARG D 341 -69.98 -19.88 6.47
CA ARG D 341 -70.64 -20.37 7.68
C ARG D 341 -69.85 -20.04 8.94
N GLU D 342 -68.53 -20.14 8.87
CA GLU D 342 -67.67 -19.86 10.02
C GLU D 342 -67.38 -18.37 10.26
N ILE D 343 -67.37 -17.59 9.19
CA ILE D 343 -67.10 -16.16 9.32
C ILE D 343 -68.22 -15.50 10.10
N LEU D 344 -69.42 -16.05 9.96
CA LEU D 344 -70.61 -15.54 10.66
C LEU D 344 -70.52 -15.87 12.15
N GLU D 345 -70.64 -17.16 12.47
CA GLU D 345 -70.53 -17.60 13.84
C GLU D 345 -69.05 -17.35 14.10
N ARG D 346 -68.75 -16.12 14.47
CA ARG D 346 -67.39 -15.69 14.70
C ARG D 346 -67.49 -14.20 14.97
N HIS D 347 -68.46 -13.58 14.30
CA HIS D 347 -68.74 -12.15 14.41
C HIS D 347 -70.18 -11.92 14.84
N ARG D 348 -70.86 -12.99 15.27
CA ARG D 348 -72.25 -12.92 15.71
C ARG D 348 -72.61 -11.71 16.60
N LYS D 349 -71.70 -11.32 17.50
CA LYS D 349 -71.92 -10.17 18.40
C LYS D 349 -71.75 -8.81 17.69
N ASP D 350 -71.57 -8.85 16.38
CA ASP D 350 -71.40 -7.63 15.58
C ASP D 350 -72.42 -7.64 14.44
N LYS D 351 -72.90 -6.46 14.08
CA LYS D 351 -73.88 -6.31 13.00
C LYS D 351 -73.16 -6.69 11.70
N ILE D 352 -73.83 -7.41 10.81
CA ILE D 352 -73.21 -7.85 9.55
C ILE D 352 -74.08 -7.81 8.28
N ILE D 353 -73.45 -7.56 7.14
CA ILE D 353 -74.15 -7.51 5.86
C ILE D 353 -73.44 -8.32 4.79
N ILE D 354 -74.12 -9.35 4.30
CA ILE D 354 -73.59 -10.24 3.29
C ILE D 354 -74.04 -9.81 1.91
N PHE D 355 -73.15 -9.16 1.16
CA PHE D 355 -73.51 -8.73 -0.16
C PHE D 355 -73.13 -9.80 -1.19
N THR D 356 -73.65 -9.64 -2.39
CA THR D 356 -73.39 -10.53 -3.51
C THR D 356 -74.25 -10.08 -4.68
N ARG D 357 -73.68 -10.13 -5.87
CA ARG D 357 -74.37 -9.71 -7.09
C ARG D 357 -75.17 -10.85 -7.75
N HIS D 358 -74.63 -12.07 -7.71
CA HIS D 358 -75.34 -13.21 -8.29
C HIS D 358 -76.48 -13.69 -7.40
N ASN D 359 -77.70 -13.34 -7.79
CA ASN D 359 -78.92 -13.70 -7.05
C ASN D 359 -78.96 -15.14 -6.52
N GLU D 360 -78.79 -16.12 -7.41
CA GLU D 360 -78.82 -17.54 -7.06
C GLU D 360 -78.14 -17.83 -5.73
N LEU D 361 -77.00 -17.18 -5.51
CA LEU D 361 -76.23 -17.36 -4.29
C LEU D 361 -76.86 -16.61 -3.11
N VAL D 362 -77.31 -15.39 -3.37
CA VAL D 362 -77.98 -14.59 -2.33
C VAL D 362 -79.15 -15.43 -1.91
N TYR D 363 -79.84 -15.95 -2.92
CA TYR D 363 -80.99 -16.83 -2.78
C TYR D 363 -80.56 -17.88 -1.78
N ARG D 364 -79.51 -18.61 -2.16
CA ARG D 364 -78.95 -19.65 -1.33
C ARG D 364 -78.62 -19.14 0.08
N ILE D 365 -77.91 -18.03 0.18
CA ILE D 365 -77.56 -17.48 1.48
C ILE D 365 -78.78 -17.28 2.39
N SER D 366 -79.95 -17.17 1.77
CA SER D 366 -81.19 -16.98 2.52
C SER D 366 -81.69 -18.32 3.06
N LYS D 367 -82.18 -19.16 2.15
CA LYS D 367 -82.71 -20.48 2.52
C LYS D 367 -81.74 -21.34 3.33
N VAL D 368 -80.45 -21.26 3.02
CA VAL D 368 -79.42 -22.02 3.71
C VAL D 368 -79.09 -21.41 5.08
N PHE D 369 -80.02 -20.63 5.62
CA PHE D 369 -79.81 -20.02 6.93
C PHE D 369 -80.92 -19.05 7.29
N LEU D 370 -81.35 -19.06 8.55
CA LEU D 370 -82.40 -18.14 8.99
C LEU D 370 -81.82 -16.74 8.99
N ILE D 371 -81.44 -16.31 7.79
CA ILE D 371 -80.87 -14.99 7.57
C ILE D 371 -81.66 -14.34 6.42
N PRO D 372 -82.21 -13.13 6.68
CA PRO D 372 -82.99 -12.34 5.73
C PRO D 372 -82.38 -12.22 4.35
N ALA D 373 -83.04 -11.44 3.52
CA ALA D 373 -82.61 -11.20 2.16
C ALA D 373 -83.18 -9.87 1.71
N ILE D 374 -82.66 -9.33 0.62
CA ILE D 374 -83.12 -8.08 0.05
C ILE D 374 -82.62 -7.97 -1.40
N THR D 375 -83.47 -8.39 -2.34
CA THR D 375 -83.14 -8.35 -3.77
C THR D 375 -83.94 -7.26 -4.50
N HIS D 376 -83.85 -7.24 -5.84
CA HIS D 376 -84.57 -6.27 -6.63
C HIS D 376 -86.05 -6.64 -6.66
N ARG D 377 -86.32 -7.93 -6.86
CA ARG D 377 -87.68 -8.44 -6.90
C ARG D 377 -88.19 -8.71 -5.48
N THR D 378 -88.23 -7.65 -4.68
CA THR D 378 -88.69 -7.73 -3.30
C THR D 378 -89.72 -6.65 -3.05
N SER D 379 -90.45 -6.77 -1.96
CA SER D 379 -91.47 -5.80 -1.58
C SER D 379 -90.76 -4.55 -1.03
N ARG D 380 -91.37 -3.38 -1.22
CA ARG D 380 -90.76 -2.17 -0.69
C ARG D 380 -90.85 -2.27 0.81
N GLU D 381 -91.85 -3.01 1.29
CA GLU D 381 -92.08 -3.21 2.71
C GLU D 381 -91.41 -4.48 3.25
N GLU D 382 -90.87 -5.31 2.37
CA GLU D 382 -90.16 -6.53 2.77
C GLU D 382 -88.72 -6.08 3.01
N ARG D 383 -88.45 -4.83 2.66
CA ARG D 383 -87.15 -4.22 2.83
C ARG D 383 -87.23 -3.33 4.04
N GLU D 384 -88.04 -2.29 3.97
CA GLU D 384 -88.23 -1.34 5.07
C GLU D 384 -88.33 -2.07 6.40
N GLU D 385 -88.98 -3.23 6.38
CA GLU D 385 -89.20 -4.07 7.54
C GLU D 385 -87.95 -4.84 7.96
N ILE D 386 -87.26 -5.42 6.97
CA ILE D 386 -86.05 -6.17 7.24
C ILE D 386 -84.99 -5.19 7.71
N LEU D 387 -84.96 -4.02 7.09
CA LEU D 387 -84.00 -2.99 7.46
C LEU D 387 -84.21 -2.70 8.94
N GLU D 388 -85.40 -2.21 9.30
CA GLU D 388 -85.69 -1.92 10.70
C GLU D 388 -85.59 -3.20 11.54
N GLY D 389 -85.68 -4.34 10.87
CA GLY D 389 -85.58 -5.62 11.55
C GLY D 389 -84.13 -6.07 11.62
N PHE D 390 -83.24 -5.10 11.60
CA PHE D 390 -81.79 -5.32 11.64
C PHE D 390 -81.13 -4.11 12.32
N ARG D 391 -81.72 -2.93 12.14
CA ARG D 391 -81.19 -1.71 12.73
C ARG D 391 -81.56 -1.47 14.20
N THR D 392 -82.85 -1.25 14.46
CA THR D 392 -83.31 -1.02 15.83
C THR D 392 -83.43 -2.38 16.55
N GLY D 393 -83.97 -3.37 15.85
CA GLY D 393 -84.10 -4.70 16.45
C GLY D 393 -82.74 -5.35 16.31
N ARG D 394 -82.71 -6.67 16.25
CA ARG D 394 -81.43 -7.35 16.09
C ARG D 394 -81.56 -8.67 15.35
N PHE D 395 -81.28 -8.62 14.06
CA PHE D 395 -81.32 -9.80 13.25
C PHE D 395 -79.94 -10.00 12.66
N ARG D 396 -78.97 -10.06 13.57
CA ARG D 396 -77.56 -10.27 13.26
C ARG D 396 -77.09 -9.89 11.85
N ALA D 397 -77.39 -10.74 10.87
CA ALA D 397 -76.99 -10.51 9.49
C ALA D 397 -78.13 -10.59 8.50
N ILE D 398 -77.86 -10.13 7.29
CA ILE D 398 -78.85 -10.14 6.22
C ILE D 398 -78.13 -10.11 4.88
N VAL D 399 -78.43 -11.06 3.99
CA VAL D 399 -77.77 -11.07 2.70
C VAL D 399 -78.55 -10.16 1.78
N SER D 400 -77.86 -9.59 0.80
CA SER D 400 -78.49 -8.68 -0.15
C SER D 400 -77.82 -8.71 -1.50
N SER D 401 -78.54 -8.29 -2.52
CA SER D 401 -78.02 -8.28 -3.88
C SER D 401 -77.80 -6.84 -4.32
N GLN D 402 -78.05 -5.92 -3.39
CA GLN D 402 -77.87 -4.51 -3.69
C GLN D 402 -77.29 -3.75 -2.53
N VAL D 403 -76.40 -2.82 -2.84
CA VAL D 403 -75.77 -2.00 -1.82
C VAL D 403 -76.86 -1.19 -1.12
N LEU D 404 -76.89 -1.25 0.20
CA LEU D 404 -77.90 -0.53 0.95
C LEU D 404 -77.38 0.84 1.37
N ASP D 405 -76.62 1.47 0.48
CA ASP D 405 -76.04 2.78 0.74
C ASP D 405 -76.71 3.86 -0.10
N GLU D 406 -77.75 3.46 -0.80
CA GLU D 406 -78.47 4.40 -1.64
C GLU D 406 -79.56 5.11 -0.86
N GLY D 407 -79.25 6.34 -0.46
CA GLY D 407 -80.18 7.20 0.26
C GLY D 407 -80.99 6.68 1.44
N ILE D 408 -81.98 7.48 1.83
CA ILE D 408 -82.88 7.17 2.93
C ILE D 408 -82.02 6.85 4.16
N ASP D 409 -82.50 5.96 5.02
CA ASP D 409 -81.76 5.64 6.22
C ASP D 409 -80.51 4.80 6.05
N VAL D 410 -80.45 4.01 4.97
CA VAL D 410 -79.30 3.13 4.70
C VAL D 410 -78.63 2.56 5.95
N PRO D 411 -78.68 1.23 6.10
CA PRO D 411 -78.10 0.50 7.24
C PRO D 411 -76.63 0.72 7.52
N ASP D 412 -76.23 0.24 8.69
CA ASP D 412 -74.86 0.31 9.18
C ASP D 412 -74.55 -1.09 9.70
N ALA D 413 -73.29 -1.35 9.98
CA ALA D 413 -72.89 -2.64 10.50
C ALA D 413 -71.50 -2.55 11.09
N ASN D 414 -71.03 -3.66 11.65
CA ASN D 414 -69.71 -3.73 12.23
C ASN D 414 -68.90 -4.63 11.30
N VAL D 415 -69.60 -5.54 10.63
CA VAL D 415 -68.96 -6.47 9.70
C VAL D 415 -69.68 -6.50 8.35
N GLY D 416 -68.90 -6.68 7.28
CA GLY D 416 -69.49 -6.73 5.96
C GLY D 416 -68.93 -7.94 5.24
N VAL D 417 -69.59 -8.36 4.17
CA VAL D 417 -69.11 -9.52 3.44
C VAL D 417 -69.47 -9.47 1.96
N ILE D 418 -68.46 -9.58 1.12
CA ILE D 418 -68.66 -9.57 -0.32
C ILE D 418 -68.32 -10.97 -0.79
N MET D 419 -68.90 -11.38 -1.89
CA MET D 419 -68.66 -12.72 -2.41
C MET D 419 -67.52 -12.86 -3.41
N SER D 420 -67.56 -13.95 -4.18
CA SER D 420 -66.51 -14.24 -5.13
C SER D 420 -66.68 -13.75 -6.56
N GLY D 421 -66.65 -14.72 -7.46
CA GLY D 421 -66.75 -14.48 -8.89
C GLY D 421 -65.41 -14.89 -9.44
N SER D 422 -64.67 -15.68 -8.64
CA SER D 422 -63.34 -16.13 -8.98
C SER D 422 -62.50 -14.86 -9.07
N GLY D 423 -63.08 -13.76 -8.59
CA GLY D 423 -62.42 -12.47 -8.60
C GLY D 423 -63.00 -11.51 -7.57
N SER D 424 -62.75 -10.22 -7.75
CA SER D 424 -63.24 -9.20 -6.82
C SER D 424 -64.31 -8.28 -7.42
N ALA D 425 -64.87 -7.43 -6.57
CA ALA D 425 -65.89 -6.48 -6.99
C ALA D 425 -65.34 -5.08 -6.71
N ARG D 426 -64.27 -4.74 -7.42
CA ARG D 426 -63.59 -3.44 -7.27
C ARG D 426 -64.44 -2.28 -6.81
N GLU D 427 -65.64 -2.15 -7.35
CA GLU D 427 -66.51 -1.04 -6.96
C GLU D 427 -67.27 -1.23 -5.67
N TYR D 428 -68.03 -2.33 -5.62
CA TYR D 428 -68.85 -2.63 -4.46
C TYR D 428 -68.07 -2.88 -3.19
N ILE D 429 -66.77 -3.15 -3.32
CA ILE D 429 -65.95 -3.36 -2.15
C ILE D 429 -66.03 -2.07 -1.36
N GLN D 430 -65.69 -0.97 -2.04
CA GLN D 430 -65.72 0.37 -1.46
C GLN D 430 -67.07 0.74 -0.88
N ARG D 431 -68.08 0.80 -1.75
CA ARG D 431 -69.43 1.15 -1.33
C ARG D 431 -69.72 0.45 -0.01
N LEU D 432 -69.80 -0.88 -0.07
CA LEU D 432 -70.07 -1.71 1.11
C LEU D 432 -69.14 -1.36 2.26
N GLY D 433 -67.91 -0.98 1.93
CA GLY D 433 -66.94 -0.66 2.97
C GLY D 433 -67.16 0.60 3.80
N ARG D 434 -67.53 1.69 3.15
CA ARG D 434 -67.73 2.92 3.88
C ARG D 434 -69.02 2.92 4.70
N ILE D 435 -69.92 2.01 4.38
CA ILE D 435 -71.18 1.89 5.10
C ILE D 435 -70.90 1.38 6.52
N LEU D 436 -70.05 0.36 6.60
CA LEU D 436 -69.67 -0.24 7.88
C LEU D 436 -69.23 0.78 8.90
N ARG D 437 -69.21 0.37 10.16
CA ARG D 437 -68.83 1.25 11.23
C ARG D 437 -68.33 0.45 12.45
N PRO D 438 -67.18 0.86 13.03
CA PRO D 438 -66.59 0.20 14.20
C PRO D 438 -67.39 0.47 15.48
N SER D 439 -67.37 -0.48 16.41
CA SER D 439 -68.11 -0.33 17.66
C SER D 439 -67.25 0.34 18.75
N LYS D 440 -67.70 0.29 20.01
CA LYS D 440 -66.94 0.87 21.11
C LYS D 440 -65.64 0.06 21.19
N GLY D 441 -65.79 -1.26 21.10
CA GLY D 441 -64.65 -2.17 21.14
C GLY D 441 -64.21 -2.61 19.75
N LYS D 442 -62.98 -2.25 19.39
CA LYS D 442 -62.32 -2.54 18.11
C LYS D 442 -62.14 -1.26 17.30
N LYS D 443 -60.94 -1.07 16.76
CA LYS D 443 -60.59 0.11 15.97
C LYS D 443 -61.57 0.34 14.82
N GLU D 444 -61.80 -0.70 14.02
CA GLU D 444 -62.72 -0.60 12.89
C GLU D 444 -63.41 -1.90 12.49
N ALA D 445 -64.22 -1.81 11.43
CA ALA D 445 -64.97 -2.93 10.88
C ALA D 445 -64.10 -3.80 9.99
N VAL D 446 -64.71 -4.75 9.28
CA VAL D 446 -63.96 -5.64 8.42
C VAL D 446 -64.75 -6.17 7.24
N LEU D 447 -64.38 -5.76 6.04
CA LEU D 447 -65.06 -6.24 4.87
C LEU D 447 -64.32 -7.51 4.48
N TYR D 448 -65.07 -8.55 4.12
CA TYR D 448 -64.49 -9.82 3.72
C TYR D 448 -64.83 -10.13 2.26
N GLU D 449 -63.88 -10.71 1.55
CA GLU D 449 -64.16 -11.04 0.17
C GLU D 449 -63.79 -12.45 -0.15
N LEU D 450 -64.78 -13.34 -0.15
CA LEU D 450 -64.54 -14.74 -0.44
C LEU D 450 -64.17 -14.86 -1.90
N ILE D 451 -62.98 -15.38 -2.18
CA ILE D 451 -62.49 -15.51 -3.55
C ILE D 451 -62.10 -16.94 -3.93
N SER D 452 -62.73 -17.44 -4.99
CA SER D 452 -62.46 -18.79 -5.46
C SER D 452 -61.14 -18.85 -6.22
N ARG D 453 -60.38 -19.91 -5.97
CA ARG D 453 -59.08 -20.11 -6.62
C ARG D 453 -59.10 -21.17 -7.72
N GLY D 454 -58.70 -22.39 -7.37
CA GLY D 454 -58.68 -23.48 -8.35
C GLY D 454 -57.43 -24.34 -8.35
N THR D 455 -56.74 -24.35 -9.49
CA THR D 455 -55.51 -25.13 -9.68
C THR D 455 -54.54 -24.48 -10.66
N GLY D 456 -53.28 -24.35 -10.23
CA GLY D 456 -52.24 -23.75 -11.06
C GLY D 456 -51.36 -22.78 -10.29
N GLU D 457 -51.97 -22.08 -9.34
CA GLU D 457 -51.31 -21.09 -8.49
C GLU D 457 -51.07 -19.76 -9.24
N VAL D 458 -52.20 -19.21 -9.71
CA VAL D 458 -52.32 -17.97 -10.46
C VAL D 458 -52.19 -18.05 -11.97
N ASN D 459 -50.98 -18.18 -12.50
CA ASN D 459 -50.84 -18.24 -13.96
C ASN D 459 -51.44 -19.50 -14.59
N THR D 460 -52.54 -19.30 -15.31
CA THR D 460 -53.27 -20.36 -16.00
C THR D 460 -54.19 -19.75 -17.06
N ALA D 461 -54.93 -20.61 -17.77
CA ALA D 461 -55.86 -20.16 -18.81
C ALA D 461 -56.43 -21.36 -19.57
#